data_3RKI
#
_entry.id   3RKI
#
_cell.length_a   87.930
_cell.length_b   113.160
_cell.length_c   311.370
_cell.angle_alpha   90.00
_cell.angle_beta   90.00
_cell.angle_gamma   90.00
#
_symmetry.space_group_name_H-M   'P 21 21 21'
#
loop_
_entity.id
_entity.type
_entity.pdbx_description
1 polymer 'Fusion glycoprotein F0'
2 branched 2-acetamido-2-deoxy-beta-D-glucopyranose-(1-4)-2-acetamido-2-deoxy-beta-D-glucopyranose
3 non-polymer 2-acetamido-2-deoxy-beta-D-glucopyranose
#
_entity_poly.entity_id   1
_entity_poly.type   'polypeptide(L)'
_entity_poly.pdbx_seq_one_letter_code
;MELLILKANAITTILTAVTFCFASGQNITEEFYQSTCSAVSKGYLSALRTGWYTSVITIELSNIKENKCNGTDAKVKLIK
QELDKYKNAVTELQLLMQSTPATNNRARRELPRFMNYTLNNAKKTNVTLSKKRKRRSAIASGVAVSKVLHLEGEVNKIKS
ALLSTNKAVVSLSNGVSVLTSKVLDLKNYIDKQLLPIVNKQSCSISNIETVIEFQQKNNRLLEITREFSVNAGVTTPVST
YMLTNSELLSLINDMPITNDQKKLMSNNVQIVRQQSYSIMSIIKEEVLAYVVQLPLYGVIDTPCWKLHTSPLCTTNTKEG
SNICLTRTDRGWYCDNAGSVSFFPQAETCKVQSNRVFCDTMNSLTLPSEVNLCNVDIFNPKYDCKIMTSKTDVSSSVITS
LGAIVSCYGKTKCTASNKNRGIIKTFSNGCDYVSNKGVDTVSVGNTLYYVNKQEGKSLYVKGEPIINFYDPLVFPSDEFD
ASISQVNEKINQSLAFIRKSDELLHNVNAGKSTTNGGSAGSGHHHHHH
;
_entity_poly.pdbx_strand_id   A,B,C
#
# COMPACT_ATOMS: atom_id res chain seq x y z
N GLN A 26 32.30 -16.50 -16.77
CA GLN A 26 31.86 -17.44 -15.70
C GLN A 26 32.31 -18.85 -16.12
N ASN A 27 32.78 -19.67 -15.18
CA ASN A 27 33.20 -21.04 -15.50
C ASN A 27 32.78 -21.95 -14.35
N ILE A 28 31.47 -22.19 -14.20
CA ILE A 28 31.00 -23.07 -13.10
C ILE A 28 30.97 -24.48 -13.55
N THR A 29 31.35 -25.38 -12.67
CA THR A 29 31.45 -26.77 -13.02
C THR A 29 31.12 -27.55 -11.79
N GLU A 30 30.72 -28.81 -12.00
CA GLU A 30 30.59 -29.70 -10.88
C GLU A 30 31.44 -30.87 -11.22
N GLU A 31 32.11 -31.39 -10.21
CA GLU A 31 32.87 -32.60 -10.37
C GLU A 31 32.41 -33.55 -9.31
N PHE A 32 32.14 -34.79 -9.70
CA PHE A 32 31.52 -35.80 -8.85
C PHE A 32 32.54 -36.76 -8.34
N TYR A 33 32.46 -37.11 -7.07
CA TYR A 33 33.46 -37.97 -6.47
C TYR A 33 32.84 -39.26 -6.06
N GLN A 34 32.91 -40.24 -6.96
CA GLN A 34 32.22 -41.52 -6.82
C GLN A 34 32.59 -42.23 -5.56
N SER A 35 33.80 -42.02 -5.08
CA SER A 35 34.32 -42.76 -3.93
C SER A 35 33.89 -42.14 -2.60
N THR A 36 33.03 -41.14 -2.67
CA THR A 36 32.58 -40.42 -1.49
C THR A 36 31.15 -40.05 -1.71
N CYS A 37 30.60 -40.58 -2.79
CA CYS A 37 29.27 -40.23 -3.19
C CYS A 37 28.96 -38.79 -2.85
N SER A 38 29.80 -37.88 -3.36
CA SER A 38 29.63 -36.46 -3.14
C SER A 38 30.00 -35.65 -4.36
N ALA A 39 29.43 -34.47 -4.45
CA ALA A 39 29.64 -33.67 -5.60
C ALA A 39 29.97 -32.24 -5.20
N VAL A 40 30.90 -31.62 -5.91
CA VAL A 40 31.26 -30.24 -5.65
C VAL A 40 31.06 -29.30 -6.87
N SER A 41 30.45 -28.15 -6.62
CA SER A 41 30.28 -27.14 -7.63
C SER A 41 31.40 -26.16 -7.45
N LYS A 42 32.08 -25.83 -8.54
CA LYS A 42 33.33 -25.08 -8.48
C LYS A 42 33.35 -23.88 -9.40
N GLY A 43 34.17 -22.89 -9.09
CA GLY A 43 34.26 -21.75 -9.99
C GLY A 43 33.58 -20.49 -9.54
N TYR A 44 33.26 -20.43 -8.26
CA TYR A 44 32.56 -19.30 -7.72
C TYR A 44 33.50 -18.34 -7.08
N LEU A 45 33.09 -17.07 -6.99
CA LEU A 45 33.91 -16.03 -6.41
C LEU A 45 33.32 -15.33 -5.20
N SER A 46 34.01 -15.48 -4.08
CA SER A 46 33.59 -14.98 -2.81
C SER A 46 33.37 -13.51 -2.70
N ALA A 47 32.61 -13.19 -1.68
CA ALA A 47 32.45 -11.85 -1.20
C ALA A 47 31.93 -12.11 0.20
N LEU A 48 32.65 -11.73 1.24
CA LEU A 48 32.29 -12.17 2.57
C LEU A 48 32.09 -11.04 3.53
N ARG A 49 30.89 -10.87 4.06
CA ARG A 49 30.59 -9.80 5.02
C ARG A 49 31.49 -9.88 6.22
N THR A 50 32.09 -8.76 6.61
CA THR A 50 32.80 -8.73 7.86
C THR A 50 32.41 -7.53 8.63
N GLY A 51 31.47 -6.76 8.10
CA GLY A 51 31.16 -5.50 8.71
C GLY A 51 29.95 -4.82 8.14
N TRP A 52 29.64 -3.66 8.69
CA TRP A 52 28.45 -2.93 8.31
C TRP A 52 28.79 -1.46 8.09
N TYR A 53 28.09 -0.87 7.15
CA TYR A 53 28.18 0.53 6.87
C TYR A 53 26.85 1.22 7.19
N THR A 54 26.85 2.12 8.14
CA THR A 54 25.66 2.82 8.57
C THR A 54 25.42 3.91 7.59
N SER A 55 24.17 4.34 7.44
CA SER A 55 23.86 5.68 6.88
C SER A 55 22.47 6.19 7.20
N VAL A 56 22.40 7.49 7.43
CA VAL A 56 21.28 8.07 8.11
C VAL A 56 20.48 8.90 7.18
N ILE A 57 19.33 8.38 6.80
CA ILE A 57 18.50 9.03 5.82
C ILE A 57 17.35 9.76 6.46
N THR A 58 17.17 11.00 6.04
CA THR A 58 16.22 11.89 6.70
C THR A 58 15.29 12.46 5.65
N ILE A 59 14.00 12.43 5.94
CA ILE A 59 13.00 12.81 4.95
C ILE A 59 11.93 13.75 5.48
N GLU A 60 11.89 14.91 4.85
CA GLU A 60 10.93 15.93 5.14
C GLU A 60 9.60 15.56 4.52
N LEU A 61 8.52 15.70 5.28
CA LEU A 61 7.17 15.59 4.74
C LEU A 61 6.85 16.83 3.96
N SER A 62 6.00 16.73 2.95
CA SER A 62 5.55 17.94 2.28
C SER A 62 4.20 18.33 2.81
N ASN A 63 4.16 19.32 3.69
CA ASN A 63 2.96 19.47 4.48
C ASN A 63 1.90 20.26 3.77
N ILE A 64 0.65 19.96 4.06
CA ILE A 64 -0.44 20.77 3.53
C ILE A 64 -0.81 21.88 4.49
N LYS A 65 -0.95 23.10 3.98
CA LYS A 65 -1.72 24.14 4.72
C LYS A 65 -3.22 24.25 4.20
N GLU A 66 -4.10 23.67 5.04
CA GLU A 66 -5.52 23.41 4.74
C GLU A 66 -6.39 24.67 4.64
N ASN A 67 -7.21 24.74 3.58
CA ASN A 67 -7.92 26.00 3.33
C ASN A 67 -9.40 26.02 3.56
N LYS A 68 -9.67 25.98 4.87
CA LYS A 68 -10.92 26.41 5.48
C LYS A 68 -11.77 27.27 4.51
N CYS A 69 -12.54 26.58 3.70
CA CYS A 69 -13.57 27.16 2.89
C CYS A 69 -14.81 26.34 3.37
N ASN A 70 -15.89 26.40 2.60
CA ASN A 70 -17.01 25.44 2.71
C ASN A 70 -17.13 24.69 1.37
N GLY A 71 -16.93 23.38 1.41
CA GLY A 71 -17.07 22.53 0.21
C GLY A 71 -18.51 22.07 0.04
N THR A 72 -18.78 21.32 -1.02
CA THR A 72 -20.10 20.72 -1.21
C THR A 72 -20.29 19.59 -0.18
N ASP A 73 -21.29 19.72 0.70
CA ASP A 73 -21.33 18.91 1.95
C ASP A 73 -20.11 19.15 2.87
N ALA A 74 -20.35 19.75 4.04
CA ALA A 74 -19.27 20.00 4.98
C ALA A 74 -19.26 19.10 6.23
N LYS A 75 -19.69 17.85 6.08
CA LYS A 75 -19.25 16.76 6.98
C LYS A 75 -18.01 16.06 6.37
N VAL A 76 -17.91 16.22 5.05
CA VAL A 76 -16.75 15.89 4.25
C VAL A 76 -15.59 16.88 4.52
N LYS A 77 -14.42 16.37 4.91
CA LYS A 77 -13.28 17.22 5.27
C LYS A 77 -11.99 16.54 4.94
N LEU A 78 -11.82 16.26 3.65
CA LEU A 78 -10.75 15.37 3.21
C LEU A 78 -9.42 15.74 3.80
N ILE A 79 -9.01 16.99 3.62
CA ILE A 79 -7.70 17.40 4.07
C ILE A 79 -7.53 17.12 5.56
N LYS A 80 -8.43 17.68 6.37
CA LYS A 80 -8.40 17.35 7.81
C LYS A 80 -8.17 15.85 8.01
N GLN A 81 -8.96 15.04 7.31
CA GLN A 81 -9.01 13.62 7.52
C GLN A 81 -7.73 12.93 7.10
N GLU A 82 -7.23 13.21 5.89
CA GLU A 82 -5.96 12.64 5.43
C GLU A 82 -4.87 12.93 6.41
N LEU A 83 -4.82 14.15 6.90
CA LEU A 83 -3.80 14.54 7.85
C LEU A 83 -3.88 13.65 9.08
N ASP A 84 -5.10 13.41 9.56
CA ASP A 84 -5.30 12.61 10.74
C ASP A 84 -4.79 11.21 10.56
N LYS A 85 -5.31 10.57 9.52
CA LYS A 85 -4.81 9.28 9.06
C LYS A 85 -3.29 9.27 9.19
N TYR A 86 -2.63 10.16 8.45
CA TYR A 86 -1.19 10.30 8.49
C TYR A 86 -0.62 10.52 9.89
N LYS A 87 -1.04 11.60 10.52
CA LYS A 87 -0.52 11.95 11.83
C LYS A 87 -0.56 10.76 12.75
N ASN A 88 -1.62 9.99 12.62
CA ASN A 88 -1.84 8.89 13.53
C ASN A 88 -0.79 7.80 13.30
N ALA A 89 -0.66 7.39 12.03
CA ALA A 89 0.33 6.41 11.65
C ALA A 89 1.61 6.80 12.38
N VAL A 90 1.85 8.10 12.38
CA VAL A 90 3.09 8.60 12.86
C VAL A 90 3.21 8.38 14.36
N THR A 91 2.11 8.64 15.06
CA THR A 91 2.09 8.42 16.47
C THR A 91 2.30 6.95 16.75
N GLU A 92 1.59 6.10 16.00
CA GLU A 92 1.75 4.66 16.16
C GLU A 92 3.20 4.21 16.14
N LEU A 93 3.93 4.70 15.14
CA LEU A 93 5.33 4.37 14.99
C LEU A 93 6.12 4.95 16.16
N GLN A 94 5.81 6.19 16.51
CA GLN A 94 6.51 6.80 17.61
C GLN A 94 6.54 5.87 18.79
N LEU A 95 5.47 5.12 18.98
CA LEU A 95 5.32 4.36 20.18
C LEU A 95 6.22 3.14 20.18
N LEU A 96 6.80 2.86 19.02
CA LEU A 96 7.63 1.71 18.90
C LEU A 96 8.97 1.84 19.57
N MET A 97 9.34 3.08 19.88
CA MET A 97 10.73 3.36 20.25
C MET A 97 11.19 2.94 21.64
N GLN A 98 10.24 2.90 22.58
CA GLN A 98 10.52 2.57 23.99
C GLN A 98 9.56 1.48 24.55
N SER A 137 -69.08 74.59 -25.44
CA SER A 137 -69.07 75.38 -26.67
C SER A 137 -70.44 76.05 -26.95
N ALA A 138 -70.51 76.84 -28.02
CA ALA A 138 -71.74 77.60 -28.32
C ALA A 138 -72.01 78.02 -29.77
N ILE A 139 -71.22 77.54 -30.71
CA ILE A 139 -71.58 77.47 -32.14
C ILE A 139 -72.05 78.73 -32.87
N ALA A 140 -71.32 79.06 -33.93
CA ALA A 140 -71.47 80.32 -34.63
C ALA A 140 -72.90 80.63 -34.71
N SER A 141 -73.42 80.33 -35.88
CA SER A 141 -74.71 80.75 -36.36
C SER A 141 -74.38 80.96 -37.78
N GLY A 142 -75.40 81.22 -38.58
CA GLY A 142 -75.15 81.53 -39.96
C GLY A 142 -73.92 80.74 -40.36
N VAL A 143 -72.77 81.38 -40.43
CA VAL A 143 -71.63 80.65 -40.96
C VAL A 143 -70.23 80.78 -40.34
N ALA A 144 -69.35 79.96 -40.92
CA ALA A 144 -68.38 79.18 -40.24
C ALA A 144 -68.91 77.82 -40.58
N VAL A 145 -70.13 77.56 -40.10
CA VAL A 145 -70.93 76.34 -40.38
C VAL A 145 -70.13 75.03 -40.53
N SER A 146 -70.57 74.20 -41.47
CA SER A 146 -69.96 72.92 -41.71
C SER A 146 -68.48 72.86 -41.41
N LYS A 147 -67.74 73.89 -41.79
CA LYS A 147 -66.29 73.83 -41.58
C LYS A 147 -65.94 73.66 -40.12
N VAL A 148 -66.56 74.44 -39.25
CA VAL A 148 -66.26 74.33 -37.85
C VAL A 148 -66.32 72.88 -37.49
N LEU A 149 -67.42 72.27 -37.89
CA LEU A 149 -67.76 70.95 -37.44
C LEU A 149 -67.00 69.86 -38.19
N HIS A 150 -66.33 70.22 -39.28
CA HIS A 150 -65.36 69.30 -39.85
C HIS A 150 -64.23 69.12 -38.88
N LEU A 151 -63.72 70.27 -38.39
CA LEU A 151 -62.62 70.27 -37.44
C LEU A 151 -62.98 69.66 -36.11
N GLU A 152 -64.12 70.09 -35.56
CA GLU A 152 -64.79 69.35 -34.52
C GLU A 152 -64.57 67.85 -34.75
N GLY A 153 -64.82 67.38 -35.96
CA GLY A 153 -64.78 65.96 -36.23
C GLY A 153 -63.36 65.44 -36.30
N GLU A 154 -62.51 66.22 -36.95
CA GLU A 154 -61.12 65.87 -37.10
C GLU A 154 -60.42 65.81 -35.74
N VAL A 155 -60.51 66.93 -35.01
CA VAL A 155 -60.00 66.99 -33.65
C VAL A 155 -60.42 65.77 -32.87
N ASN A 156 -61.71 65.50 -32.94
CA ASN A 156 -62.31 64.46 -32.14
C ASN A 156 -61.84 63.04 -32.43
N LYS A 157 -61.51 62.79 -33.69
CA LYS A 157 -60.79 61.60 -34.05
C LYS A 157 -59.48 61.60 -33.30
N ILE A 158 -58.65 62.60 -33.55
CA ILE A 158 -57.33 62.65 -32.96
C ILE A 158 -57.32 62.37 -31.46
N LYS A 159 -58.19 63.03 -30.72
CA LYS A 159 -58.28 62.75 -29.32
C LYS A 159 -58.35 61.24 -29.12
N SER A 160 -59.37 60.61 -29.67
CA SER A 160 -59.56 59.18 -29.50
C SER A 160 -58.32 58.36 -29.86
N ALA A 161 -57.68 58.74 -30.97
CA ALA A 161 -56.49 58.06 -31.46
C ALA A 161 -55.34 58.15 -30.47
N LEU A 162 -55.20 59.33 -29.87
CA LEU A 162 -54.16 59.53 -28.89
C LEU A 162 -54.40 58.70 -27.64
N LEU A 163 -55.64 58.71 -27.13
CA LEU A 163 -55.98 57.89 -25.97
C LEU A 163 -55.54 56.43 -26.20
N SER A 164 -55.82 55.95 -27.42
CA SER A 164 -55.50 54.61 -27.83
C SER A 164 -54.00 54.50 -27.73
N THR A 165 -53.28 55.51 -28.19
CA THR A 165 -51.82 55.45 -28.10
C THR A 165 -51.36 55.38 -26.66
N ASN A 166 -51.91 56.23 -25.83
CA ASN A 166 -51.56 56.21 -24.42
C ASN A 166 -51.66 54.82 -23.82
N LYS A 167 -52.80 54.18 -24.01
CA LYS A 167 -53.01 52.85 -23.48
C LYS A 167 -52.03 51.84 -24.07
N ALA A 168 -51.53 52.16 -25.26
CA ALA A 168 -50.54 51.31 -25.90
C ALA A 168 -49.23 51.43 -25.14
N VAL A 169 -48.92 52.64 -24.71
CA VAL A 169 -47.68 52.87 -23.99
C VAL A 169 -47.77 52.32 -22.60
N VAL A 170 -48.96 52.37 -22.01
CA VAL A 170 -49.17 51.72 -20.74
C VAL A 170 -48.88 50.22 -20.88
N SER A 171 -49.53 49.57 -21.84
CA SER A 171 -49.23 48.16 -22.06
C SER A 171 -47.73 47.94 -22.09
N LEU A 172 -47.03 48.60 -23.01
CA LEU A 172 -45.61 48.34 -23.14
C LEU A 172 -44.86 48.57 -21.84
N SER A 173 -45.25 49.61 -21.10
CA SER A 173 -44.59 49.92 -19.84
C SER A 173 -44.73 48.77 -18.89
N ASN A 174 -45.93 48.25 -18.78
CA ASN A 174 -46.15 47.13 -17.89
C ASN A 174 -45.41 45.90 -18.35
N GLY A 175 -45.37 45.70 -19.68
CA GLY A 175 -44.55 44.64 -20.27
C GLY A 175 -43.13 44.73 -19.75
N VAL A 176 -42.50 45.88 -19.94
CA VAL A 176 -41.14 46.10 -19.48
C VAL A 176 -41.02 45.98 -17.95
N SER A 177 -42.01 46.53 -17.25
CA SER A 177 -42.04 46.47 -15.82
C SER A 177 -41.88 45.05 -15.38
N VAL A 178 -42.48 44.14 -16.14
CA VAL A 178 -42.37 42.72 -15.84
C VAL A 178 -41.05 42.06 -16.28
N LEU A 179 -40.66 42.31 -17.54
CA LEU A 179 -39.40 41.79 -18.08
C LEU A 179 -38.25 42.23 -17.19
N THR A 180 -38.31 43.46 -16.74
CA THR A 180 -37.41 43.90 -15.71
C THR A 180 -37.57 43.03 -14.48
N SER A 181 -38.75 43.07 -13.84
CA SER A 181 -39.02 42.24 -12.67
C SER A 181 -38.42 40.86 -12.80
N LYS A 182 -38.33 40.31 -14.03
CA LYS A 182 -37.80 38.97 -14.26
C LYS A 182 -36.30 38.88 -14.44
N VAL A 183 -35.71 39.88 -15.09
CA VAL A 183 -34.28 39.85 -15.33
C VAL A 183 -33.61 39.96 -13.99
N LEU A 184 -34.23 40.65 -13.07
CA LEU A 184 -33.66 40.68 -11.75
C LEU A 184 -33.55 39.26 -11.26
N ASP A 185 -34.66 38.55 -11.28
CA ASP A 185 -34.69 37.17 -10.80
C ASP A 185 -33.62 36.27 -11.44
N LEU A 186 -33.42 36.42 -12.75
CA LEU A 186 -32.38 35.69 -13.45
C LEU A 186 -31.04 35.97 -12.84
N LYS A 187 -30.69 37.24 -12.72
CA LYS A 187 -29.49 37.59 -11.98
C LYS A 187 -29.53 36.91 -10.62
N ASN A 188 -30.60 37.11 -9.88
CA ASN A 188 -30.65 36.61 -8.51
C ASN A 188 -30.51 35.11 -8.35
N TYR A 189 -31.03 34.35 -9.31
CA TYR A 189 -30.70 32.92 -9.37
C TYR A 189 -29.20 32.71 -9.46
N ILE A 190 -28.59 33.17 -10.54
CA ILE A 190 -27.16 33.12 -10.64
C ILE A 190 -26.44 33.51 -9.34
N ASP A 191 -26.62 34.75 -8.88
CA ASP A 191 -25.84 35.24 -7.73
C ASP A 191 -26.15 34.48 -6.45
N LYS A 192 -27.40 34.15 -6.21
CA LYS A 192 -27.73 33.69 -4.90
C LYS A 192 -28.15 32.23 -4.84
N GLN A 193 -28.06 31.54 -5.96
CA GLN A 193 -28.46 30.15 -6.01
C GLN A 193 -27.34 29.29 -6.57
N LEU A 194 -27.03 29.52 -7.85
CA LEU A 194 -26.02 28.77 -8.58
C LEU A 194 -24.64 29.12 -8.08
N LEU A 195 -24.31 30.40 -8.14
CA LEU A 195 -22.96 30.86 -7.91
C LEU A 195 -22.37 30.34 -6.63
N PRO A 196 -23.14 30.27 -5.53
CA PRO A 196 -22.59 29.66 -4.31
C PRO A 196 -22.13 28.20 -4.50
N ILE A 197 -22.93 27.43 -5.22
CA ILE A 197 -22.61 26.02 -5.34
C ILE A 197 -21.71 25.73 -6.52
N VAL A 198 -21.40 26.77 -7.29
CA VAL A 198 -20.34 26.60 -8.22
C VAL A 198 -19.13 26.67 -7.35
N ASN A 199 -18.89 27.83 -6.75
CA ASN A 199 -17.64 27.92 -6.06
C ASN A 199 -17.61 27.20 -4.69
N LYS A 200 -18.63 26.38 -4.46
CA LYS A 200 -18.52 25.40 -3.39
C LYS A 200 -17.75 24.22 -3.92
N GLN A 201 -18.17 23.76 -5.09
CA GLN A 201 -17.48 22.74 -5.84
C GLN A 201 -16.04 23.15 -6.02
N SER A 202 -15.83 24.41 -6.42
CA SER A 202 -14.48 24.88 -6.67
C SER A 202 -13.64 24.58 -5.46
N CYS A 203 -14.25 24.70 -4.28
CA CYS A 203 -13.53 24.38 -3.08
C CYS A 203 -13.16 22.90 -2.94
N SER A 204 -14.22 22.08 -2.94
CA SER A 204 -14.09 20.62 -2.81
C SER A 204 -13.06 20.09 -3.77
N ILE A 205 -13.09 20.55 -5.00
CA ILE A 205 -12.04 20.20 -5.95
C ILE A 205 -10.64 20.59 -5.45
N SER A 206 -10.46 21.84 -5.01
CA SER A 206 -9.18 22.28 -4.45
C SER A 206 -8.71 21.31 -3.38
N ASN A 207 -9.64 20.85 -2.56
CA ASN A 207 -9.32 19.84 -1.54
C ASN A 207 -8.86 18.52 -2.11
N ILE A 208 -9.74 17.87 -2.87
CA ILE A 208 -9.37 16.66 -3.54
C ILE A 208 -8.01 16.79 -4.16
N GLU A 209 -7.83 17.77 -5.04
CA GLU A 209 -6.55 17.95 -5.66
C GLU A 209 -5.45 17.93 -4.62
N THR A 210 -5.63 18.75 -3.60
CA THR A 210 -4.64 18.87 -2.58
C THR A 210 -4.34 17.48 -2.03
N VAL A 211 -5.36 16.73 -1.62
CA VAL A 211 -5.14 15.39 -1.11
C VAL A 211 -4.33 14.53 -2.06
N ILE A 212 -4.87 14.27 -3.23
CA ILE A 212 -4.11 13.51 -4.21
C ILE A 212 -2.64 13.94 -4.22
N GLU A 213 -2.43 15.23 -4.42
CA GLU A 213 -1.10 15.76 -4.60
C GLU A 213 -0.22 15.54 -3.34
N PHE A 214 -0.89 15.30 -2.22
CA PHE A 214 -0.19 15.05 -0.98
C PHE A 214 0.38 13.65 -1.03
N GLN A 215 -0.45 12.72 -1.48
CA GLN A 215 -0.01 11.35 -1.57
C GLN A 215 0.99 11.23 -2.67
N GLN A 216 0.79 11.97 -3.75
CA GLN A 216 1.71 11.90 -4.84
C GLN A 216 3.14 12.26 -4.42
N LYS A 217 3.26 13.47 -3.88
CA LYS A 217 4.53 14.06 -3.61
C LYS A 217 5.14 13.50 -2.34
N ASN A 218 4.29 13.02 -1.43
CA ASN A 218 4.78 12.40 -0.23
C ASN A 218 4.94 10.89 -0.34
N ASN A 219 4.88 10.41 -1.57
CA ASN A 219 4.82 8.99 -1.84
C ASN A 219 5.89 8.17 -1.15
N ARG A 220 7.13 8.53 -1.41
CA ARG A 220 8.21 7.76 -0.89
C ARG A 220 8.07 7.66 0.62
N LEU A 221 7.82 8.80 1.27
CA LEU A 221 7.67 8.80 2.72
C LEU A 221 6.60 7.84 3.17
N LEU A 222 5.47 7.89 2.49
CA LEU A 222 4.36 7.08 2.89
C LEU A 222 4.73 5.64 2.78
N GLU A 223 5.29 5.27 1.63
CA GLU A 223 5.69 3.91 1.40
C GLU A 223 6.56 3.45 2.55
N ILE A 224 7.56 4.25 2.90
CA ILE A 224 8.41 3.90 4.01
C ILE A 224 7.59 3.72 5.27
N THR A 225 6.78 4.71 5.59
CA THR A 225 5.95 4.67 6.77
C THR A 225 5.22 3.35 6.95
N ARG A 226 4.66 2.84 5.86
CA ARG A 226 3.97 1.56 5.89
C ARG A 226 4.96 0.48 6.20
N GLU A 227 5.92 0.29 5.30
CA GLU A 227 6.98 -0.67 5.48
C GLU A 227 7.33 -0.80 6.95
N PHE A 228 7.52 0.33 7.61
CA PHE A 228 7.91 0.29 9.01
C PHE A 228 6.80 -0.17 9.94
N SER A 229 5.58 0.27 9.68
CA SER A 229 4.41 -0.14 10.44
C SER A 229 4.21 -1.64 10.35
N VAL A 230 4.61 -2.22 9.23
CA VAL A 230 4.34 -3.62 9.02
C VAL A 230 5.47 -4.42 9.53
N ASN A 231 6.59 -3.77 9.80
CA ASN A 231 7.74 -4.53 10.23
C ASN A 231 8.24 -4.18 11.62
N ALA A 232 7.43 -3.44 12.36
CA ALA A 232 7.84 -3.01 13.68
C ALA A 232 9.18 -2.29 13.59
N GLY A 233 9.34 -1.46 12.56
CA GLY A 233 10.51 -0.59 12.43
C GLY A 233 11.84 -1.19 12.04
N VAL A 234 11.82 -2.33 11.37
CA VAL A 234 13.06 -2.88 10.83
C VAL A 234 12.76 -3.74 9.62
N THR A 235 13.48 -3.55 8.52
CA THR A 235 13.23 -4.36 7.32
C THR A 235 14.46 -4.98 6.69
N THR A 236 14.30 -6.16 6.09
CA THR A 236 15.31 -6.61 5.16
C THR A 236 14.63 -6.72 3.85
N PRO A 237 15.40 -6.92 2.79
CA PRO A 237 15.61 -6.09 1.65
C PRO A 237 15.43 -4.66 2.05
N VAL A 238 16.34 -3.84 1.58
CA VAL A 238 16.22 -2.42 1.75
C VAL A 238 15.49 -1.98 0.50
N SER A 239 14.22 -1.66 0.65
CA SER A 239 13.40 -1.47 -0.51
C SER A 239 13.95 -0.34 -1.31
N THR A 240 13.47 -0.22 -2.54
CA THR A 240 13.84 0.89 -3.38
C THR A 240 13.18 2.14 -2.86
N TYR A 241 12.30 2.02 -1.90
CA TYR A 241 11.77 3.20 -1.28
C TYR A 241 12.69 3.66 -0.15
N MET A 242 13.36 2.74 0.52
CA MET A 242 14.25 3.16 1.56
C MET A 242 15.47 3.78 0.92
N LEU A 243 15.95 3.14 -0.14
CA LEU A 243 17.11 3.62 -0.85
C LEU A 243 16.85 3.57 -2.29
N THR A 244 17.18 4.65 -2.96
CA THR A 244 17.10 4.68 -4.40
C THR A 244 18.34 4.11 -4.93
N ASN A 245 18.29 3.66 -6.16
CA ASN A 245 19.48 3.19 -6.81
C ASN A 245 20.57 4.27 -6.78
N SER A 246 20.21 5.47 -7.27
CA SER A 246 21.12 6.61 -7.28
C SER A 246 21.72 6.72 -5.91
N GLU A 247 20.90 6.65 -4.87
CA GLU A 247 21.42 6.79 -3.53
C GLU A 247 22.34 5.66 -3.15
N LEU A 248 21.86 4.45 -3.31
CA LEU A 248 22.65 3.30 -2.93
C LEU A 248 23.99 3.39 -3.61
N LEU A 249 23.94 3.69 -4.89
CA LEU A 249 25.13 3.71 -5.70
C LEU A 249 26.22 4.65 -5.22
N SER A 250 25.82 5.87 -4.84
CA SER A 250 26.78 6.84 -4.30
C SER A 250 27.17 6.49 -2.87
N LEU A 251 26.25 5.88 -2.14
CA LEU A 251 26.53 5.42 -0.82
C LEU A 251 27.62 4.41 -0.84
N ILE A 252 27.52 3.48 -1.78
CA ILE A 252 28.56 2.50 -1.98
C ILE A 252 29.82 3.26 -2.25
N ASN A 253 29.75 4.18 -3.20
CA ASN A 253 30.88 5.00 -3.52
C ASN A 253 31.64 5.47 -2.30
N ASP A 254 30.90 5.91 -1.29
CA ASP A 254 31.47 6.52 -0.08
C ASP A 254 32.06 5.49 0.88
N MET A 255 31.77 4.20 0.69
CA MET A 255 32.29 3.16 1.57
C MET A 255 33.82 2.98 1.53
N PRO A 256 34.44 2.77 2.68
CA PRO A 256 35.87 2.65 2.78
C PRO A 256 36.44 1.37 2.26
N ILE A 257 36.20 1.09 0.99
CA ILE A 257 36.62 -0.18 0.38
C ILE A 257 37.38 0.00 -0.92
N THR A 258 37.98 -1.10 -1.38
CA THR A 258 38.82 -1.05 -2.57
C THR A 258 37.94 -0.68 -3.76
N ASN A 259 38.52 -0.55 -4.93
CA ASN A 259 37.76 -0.10 -6.09
C ASN A 259 37.02 -1.16 -6.82
N ASP A 260 37.60 -2.35 -6.88
CA ASP A 260 36.93 -3.53 -7.45
C ASP A 260 35.76 -3.91 -6.59
N GLN A 261 35.98 -3.88 -5.29
CA GLN A 261 34.93 -4.09 -4.36
C GLN A 261 33.74 -3.17 -4.69
N LYS A 262 33.98 -1.87 -4.80
CA LYS A 262 32.91 -0.95 -5.14
C LYS A 262 32.22 -1.38 -6.41
N LYS A 263 32.98 -1.73 -7.42
CA LYS A 263 32.40 -2.14 -8.68
C LYS A 263 31.57 -3.40 -8.54
N LEU A 264 32.04 -4.36 -7.75
CA LEU A 264 31.27 -5.57 -7.50
C LEU A 264 29.96 -5.20 -6.90
N MET A 265 30.01 -4.47 -5.80
CA MET A 265 28.80 -4.06 -5.18
C MET A 265 27.87 -3.34 -6.13
N SER A 266 28.39 -2.45 -6.94
CA SER A 266 27.58 -1.74 -7.90
C SER A 266 26.96 -2.66 -8.91
N ASN A 267 27.65 -3.69 -9.35
CA ASN A 267 27.00 -4.57 -10.31
C ASN A 267 26.14 -5.62 -9.70
N ASN A 268 25.73 -5.46 -8.45
CA ASN A 268 24.98 -6.51 -7.75
C ASN A 268 23.98 -6.05 -6.71
N VAL A 269 23.49 -4.83 -6.88
CA VAL A 269 22.52 -4.18 -6.01
C VAL A 269 21.45 -5.10 -5.40
N GLN A 270 20.92 -6.02 -6.16
CA GLN A 270 19.90 -6.92 -5.62
C GLN A 270 20.35 -7.63 -4.36
N ILE A 271 21.41 -8.42 -4.45
CA ILE A 271 22.01 -9.10 -3.29
C ILE A 271 22.29 -8.13 -2.13
N VAL A 272 23.01 -7.08 -2.45
CA VAL A 272 23.32 -6.09 -1.47
C VAL A 272 22.09 -5.71 -0.69
N ARG A 273 21.05 -5.28 -1.39
CA ARG A 273 19.83 -4.90 -0.73
C ARG A 273 19.37 -6.05 0.16
N GLN A 274 19.28 -7.26 -0.38
CA GLN A 274 18.85 -8.39 0.39
C GLN A 274 19.71 -8.59 1.61
N GLN A 275 20.94 -8.13 1.53
CA GLN A 275 21.84 -8.29 2.64
C GLN A 275 21.81 -7.15 3.65
N SER A 276 21.02 -6.12 3.38
CA SER A 276 21.05 -4.91 4.18
C SER A 276 19.78 -4.77 4.97
N TYR A 277 19.82 -3.91 5.98
CA TYR A 277 18.68 -3.69 6.84
C TYR A 277 18.30 -2.22 6.81
N SER A 278 17.08 -1.89 7.20
CA SER A 278 16.74 -0.50 7.44
C SER A 278 16.07 -0.38 8.80
N ILE A 279 16.66 0.43 9.65
CA ILE A 279 16.15 0.57 10.99
C ILE A 279 15.56 1.93 11.11
N MET A 280 14.36 1.99 11.64
CA MET A 280 13.71 3.27 11.80
C MET A 280 14.45 3.94 12.90
N SER A 281 14.70 5.23 12.75
CA SER A 281 15.44 5.99 13.77
C SER A 281 14.56 6.98 14.56
N ILE A 282 14.06 8.04 13.92
CA ILE A 282 13.05 8.89 14.58
C ILE A 282 12.00 9.52 13.69
N ILE A 283 10.79 9.51 14.22
CA ILE A 283 9.60 9.98 13.51
C ILE A 283 9.01 11.16 14.24
N LYS A 284 8.79 12.17 13.45
CA LYS A 284 8.15 13.35 13.89
C LYS A 284 7.17 13.60 12.79
N GLU A 285 6.11 14.33 13.11
CA GLU A 285 5.02 14.57 12.16
C GLU A 285 5.52 14.95 10.78
N GLU A 286 6.58 15.75 10.73
CA GLU A 286 7.05 16.34 9.49
C GLU A 286 8.41 15.86 9.05
N VAL A 287 9.03 14.99 9.85
CA VAL A 287 10.29 14.38 9.46
C VAL A 287 10.40 12.99 9.96
N LEU A 288 10.88 12.13 9.05
CA LEU A 288 11.20 10.75 9.35
C LEU A 288 12.67 10.48 9.03
N ALA A 289 13.38 9.89 9.97
CA ALA A 289 14.78 9.57 9.73
C ALA A 289 15.01 8.17 10.17
N TYR A 290 15.78 7.44 9.38
CA TYR A 290 16.08 6.06 9.67
C TYR A 290 17.50 5.71 9.25
N VAL A 291 18.02 4.64 9.77
CA VAL A 291 19.36 4.27 9.45
C VAL A 291 19.36 3.07 8.56
N VAL A 292 20.00 3.23 7.42
CA VAL A 292 20.28 2.12 6.56
C VAL A 292 21.60 1.43 6.91
N GLN A 293 21.64 0.11 6.68
CA GLN A 293 22.74 -0.69 7.17
C GLN A 293 23.24 -1.60 6.09
N LEU A 294 24.40 -1.32 5.54
CA LEU A 294 24.84 -2.02 4.37
C LEU A 294 25.95 -2.94 4.72
N PRO A 295 26.19 -3.96 3.89
CA PRO A 295 27.27 -4.90 4.18
C PRO A 295 28.61 -4.40 3.71
N LEU A 296 29.67 -4.84 4.37
CA LEU A 296 31.03 -4.57 3.95
C LEU A 296 31.77 -5.87 3.90
N TYR A 297 32.41 -6.14 2.77
CA TYR A 297 33.18 -7.38 2.59
C TYR A 297 34.67 -7.26 2.90
N GLY A 298 35.18 -8.15 3.74
CA GLY A 298 36.57 -8.14 4.03
C GLY A 298 37.41 -8.94 3.06
N VAL A 299 36.82 -9.58 2.04
CA VAL A 299 37.58 -10.25 0.97
C VAL A 299 36.73 -10.48 -0.22
N ILE A 300 37.32 -10.37 -1.39
CA ILE A 300 36.58 -10.55 -2.63
C ILE A 300 37.36 -11.56 -3.45
N ASP A 301 36.70 -12.24 -4.38
CA ASP A 301 37.39 -12.95 -5.45
C ASP A 301 38.19 -14.19 -5.04
N THR A 302 37.99 -14.70 -3.83
CA THR A 302 38.57 -15.96 -3.42
C THR A 302 37.66 -17.00 -3.95
N PRO A 303 38.17 -18.21 -4.29
CA PRO A 303 37.29 -19.24 -4.85
C PRO A 303 36.38 -19.86 -3.77
N CYS A 304 35.12 -20.16 -4.11
CA CYS A 304 34.29 -20.99 -3.25
C CYS A 304 33.79 -22.16 -4.01
N TRP A 305 33.16 -23.07 -3.27
CA TRP A 305 32.54 -24.26 -3.81
C TRP A 305 31.42 -24.78 -2.95
N LYS A 306 30.43 -25.40 -3.57
CA LYS A 306 29.31 -25.95 -2.82
C LYS A 306 29.42 -27.43 -2.83
N LEU A 307 29.26 -28.01 -1.65
CA LEU A 307 29.36 -29.44 -1.48
C LEU A 307 28.00 -30.11 -1.28
N HIS A 308 27.66 -31.10 -2.11
CA HIS A 308 26.45 -31.88 -1.90
C HIS A 308 26.86 -33.27 -1.66
N THR A 309 25.97 -34.04 -1.07
CA THR A 309 26.34 -35.23 -0.39
C THR A 309 25.27 -36.29 -0.40
N SER A 310 25.61 -37.49 -0.83
CA SER A 310 24.62 -38.58 -0.87
C SER A 310 25.12 -39.90 -0.28
N PRO A 311 24.22 -40.69 0.33
CA PRO A 311 24.62 -41.91 1.00
C PRO A 311 25.39 -42.87 0.12
N LEU A 312 26.27 -43.61 0.77
CA LEU A 312 27.19 -44.52 0.12
C LEU A 312 27.23 -45.85 0.88
N CYS A 313 26.94 -46.95 0.19
CA CYS A 313 26.87 -48.27 0.78
C CYS A 313 27.77 -49.20 0.03
N THR A 314 28.39 -50.17 0.73
CA THR A 314 29.16 -51.27 0.13
C THR A 314 28.27 -52.26 -0.60
N THR A 315 28.84 -53.24 -1.30
CA THR A 315 27.92 -54.28 -1.80
C THR A 315 28.28 -55.70 -1.49
N ASN A 316 29.33 -55.89 -0.68
CA ASN A 316 29.52 -57.18 -0.04
C ASN A 316 30.12 -57.10 1.37
N SER A 321 25.21 -54.03 0.73
CA SER A 321 25.17 -54.70 2.04
C SER A 321 26.00 -54.00 3.17
N ASN A 322 25.57 -54.22 4.42
CA ASN A 322 26.45 -54.07 5.62
C ASN A 322 26.68 -52.63 6.13
N ILE A 323 27.10 -51.69 5.29
CA ILE A 323 27.38 -50.34 5.82
C ILE A 323 27.10 -49.16 4.87
N CYS A 324 26.50 -48.08 5.39
CA CYS A 324 26.42 -46.82 4.66
C CYS A 324 26.90 -45.62 5.43
N LEU A 325 27.33 -44.64 4.60
CA LEU A 325 27.99 -43.39 4.94
C LEU A 325 27.31 -42.25 4.27
N THR A 326 26.99 -41.21 5.02
CA THR A 326 26.60 -39.97 4.38
C THR A 326 27.46 -38.90 5.01
N ARG A 327 28.08 -38.10 4.18
CA ARG A 327 28.96 -37.09 4.67
C ARG A 327 28.15 -35.92 5.20
N THR A 328 28.42 -35.50 6.43
CA THR A 328 27.52 -34.60 7.12
C THR A 328 27.59 -33.18 6.65
N ASP A 329 28.83 -32.71 6.53
CA ASP A 329 29.14 -31.29 6.34
C ASP A 329 28.81 -30.68 4.96
N ARG A 330 27.55 -30.43 4.64
CA ARG A 330 27.27 -29.92 3.31
C ARG A 330 27.14 -28.46 3.40
N GLY A 331 27.30 -27.81 2.25
CA GLY A 331 27.17 -26.38 2.22
C GLY A 331 28.29 -25.71 1.44
N TRP A 332 28.43 -24.42 1.67
CA TRP A 332 29.40 -23.67 0.97
C TRP A 332 30.71 -23.64 1.70
N TYR A 333 31.74 -24.02 0.98
CA TYR A 333 33.10 -23.77 1.40
C TYR A 333 33.58 -22.69 0.49
N CYS A 334 34.69 -22.08 0.86
CA CYS A 334 35.03 -20.84 0.27
C CYS A 334 36.25 -20.29 1.03
N ASP A 335 37.38 -20.07 0.33
CA ASP A 335 38.70 -19.80 0.95
C ASP A 335 38.78 -18.49 1.70
N ASN A 336 39.29 -18.50 2.89
CA ASN A 336 39.59 -17.27 3.58
C ASN A 336 41.11 -17.12 3.72
N ALA A 337 41.60 -16.31 4.66
CA ALA A 337 43.03 -16.09 4.74
C ALA A 337 43.83 -17.38 5.00
N GLY A 338 44.18 -18.06 3.93
CA GLY A 338 45.05 -19.25 3.99
C GLY A 338 44.34 -20.47 4.54
N SER A 339 43.08 -20.27 4.91
CA SER A 339 42.32 -21.29 5.58
C SER A 339 41.04 -21.23 4.86
N VAL A 340 40.07 -22.07 5.25
CA VAL A 340 38.80 -22.18 4.52
C VAL A 340 37.65 -21.95 5.43
N SER A 341 36.73 -21.11 5.01
CA SER A 341 35.55 -20.84 5.80
C SER A 341 34.36 -21.63 5.28
N PHE A 342 33.64 -22.25 6.22
CA PHE A 342 32.46 -23.08 5.94
C PHE A 342 31.18 -22.50 6.57
N PHE A 343 30.13 -22.37 5.76
CA PHE A 343 28.87 -21.78 6.17
C PHE A 343 27.82 -22.84 6.09
N PRO A 344 27.38 -23.30 7.25
CA PRO A 344 26.58 -24.51 7.43
C PRO A 344 25.22 -24.55 6.67
N GLN A 345 24.53 -23.42 6.54
CA GLN A 345 23.14 -23.43 5.97
C GLN A 345 22.87 -22.30 4.95
N ALA A 346 22.10 -22.66 3.90
CA ALA A 346 21.75 -21.76 2.75
C ALA A 346 21.78 -20.25 3.13
N GLU A 347 20.71 -19.83 3.85
CA GLU A 347 20.65 -18.70 4.79
C GLU A 347 21.76 -17.69 4.72
N THR A 348 22.94 -18.14 5.15
CA THR A 348 24.12 -17.34 5.19
C THR A 348 24.61 -16.93 3.82
N CYS A 349 24.29 -17.70 2.76
CA CYS A 349 24.87 -17.42 1.43
C CYS A 349 23.89 -17.12 0.37
N LYS A 350 24.19 -16.19 -0.52
CA LYS A 350 23.42 -16.04 -1.74
C LYS A 350 24.33 -15.90 -2.86
N VAL A 351 23.84 -16.22 -4.05
CA VAL A 351 24.69 -16.42 -5.21
C VAL A 351 24.02 -15.94 -6.49
N GLN A 352 24.78 -15.37 -7.42
CA GLN A 352 24.25 -14.73 -8.60
C GLN A 352 25.21 -14.97 -9.71
N SER A 353 24.90 -15.89 -10.58
CA SER A 353 25.87 -16.30 -11.56
C SER A 353 26.98 -16.90 -10.79
N ASN A 354 28.20 -16.54 -11.07
CA ASN A 354 29.31 -17.20 -10.42
C ASN A 354 29.79 -16.37 -9.27
N ARG A 355 28.90 -15.52 -8.78
CA ARG A 355 29.24 -14.68 -7.68
C ARG A 355 28.54 -15.14 -6.45
N VAL A 356 29.25 -15.29 -5.35
CA VAL A 356 28.70 -15.78 -4.07
C VAL A 356 28.98 -14.80 -2.96
N PHE A 357 28.09 -14.78 -1.97
CA PHE A 357 28.11 -13.75 -0.95
C PHE A 357 27.71 -14.39 0.31
N CYS A 358 28.64 -14.54 1.21
CA CYS A 358 28.32 -15.21 2.47
C CYS A 358 28.64 -14.35 3.68
N ASP A 359 28.21 -14.80 4.84
CA ASP A 359 28.33 -14.02 6.01
C ASP A 359 29.21 -14.71 7.00
N THR A 360 30.37 -14.12 7.25
CA THR A 360 31.27 -14.59 8.28
C THR A 360 30.54 -14.91 9.55
N MET A 361 29.80 -13.95 10.10
CA MET A 361 29.16 -14.12 11.40
C MET A 361 29.27 -15.49 12.04
N ASN A 362 28.60 -16.48 11.48
CA ASN A 362 28.70 -17.74 12.14
C ASN A 362 29.63 -18.82 11.56
N SER A 363 30.28 -18.51 10.44
CA SER A 363 31.23 -19.42 9.79
C SER A 363 32.09 -20.27 10.72
N LEU A 364 32.60 -21.35 10.16
CA LEU A 364 33.55 -22.19 10.85
C LEU A 364 34.82 -22.20 10.03
N THR A 365 35.94 -22.00 10.70
CA THR A 365 37.21 -21.90 9.99
C THR A 365 37.95 -23.21 10.05
N LEU A 366 38.42 -23.67 8.89
CA LEU A 366 38.90 -25.03 8.74
C LEU A 366 40.08 -24.98 7.81
N PRO A 367 40.94 -26.00 7.88
CA PRO A 367 42.11 -26.16 7.02
C PRO A 367 41.82 -26.70 5.64
N SER A 368 42.61 -26.28 4.66
CA SER A 368 42.53 -26.79 3.28
C SER A 368 42.51 -28.32 3.23
N GLU A 369 43.00 -28.93 4.30
CA GLU A 369 42.98 -30.38 4.42
C GLU A 369 41.54 -30.96 4.42
N VAL A 370 40.55 -30.15 4.73
CA VAL A 370 39.17 -30.54 4.54
C VAL A 370 38.97 -31.12 3.18
N ASN A 371 39.53 -30.53 2.14
CA ASN A 371 39.35 -31.04 0.79
C ASN A 371 39.63 -32.52 0.55
N LEU A 372 40.58 -33.12 1.25
CA LEU A 372 40.89 -34.51 0.98
C LEU A 372 39.67 -35.38 1.30
N CYS A 373 38.83 -34.86 2.16
CA CYS A 373 37.62 -35.56 2.50
C CYS A 373 36.75 -35.80 1.28
N ASN A 374 36.88 -35.01 0.20
CA ASN A 374 36.10 -35.23 -1.03
C ASN A 374 36.55 -36.49 -1.70
N VAL A 375 37.79 -36.89 -1.45
CA VAL A 375 38.33 -38.07 -2.09
C VAL A 375 38.32 -39.25 -1.13
N ASP A 376 38.66 -39.00 0.14
CA ASP A 376 38.91 -40.13 1.03
C ASP A 376 38.05 -40.39 2.28
N ILE A 377 37.80 -39.36 3.09
CA ILE A 377 36.93 -39.58 4.26
C ILE A 377 37.85 -40.09 5.36
N PHE A 378 38.26 -41.35 5.20
CA PHE A 378 39.28 -41.95 5.99
C PHE A 378 40.55 -41.55 5.35
N ASN A 379 41.42 -40.96 6.14
CA ASN A 379 42.70 -40.45 5.71
C ASN A 379 43.16 -39.67 6.89
N PRO A 380 44.44 -39.86 7.26
CA PRO A 380 45.16 -39.06 8.26
C PRO A 380 44.96 -37.65 7.81
N LYS A 381 45.25 -36.64 8.63
CA LYS A 381 45.08 -35.26 8.11
C LYS A 381 43.69 -34.68 8.40
N TYR A 382 42.62 -35.40 8.07
CA TYR A 382 41.34 -34.92 8.52
C TYR A 382 40.35 -35.97 8.92
N ASP A 383 39.97 -35.95 10.19
CA ASP A 383 38.73 -36.65 10.57
C ASP A 383 37.56 -35.81 10.10
N CYS A 384 36.52 -36.50 9.69
CA CYS A 384 35.85 -36.12 8.56
C CYS A 384 34.38 -36.42 8.89
N LYS A 385 33.56 -35.39 9.12
CA LYS A 385 32.19 -35.63 9.64
C LYS A 385 31.27 -36.41 8.66
N ILE A 386 30.53 -37.34 9.22
CA ILE A 386 29.96 -38.46 8.49
C ILE A 386 28.77 -38.91 9.27
N MET A 387 27.77 -39.56 8.67
CA MET A 387 26.86 -40.34 9.53
C MET A 387 26.69 -41.75 9.05
N THR A 388 26.32 -42.60 10.00
CA THR A 388 26.45 -44.04 9.88
C THR A 388 25.14 -44.73 9.78
N SER A 389 25.07 -45.72 8.88
CA SER A 389 23.95 -46.70 8.92
C SER A 389 24.34 -48.15 8.76
N LYS A 390 23.69 -49.00 9.54
CA LYS A 390 23.91 -50.43 9.44
C LYS A 390 23.21 -51.00 8.17
N THR A 391 22.07 -50.44 7.84
CA THR A 391 21.24 -50.96 6.79
C THR A 391 21.31 -50.12 5.53
N ASP A 392 21.13 -50.76 4.38
CA ASP A 392 21.06 -50.09 3.08
C ASP A 392 19.97 -49.03 3.07
N VAL A 393 20.33 -47.82 2.62
CA VAL A 393 19.40 -46.72 2.43
C VAL A 393 19.66 -46.27 0.99
N SER A 394 18.61 -45.97 0.24
CA SER A 394 18.77 -45.51 -1.13
C SER A 394 18.07 -44.21 -1.22
N SER A 395 18.63 -43.26 -1.94
CA SER A 395 17.88 -42.06 -2.33
C SER A 395 18.60 -41.14 -3.34
N SER A 396 18.08 -39.94 -3.54
CA SER A 396 18.67 -39.01 -4.48
C SER A 396 18.77 -37.54 -3.99
N VAL A 397 19.73 -36.84 -4.59
CA VAL A 397 20.13 -35.53 -4.10
C VAL A 397 20.39 -34.64 -5.27
N ILE A 398 19.67 -33.54 -5.38
CA ILE A 398 19.85 -32.70 -6.55
C ILE A 398 20.88 -31.61 -6.43
N THR A 399 21.75 -31.55 -7.42
CA THR A 399 22.85 -30.60 -7.38
C THR A 399 22.66 -29.38 -8.28
N SER A 400 23.65 -28.52 -8.26
CA SER A 400 23.54 -27.26 -8.96
C SER A 400 23.44 -27.53 -10.41
N LEU A 401 24.07 -28.62 -10.83
CA LEU A 401 24.37 -28.77 -12.23
C LEU A 401 24.06 -30.16 -12.75
N GLY A 402 23.55 -30.98 -11.85
CA GLY A 402 22.94 -32.29 -12.17
C GLY A 402 22.32 -32.91 -10.92
N ALA A 403 22.52 -34.20 -10.73
CA ALA A 403 21.97 -34.87 -9.60
C ALA A 403 22.78 -36.09 -9.32
N ILE A 404 22.77 -36.48 -8.05
CA ILE A 404 23.33 -37.74 -7.58
C ILE A 404 22.23 -38.72 -7.24
N VAL A 405 22.54 -40.01 -7.40
CA VAL A 405 21.59 -41.07 -7.07
C VAL A 405 22.26 -42.30 -6.47
N SER A 406 21.79 -42.68 -5.28
CA SER A 406 22.34 -43.75 -4.54
C SER A 406 21.26 -44.79 -4.55
N CYS A 407 21.45 -45.83 -5.37
CA CYS A 407 20.47 -46.90 -5.56
C CYS A 407 21.00 -48.16 -4.96
N TYR A 408 20.40 -48.57 -3.86
CA TYR A 408 20.93 -49.67 -3.07
C TYR A 408 19.87 -50.71 -2.66
N GLY A 409 20.32 -51.90 -2.27
CA GLY A 409 19.43 -53.00 -1.87
C GLY A 409 18.48 -53.37 -2.97
N LYS A 410 17.22 -53.48 -2.61
CA LYS A 410 16.23 -53.86 -3.56
C LYS A 410 15.73 -52.73 -4.46
N THR A 411 16.09 -51.47 -4.20
CA THR A 411 15.40 -50.34 -4.85
C THR A 411 15.72 -50.15 -6.35
N LYS A 412 14.76 -49.69 -7.15
CA LYS A 412 14.93 -49.39 -8.58
C LYS A 412 15.07 -47.91 -8.88
N CYS A 413 16.08 -47.53 -9.67
CA CYS A 413 16.32 -46.12 -10.00
C CYS A 413 16.49 -45.88 -11.49
N THR A 414 16.05 -44.70 -11.93
CA THR A 414 15.83 -44.43 -13.33
C THR A 414 16.13 -42.98 -13.63
N ALA A 415 16.90 -42.73 -14.65
CA ALA A 415 17.02 -41.38 -15.12
C ALA A 415 16.30 -41.27 -16.42
N SER A 416 15.38 -40.32 -16.52
CA SER A 416 14.67 -40.12 -17.76
C SER A 416 14.99 -38.74 -18.36
N ASN A 417 14.84 -38.60 -19.66
CA ASN A 417 15.22 -37.37 -20.35
C ASN A 417 14.11 -36.36 -20.35
N LYS A 418 14.37 -35.27 -21.09
CA LYS A 418 13.44 -34.19 -21.41
C LYS A 418 11.99 -34.61 -21.53
N ASN A 419 11.73 -35.54 -22.46
CA ASN A 419 10.39 -36.09 -22.77
C ASN A 419 9.97 -37.39 -21.99
N ARG A 420 10.78 -37.84 -21.06
CA ARG A 420 10.38 -38.89 -20.15
C ARG A 420 10.77 -40.27 -20.61
N GLY A 421 11.21 -40.39 -21.84
CA GLY A 421 12.00 -41.56 -22.24
C GLY A 421 13.13 -41.87 -21.24
N ILE A 422 13.29 -43.12 -20.86
CA ILE A 422 14.20 -43.51 -19.81
C ILE A 422 15.55 -43.74 -20.44
N ILE A 423 16.59 -43.10 -19.94
CA ILE A 423 17.92 -43.28 -20.54
C ILE A 423 18.80 -44.17 -19.78
N LYS A 424 18.85 -44.00 -18.48
CA LYS A 424 19.74 -44.83 -17.71
C LYS A 424 18.94 -45.61 -16.69
N THR A 425 19.49 -46.74 -16.27
CA THR A 425 18.85 -47.46 -15.19
C THR A 425 19.90 -48.03 -14.25
N PHE A 426 19.62 -48.04 -12.94
CA PHE A 426 20.70 -47.95 -11.95
C PHE A 426 21.31 -49.18 -11.25
N SER A 427 22.59 -49.38 -11.54
CA SER A 427 23.34 -50.58 -11.15
C SER A 427 23.74 -50.59 -9.65
N ASN A 428 22.72 -50.70 -8.80
CA ASN A 428 22.97 -50.92 -7.38
C ASN A 428 24.26 -50.27 -6.80
N GLY A 429 24.43 -48.96 -6.96
CA GLY A 429 25.62 -48.21 -6.49
C GLY A 429 25.28 -46.73 -6.31
N CYS A 430 26.17 -45.83 -6.75
CA CYS A 430 25.99 -44.37 -6.59
C CYS A 430 26.60 -43.59 -7.75
N ASP A 431 25.73 -42.97 -8.55
CA ASP A 431 26.13 -42.32 -9.79
C ASP A 431 25.73 -40.85 -9.87
N TYR A 432 26.25 -40.13 -10.85
CA TYR A 432 25.92 -38.72 -11.08
C TYR A 432 25.36 -38.56 -12.46
N VAL A 433 24.44 -37.63 -12.70
CA VAL A 433 23.96 -37.33 -14.08
C VAL A 433 23.92 -35.83 -14.28
N SER A 434 23.67 -35.29 -15.48
CA SER A 434 23.53 -33.81 -15.57
C SER A 434 22.43 -33.27 -16.46
N ASN A 435 22.19 -31.98 -16.44
CA ASN A 435 21.14 -31.38 -17.26
C ASN A 435 21.52 -31.37 -18.73
N LYS A 436 20.50 -31.41 -19.56
CA LYS A 436 20.57 -32.08 -20.87
C LYS A 436 21.26 -33.42 -20.71
N GLY A 437 20.65 -34.46 -21.25
CA GLY A 437 20.77 -35.78 -20.69
C GLY A 437 19.56 -35.78 -19.80
N VAL A 438 19.75 -35.53 -18.52
CA VAL A 438 18.75 -35.89 -17.53
C VAL A 438 17.86 -34.78 -17.04
N ASP A 439 16.57 -35.09 -16.86
CA ASP A 439 15.53 -34.16 -16.49
C ASP A 439 14.83 -34.64 -15.24
N THR A 440 14.92 -35.95 -14.99
CA THR A 440 14.15 -36.65 -13.98
C THR A 440 14.95 -37.83 -13.49
N VAL A 441 14.94 -38.08 -12.19
CA VAL A 441 15.29 -39.38 -11.73
C VAL A 441 14.18 -39.85 -10.80
N SER A 442 13.93 -41.14 -10.81
CA SER A 442 13.02 -41.71 -9.86
C SER A 442 13.79 -42.69 -9.06
N VAL A 443 13.48 -42.71 -7.78
CA VAL A 443 13.96 -43.72 -6.85
C VAL A 443 12.68 -44.34 -6.31
N GLY A 444 12.50 -45.63 -6.59
CA GLY A 444 11.31 -46.30 -6.17
C GLY A 444 10.18 -45.46 -6.62
N ASN A 445 9.35 -45.04 -5.68
CA ASN A 445 8.16 -44.33 -6.07
C ASN A 445 8.23 -42.87 -6.01
N THR A 446 9.32 -42.36 -5.45
CA THR A 446 9.53 -40.94 -5.31
C THR A 446 10.15 -40.52 -6.60
N LEU A 447 9.76 -39.34 -7.06
CA LEU A 447 10.31 -38.77 -8.30
C LEU A 447 11.02 -37.49 -8.05
N TYR A 448 12.26 -37.37 -8.54
CA TYR A 448 13.07 -36.14 -8.31
C TYR A 448 13.20 -35.43 -9.63
N TYR A 449 13.08 -34.09 -9.64
CA TYR A 449 13.19 -33.34 -10.91
C TYR A 449 14.51 -32.65 -11.02
N VAL A 450 15.35 -33.03 -11.97
CA VAL A 450 16.66 -32.44 -12.11
C VAL A 450 16.64 -31.00 -12.66
N ASN A 451 15.64 -30.69 -13.46
CA ASN A 451 15.44 -29.38 -13.99
C ASN A 451 14.11 -28.82 -13.55
N LYS A 452 13.89 -27.55 -13.78
CA LYS A 452 12.65 -27.00 -13.37
C LYS A 452 11.74 -27.29 -14.51
N GLN A 453 10.48 -27.55 -14.21
CA GLN A 453 9.57 -27.86 -15.26
C GLN A 453 8.87 -26.58 -15.71
N GLU A 454 9.06 -26.24 -16.98
CA GLU A 454 8.40 -25.08 -17.59
C GLU A 454 6.96 -25.39 -17.81
N GLY A 455 6.09 -24.43 -17.77
CA GLY A 455 4.73 -24.72 -18.18
C GLY A 455 3.96 -23.44 -18.36
N LYS A 456 3.05 -23.40 -19.33
CA LYS A 456 1.97 -22.43 -19.37
C LYS A 456 2.29 -21.00 -18.92
N SER A 457 2.52 -20.14 -19.88
CA SER A 457 2.53 -18.73 -19.53
C SER A 457 1.09 -18.29 -19.29
N LEU A 458 0.91 -17.36 -18.35
CA LEU A 458 -0.36 -16.73 -18.14
C LEU A 458 -0.20 -15.30 -18.49
N TYR A 459 -1.25 -14.75 -19.09
CA TYR A 459 -1.18 -13.43 -19.66
C TYR A 459 -2.36 -12.58 -19.26
N VAL A 460 -2.13 -11.36 -18.81
CA VAL A 460 -3.23 -10.51 -18.39
C VAL A 460 -3.21 -9.18 -19.08
N LYS A 461 -4.17 -9.00 -19.97
CA LYS A 461 -4.23 -7.86 -20.88
C LYS A 461 -4.85 -6.63 -20.20
N GLY A 462 -4.46 -5.45 -20.66
CA GLY A 462 -5.10 -4.23 -20.25
C GLY A 462 -5.47 -3.46 -21.49
N GLU A 463 -6.58 -2.73 -21.44
CA GLU A 463 -6.95 -1.75 -22.48
C GLU A 463 -6.35 -0.32 -22.13
N PRO A 464 -6.58 0.72 -22.97
CA PRO A 464 -6.16 2.02 -22.45
C PRO A 464 -7.35 2.85 -22.02
N ILE A 465 -7.06 3.86 -21.19
CA ILE A 465 -8.05 4.58 -20.40
C ILE A 465 -8.22 6.06 -20.76
N ILE A 466 -9.48 6.50 -20.74
CA ILE A 466 -9.98 7.67 -21.52
C ILE A 466 -10.25 9.04 -20.79
N ASN A 467 -9.40 10.05 -21.04
CA ASN A 467 -9.61 11.42 -20.52
C ASN A 467 -10.58 12.34 -21.37
N PHE A 468 -11.83 12.30 -20.96
CA PHE A 468 -13.04 12.25 -21.80
C PHE A 468 -13.85 13.55 -21.72
N TYR A 469 -13.17 14.71 -21.76
CA TYR A 469 -13.82 15.96 -21.36
C TYR A 469 -14.46 16.87 -22.43
N ASP A 470 -15.62 17.43 -22.08
CA ASP A 470 -16.38 18.17 -23.07
C ASP A 470 -16.84 19.60 -22.74
N PRO A 471 -16.20 20.59 -23.38
CA PRO A 471 -16.36 21.95 -22.88
C PRO A 471 -17.76 22.43 -23.14
N LEU A 472 -18.18 23.39 -22.33
CA LEU A 472 -19.40 24.13 -22.57
C LEU A 472 -19.09 25.42 -23.30
N VAL A 473 -19.84 25.70 -24.35
CA VAL A 473 -19.55 26.94 -25.04
C VAL A 473 -20.77 27.76 -25.40
N PHE A 474 -20.61 29.10 -25.31
CA PHE A 474 -21.75 29.98 -25.46
C PHE A 474 -21.84 30.75 -26.80
N PRO A 475 -23.04 30.81 -27.41
CA PRO A 475 -23.35 31.53 -28.66
C PRO A 475 -23.02 33.03 -28.67
N SER A 476 -22.05 33.43 -27.85
CA SER A 476 -21.76 34.83 -27.62
C SER A 476 -22.06 35.72 -28.80
N ASP A 477 -21.43 35.44 -29.94
CA ASP A 477 -21.53 36.34 -31.08
C ASP A 477 -22.97 36.54 -31.55
N GLU A 478 -23.66 35.43 -31.76
CA GLU A 478 -25.02 35.48 -32.25
C GLU A 478 -25.94 36.26 -31.27
N PHE A 479 -25.61 36.18 -30.00
CA PHE A 479 -26.38 36.87 -29.00
C PHE A 479 -26.12 38.35 -29.10
N ASP A 480 -24.85 38.72 -29.01
CA ASP A 480 -24.41 40.13 -29.15
C ASP A 480 -24.96 40.81 -30.39
N ALA A 481 -25.28 39.98 -31.40
CA ALA A 481 -25.90 40.43 -32.64
C ALA A 481 -27.30 40.92 -32.35
N SER A 482 -28.10 40.05 -31.72
CA SER A 482 -29.45 40.38 -31.35
C SER A 482 -29.52 41.68 -30.59
N ILE A 483 -28.57 41.85 -29.67
CA ILE A 483 -28.61 43.02 -28.83
C ILE A 483 -28.20 44.26 -29.59
N SER A 484 -27.00 44.25 -30.19
CA SER A 484 -26.56 45.39 -30.97
C SER A 484 -27.68 45.75 -31.94
N GLN A 485 -28.63 44.83 -32.04
CA GLN A 485 -29.79 45.02 -32.89
C GLN A 485 -31.07 45.47 -32.15
N VAL A 486 -31.21 45.17 -30.85
CA VAL A 486 -32.29 45.78 -30.08
C VAL A 486 -32.02 47.27 -30.08
N ASN A 487 -30.75 47.64 -30.06
CA ASN A 487 -30.39 49.03 -30.08
C ASN A 487 -30.69 49.72 -31.41
N GLU A 488 -30.69 48.94 -32.49
CA GLU A 488 -31.28 49.41 -33.74
C GLU A 488 -32.58 50.08 -33.37
N LYS A 489 -33.44 49.35 -32.69
CA LYS A 489 -34.83 49.75 -32.51
C LYS A 489 -34.97 50.94 -31.60
N ILE A 490 -34.25 50.94 -30.48
CA ILE A 490 -34.35 52.09 -29.61
C ILE A 490 -33.83 53.31 -30.37
N ASN A 491 -32.59 53.24 -30.86
CA ASN A 491 -31.99 54.27 -31.72
C ASN A 491 -32.96 54.79 -32.78
N GLN A 492 -33.74 53.86 -33.34
CA GLN A 492 -34.73 54.14 -34.36
C GLN A 492 -35.91 54.91 -33.74
N SER A 493 -36.33 54.41 -32.58
CA SER A 493 -37.48 54.91 -31.85
C SER A 493 -37.26 56.36 -31.46
N LEU A 494 -36.15 56.61 -30.78
CA LEU A 494 -35.82 57.94 -30.35
C LEU A 494 -35.89 58.93 -31.50
N ALA A 495 -35.33 58.53 -32.64
CA ALA A 495 -35.30 59.35 -33.84
C ALA A 495 -36.71 59.63 -34.36
N PHE A 496 -37.61 58.66 -34.21
CA PHE A 496 -38.99 58.93 -34.57
C PHE A 496 -39.56 60.03 -33.70
N ILE A 497 -39.35 59.96 -32.38
CA ILE A 497 -39.86 60.99 -31.47
C ILE A 497 -39.26 62.37 -31.77
N ARG A 498 -37.93 62.41 -31.84
CA ARG A 498 -37.15 63.58 -32.29
C ARG A 498 -37.93 64.34 -33.39
N LYS A 499 -38.36 63.59 -34.40
CA LYS A 499 -39.10 64.09 -35.56
C LYS A 499 -40.48 64.62 -35.15
N SER A 500 -41.14 63.86 -34.28
CA SER A 500 -42.44 64.24 -33.76
C SER A 500 -42.37 65.57 -33.04
N ASP A 501 -41.40 65.69 -32.13
CA ASP A 501 -41.25 66.90 -31.34
C ASP A 501 -41.00 68.15 -32.19
N GLU A 502 -40.13 68.04 -33.20
CA GLU A 502 -39.85 69.15 -34.10
C GLU A 502 -41.16 69.71 -34.62
N LEU A 503 -42.01 68.81 -35.10
CA LEU A 503 -43.28 69.25 -35.64
C LEU A 503 -44.08 70.07 -34.65
N LEU A 504 -43.99 69.72 -33.37
CA LEU A 504 -44.80 70.36 -32.35
C LEU A 504 -44.27 71.70 -31.87
N HIS A 505 -42.95 71.85 -31.84
CA HIS A 505 -42.34 73.13 -31.52
C HIS A 505 -42.50 74.05 -32.73
N ASN A 506 -43.27 73.57 -33.68
CA ASN A 506 -43.72 74.34 -34.80
C ASN A 506 -45.23 74.65 -34.73
N VAL A 507 -45.79 74.50 -33.53
CA VAL A 507 -47.23 74.72 -33.29
C VAL A 507 -47.49 75.72 -32.12
N ASN A 508 -48.24 76.78 -32.38
CA ASN A 508 -48.35 77.90 -31.41
C ASN A 508 -49.47 78.88 -31.80
N GLN B 26 22.86 -0.24 33.38
CA GLN B 26 23.16 -1.15 32.22
C GLN B 26 24.56 -1.75 32.30
N ASN B 27 24.64 -3.01 32.74
CA ASN B 27 25.93 -3.57 33.10
C ASN B 27 26.32 -4.74 32.23
N ILE B 28 26.45 -4.47 30.92
CA ILE B 28 26.94 -5.49 29.99
C ILE B 28 28.44 -5.45 29.88
N THR B 29 29.02 -6.65 29.79
CA THR B 29 30.45 -6.80 29.80
C THR B 29 30.75 -7.99 28.95
N GLU B 30 32.01 -8.07 28.56
CA GLU B 30 32.55 -9.25 27.95
C GLU B 30 33.80 -9.60 28.73
N GLU B 31 33.99 -10.88 29.01
CA GLU B 31 35.21 -11.34 29.60
C GLU B 31 35.79 -12.39 28.67
N PHE B 32 37.08 -12.27 28.38
CA PHE B 32 37.72 -13.13 27.40
C PHE B 32 38.46 -14.23 28.09
N TYR B 33 38.38 -15.43 27.55
CA TYR B 33 39.05 -16.56 28.14
C TYR B 33 40.14 -17.06 27.21
N GLN B 34 41.34 -16.52 27.40
CA GLN B 34 42.50 -16.84 26.58
C GLN B 34 42.81 -18.32 26.46
N SER B 35 42.48 -19.10 27.50
CA SER B 35 42.78 -20.54 27.52
C SER B 35 41.77 -21.42 26.74
N THR B 36 40.79 -20.78 26.13
CA THR B 36 39.71 -21.47 25.47
C THR B 36 39.40 -20.62 24.28
N CYS B 37 40.28 -19.69 23.96
CA CYS B 37 40.05 -18.78 22.86
C CYS B 37 38.58 -18.46 22.66
N SER B 38 37.91 -18.09 23.75
CA SER B 38 36.47 -17.81 23.73
C SER B 38 36.07 -16.61 24.57
N ALA B 39 34.97 -15.98 24.22
CA ALA B 39 34.55 -14.78 24.91
C ALA B 39 33.10 -14.87 25.30
N VAL B 40 32.78 -14.35 26.48
CA VAL B 40 31.40 -14.32 26.90
C VAL B 40 30.89 -12.94 27.20
N SER B 41 29.70 -12.62 26.70
CA SER B 41 29.05 -11.36 26.98
C SER B 41 28.10 -11.59 28.13
N LYS B 42 28.21 -10.78 29.16
CA LYS B 42 27.47 -11.04 30.40
C LYS B 42 26.58 -9.88 30.79
N GLY B 43 25.64 -10.14 31.70
CA GLY B 43 24.80 -9.10 32.31
C GLY B 43 23.46 -8.84 31.62
N TYR B 44 22.95 -9.88 30.97
CA TYR B 44 21.70 -9.77 30.24
C TYR B 44 20.62 -10.40 31.07
N LEU B 45 19.40 -9.99 30.78
CA LEU B 45 18.25 -10.47 31.52
C LEU B 45 17.19 -11.14 30.67
N SER B 46 16.89 -12.37 31.08
CA SER B 46 16.03 -13.28 30.35
C SER B 46 14.59 -12.87 30.29
N ALA B 47 13.96 -13.38 29.24
CA ALA B 47 12.53 -13.46 29.08
C ALA B 47 12.35 -14.62 28.08
N LEU B 48 11.72 -15.69 28.53
CA LEU B 48 11.70 -16.89 27.70
C LEU B 48 10.30 -17.33 27.38
N ARG B 49 9.97 -17.36 26.09
CA ARG B 49 8.65 -17.79 25.63
C ARG B 49 8.37 -19.23 26.05
N THR B 50 7.21 -19.43 26.66
CA THR B 50 6.77 -20.77 26.95
C THR B 50 5.32 -20.98 26.52
N GLY B 51 4.67 -19.98 25.96
CA GLY B 51 3.29 -20.17 25.61
C GLY B 51 2.81 -19.03 24.80
N TRP B 52 1.55 -19.11 24.41
CA TRP B 52 0.97 -18.11 23.54
C TRP B 52 -0.29 -17.57 24.11
N TYR B 53 -0.56 -16.31 23.76
CA TYR B 53 -1.78 -15.65 24.16
C TYR B 53 -2.57 -15.24 22.91
N THR B 54 -3.74 -15.84 22.76
CA THR B 54 -4.66 -15.63 21.63
C THR B 54 -5.47 -14.39 21.84
N SER B 55 -5.80 -13.67 20.77
CA SER B 55 -6.90 -12.70 20.81
C SER B 55 -7.52 -12.36 19.48
N VAL B 56 -8.82 -12.17 19.52
CA VAL B 56 -9.61 -12.22 18.33
C VAL B 56 -10.12 -10.87 17.98
N ILE B 57 -9.50 -10.30 16.97
CA ILE B 57 -9.83 -8.95 16.59
C ILE B 57 -10.78 -8.94 15.40
N THR B 58 -11.86 -8.19 15.53
CA THR B 58 -12.92 -8.18 14.52
C THR B 58 -13.13 -6.77 14.08
N ILE B 59 -13.20 -6.58 12.76
CA ILE B 59 -13.27 -5.22 12.23
C ILE B 59 -14.38 -5.04 11.25
N GLU B 60 -15.27 -4.10 11.55
CA GLU B 60 -16.37 -3.75 10.66
C GLU B 60 -15.87 -2.84 9.52
N LEU B 61 -16.34 -3.11 8.31
CA LEU B 61 -16.09 -2.24 7.16
C LEU B 61 -17.03 -1.08 7.28
N SER B 62 -16.66 0.10 6.81
CA SER B 62 -17.62 1.20 6.77
C SER B 62 -18.16 1.33 5.38
N ASN B 63 -19.36 0.83 5.16
CA ASN B 63 -19.81 0.60 3.81
C ASN B 63 -20.39 1.82 3.15
N ILE B 64 -20.21 1.89 1.85
CA ILE B 64 -20.81 2.93 1.06
C ILE B 64 -22.17 2.53 0.50
N LYS B 65 -23.19 3.35 0.76
CA LYS B 65 -24.44 3.28 -0.04
C LYS B 65 -24.44 4.28 -1.23
N GLU B 66 -24.11 3.70 -2.40
CA GLU B 66 -23.82 4.41 -3.66
C GLU B 66 -25.04 5.14 -4.26
N ASN B 67 -24.81 6.35 -4.76
CA ASN B 67 -25.96 7.18 -5.16
C ASN B 67 -26.13 7.51 -6.62
N LYS B 68 -26.42 6.42 -7.33
CA LYS B 68 -27.09 6.41 -8.62
C LYS B 68 -27.64 7.78 -9.00
N CYS B 69 -26.75 8.59 -9.56
CA CYS B 69 -27.09 9.85 -10.16
C CYS B 69 -26.48 9.62 -11.55
N ASN B 70 -26.32 10.71 -12.30
CA ASN B 70 -25.51 10.69 -13.52
C ASN B 70 -24.32 11.66 -13.33
N GLY B 71 -23.09 11.14 -13.38
CA GLY B 71 -21.91 12.00 -13.24
C GLY B 71 -21.51 12.61 -14.57
N THR B 72 -20.45 13.40 -14.59
CA THR B 72 -19.88 13.89 -15.85
C THR B 72 -19.15 12.72 -16.48
N ASP B 73 -19.57 12.29 -17.67
CA ASP B 73 -19.17 10.93 -18.22
C ASP B 73 -19.63 9.74 -17.34
N ALA B 74 -20.62 9.00 -17.84
CA ALA B 74 -21.15 7.86 -17.07
C ALA B 74 -20.68 6.49 -17.58
N LYS B 75 -19.48 6.43 -18.13
CA LYS B 75 -18.73 5.17 -18.17
C LYS B 75 -17.90 5.08 -16.88
N VAL B 76 -17.60 6.27 -16.35
CA VAL B 76 -16.92 6.47 -15.10
C VAL B 76 -17.89 6.13 -13.98
N LYS B 77 -17.47 5.25 -13.07
CA LYS B 77 -18.35 4.75 -12.02
C LYS B 77 -17.59 4.44 -10.74
N LEU B 78 -16.98 5.45 -10.18
CA LEU B 78 -15.97 5.23 -9.16
C LEU B 78 -16.47 4.32 -8.06
N ILE B 79 -17.58 4.71 -7.45
CA ILE B 79 -18.02 3.98 -6.29
C ILE B 79 -18.24 2.51 -6.63
N LYS B 80 -19.04 2.24 -7.66
CA LYS B 80 -19.20 0.88 -8.14
C LYS B 80 -17.82 0.20 -8.22
N GLN B 81 -16.87 0.88 -8.86
CA GLN B 81 -15.58 0.31 -9.17
C GLN B 81 -14.78 0.04 -7.92
N GLU B 82 -14.64 1.03 -7.06
CA GLU B 82 -13.95 0.81 -5.78
C GLU B 82 -14.52 -0.36 -5.03
N LEU B 83 -15.83 -0.42 -4.97
CA LEU B 83 -16.44 -1.51 -4.27
C LEU B 83 -15.99 -2.84 -4.83
N ASP B 84 -15.94 -2.98 -6.16
CA ASP B 84 -15.53 -4.25 -6.82
C ASP B 84 -14.12 -4.64 -6.50
N LYS B 85 -13.19 -3.73 -6.75
CA LYS B 85 -11.83 -3.85 -6.30
C LYS B 85 -11.87 -4.48 -4.92
N TYR B 86 -12.47 -3.78 -3.96
CA TYR B 86 -12.53 -4.23 -2.58
C TYR B 86 -13.17 -5.59 -2.45
N LYS B 87 -14.39 -5.71 -2.92
CA LYS B 87 -15.11 -6.96 -2.80
C LYS B 87 -14.29 -8.11 -3.29
N ASN B 88 -13.56 -7.88 -4.35
CA ASN B 88 -12.81 -8.94 -4.94
C ASN B 88 -11.64 -9.36 -4.06
N ALA B 89 -10.79 -8.43 -3.66
CA ALA B 89 -9.74 -8.71 -2.68
C ALA B 89 -10.27 -9.69 -1.65
N VAL B 90 -11.49 -9.43 -1.21
CA VAL B 90 -12.15 -10.16 -0.13
C VAL B 90 -12.42 -11.56 -0.56
N THR B 91 -12.92 -11.74 -1.77
CA THR B 91 -13.16 -13.08 -2.25
C THR B 91 -11.87 -13.85 -2.31
N GLU B 92 -10.86 -13.22 -2.87
CA GLU B 92 -9.54 -13.84 -2.96
C GLU B 92 -9.07 -14.41 -1.64
N LEU B 93 -9.16 -13.62 -0.58
CA LEU B 93 -8.71 -14.06 0.72
C LEU B 93 -9.62 -15.19 1.13
N GLN B 94 -10.90 -15.04 0.83
CA GLN B 94 -11.84 -16.05 1.24
C GLN B 94 -11.36 -17.39 0.84
N LEU B 95 -10.75 -17.46 -0.33
CA LEU B 95 -10.45 -18.74 -0.91
C LEU B 95 -9.23 -19.36 -0.25
N LEU B 96 -8.57 -18.60 0.60
CA LEU B 96 -7.35 -19.08 1.24
C LEU B 96 -7.60 -20.08 2.33
N MET B 97 -8.84 -20.12 2.79
CA MET B 97 -9.24 -20.84 4.01
C MET B 97 -9.28 -22.36 3.91
N GLN B 98 -9.55 -22.84 2.70
CA GLN B 98 -9.68 -24.30 2.47
C GLN B 98 -8.83 -24.75 1.25
N ILE B 139 -64.30 84.07 -25.83
CA ILE B 139 -65.09 85.30 -25.86
C ILE B 139 -66.21 85.23 -26.90
N ALA B 140 -65.97 84.52 -28.02
CA ALA B 140 -66.94 84.46 -29.13
C ALA B 140 -66.97 85.67 -30.08
N SER B 141 -65.86 86.01 -30.75
CA SER B 141 -65.91 87.10 -31.75
C SER B 141 -64.64 87.49 -32.49
N GLY B 142 -64.78 88.51 -33.36
CA GLY B 142 -63.74 89.01 -34.24
C GLY B 142 -63.40 88.01 -35.34
N VAL B 143 -63.91 88.25 -36.56
CA VAL B 143 -63.87 87.23 -37.66
C VAL B 143 -62.98 86.00 -37.35
N ALA B 144 -63.70 84.89 -37.20
CA ALA B 144 -63.17 83.71 -36.60
C ALA B 144 -62.94 82.61 -37.65
N VAL B 145 -63.53 82.79 -38.83
CA VAL B 145 -63.38 81.84 -39.91
C VAL B 145 -61.93 81.69 -40.06
N SER B 146 -61.22 82.77 -39.73
CA SER B 146 -59.78 82.87 -39.90
C SER B 146 -59.17 81.76 -39.06
N LYS B 147 -59.22 81.91 -37.74
CA LYS B 147 -58.70 80.92 -36.79
C LYS B 147 -58.87 79.48 -37.25
N VAL B 148 -60.08 79.17 -37.74
CA VAL B 148 -60.38 77.84 -38.24
C VAL B 148 -59.25 77.28 -39.12
N LEU B 149 -58.86 78.05 -40.13
CA LEU B 149 -57.94 77.54 -41.13
C LEU B 149 -56.54 77.42 -40.59
N HIS B 150 -56.21 78.29 -39.63
CA HIS B 150 -54.91 78.23 -38.97
C HIS B 150 -54.85 77.01 -38.07
N LEU B 151 -56.03 76.64 -37.55
CA LEU B 151 -56.25 75.41 -36.77
C LEU B 151 -56.30 74.19 -37.64
N GLU B 152 -56.69 74.38 -38.88
CA GLU B 152 -56.74 73.29 -39.81
C GLU B 152 -55.33 72.83 -40.23
N GLY B 153 -54.44 73.79 -40.44
CA GLY B 153 -53.02 73.47 -40.64
C GLY B 153 -52.44 72.88 -39.37
N GLU B 154 -52.81 73.47 -38.25
CA GLU B 154 -52.37 73.01 -36.95
C GLU B 154 -52.78 71.56 -36.77
N VAL B 155 -54.08 71.28 -36.87
CA VAL B 155 -54.55 69.91 -36.79
C VAL B 155 -53.66 69.05 -37.64
N ASN B 156 -53.40 69.52 -38.85
CA ASN B 156 -52.76 68.69 -39.85
C ASN B 156 -51.34 68.32 -39.49
N LYS B 157 -50.65 69.24 -38.83
CA LYS B 157 -49.38 68.95 -38.20
C LYS B 157 -49.55 67.83 -37.18
N ILE B 158 -50.37 68.09 -36.17
CA ILE B 158 -50.56 67.11 -35.11
C ILE B 158 -50.77 65.71 -35.65
N LYS B 159 -51.64 65.57 -36.66
CA LYS B 159 -51.85 64.27 -37.25
C LYS B 159 -50.50 63.69 -37.55
N SER B 160 -49.75 64.36 -38.41
CA SER B 160 -48.45 63.83 -38.85
C SER B 160 -47.53 63.51 -37.69
N ALA B 161 -47.48 64.42 -36.72
CA ALA B 161 -46.69 64.21 -35.52
C ALA B 161 -47.08 62.96 -34.73
N LEU B 162 -48.37 62.73 -34.58
CA LEU B 162 -48.83 61.56 -33.88
C LEU B 162 -48.48 60.28 -34.62
N LEU B 163 -48.59 60.28 -35.94
CA LEU B 163 -48.25 59.08 -36.72
C LEU B 163 -46.81 58.68 -36.46
N SER B 164 -45.96 59.72 -36.44
CA SER B 164 -44.54 59.60 -36.16
C SER B 164 -44.35 58.95 -34.80
N THR B 165 -45.08 59.44 -33.81
CA THR B 165 -45.07 58.82 -32.49
C THR B 165 -45.51 57.36 -32.55
N ASN B 166 -46.60 57.07 -33.26
CA ASN B 166 -47.07 55.71 -33.34
C ASN B 166 -45.97 54.79 -33.79
N LYS B 167 -45.30 55.17 -34.87
CA LYS B 167 -44.17 54.43 -35.42
C LYS B 167 -43.02 54.34 -34.45
N ALA B 168 -42.88 55.32 -33.58
CA ALA B 168 -41.89 55.25 -32.53
C ALA B 168 -42.23 54.16 -31.55
N VAL B 169 -43.52 54.04 -31.20
CA VAL B 169 -43.94 53.03 -30.24
C VAL B 169 -43.85 51.65 -30.85
N VAL B 170 -44.07 51.57 -32.14
CA VAL B 170 -43.85 50.32 -32.86
C VAL B 170 -42.40 49.90 -32.74
N SER B 171 -41.48 50.78 -33.14
CA SER B 171 -40.10 50.46 -32.99
C SER B 171 -39.82 49.90 -31.61
N LEU B 172 -40.13 50.66 -30.56
CA LEU B 172 -39.82 50.21 -29.20
C LEU B 172 -40.45 48.85 -28.88
N SER B 173 -41.69 48.67 -29.28
CA SER B 173 -42.36 47.41 -29.04
C SER B 173 -41.56 46.26 -29.61
N ASN B 174 -41.08 46.42 -30.84
CA ASN B 174 -40.31 45.38 -31.53
C ASN B 174 -38.96 45.17 -30.90
N GLY B 175 -38.39 46.27 -30.40
CA GLY B 175 -37.19 46.20 -29.59
C GLY B 175 -37.40 45.28 -28.40
N VAL B 176 -38.42 45.57 -27.61
CA VAL B 176 -38.70 44.76 -26.44
C VAL B 176 -39.06 43.32 -26.84
N SER B 177 -39.93 43.19 -27.83
CA SER B 177 -40.29 41.89 -28.36
C SER B 177 -39.03 41.05 -28.53
N VAL B 178 -37.95 41.70 -28.92
CA VAL B 178 -36.72 40.99 -29.19
C VAL B 178 -35.92 40.74 -27.92
N LEU B 179 -35.72 41.79 -27.13
CA LEU B 179 -35.01 41.66 -25.86
C LEU B 179 -35.69 40.61 -24.99
N THR B 180 -37.02 40.58 -25.04
CA THR B 180 -37.74 39.50 -24.43
C THR B 180 -37.34 38.17 -25.06
N SER B 181 -37.58 38.03 -26.37
CA SER B 181 -37.17 36.83 -27.10
C SER B 181 -35.79 36.34 -26.65
N LYS B 182 -34.92 37.26 -26.26
CA LYS B 182 -33.55 36.90 -25.89
C LYS B 182 -33.34 36.55 -24.44
N VAL B 183 -34.05 37.21 -23.56
CA VAL B 183 -33.91 36.92 -22.14
C VAL B 183 -34.42 35.52 -21.87
N LEU B 184 -35.40 35.09 -22.66
CA LEU B 184 -35.85 33.72 -22.54
C LEU B 184 -34.66 32.82 -22.80
N ASP B 185 -34.03 33.01 -23.95
CA ASP B 185 -32.86 32.22 -24.30
C ASP B 185 -31.78 32.19 -23.24
N LEU B 186 -31.49 33.34 -22.64
CA LEU B 186 -30.54 33.37 -21.56
C LEU B 186 -30.98 32.42 -20.47
N LYS B 187 -32.23 32.56 -20.02
CA LYS B 187 -32.74 31.66 -19.01
C LYS B 187 -32.55 30.26 -19.52
N ASN B 188 -32.96 30.02 -20.76
CA ASN B 188 -32.92 28.67 -21.27
C ASN B 188 -31.50 28.05 -21.35
N TYR B 189 -30.50 28.85 -21.66
CA TYR B 189 -29.14 28.35 -21.57
C TYR B 189 -28.92 27.85 -20.17
N ILE B 190 -28.98 28.73 -19.20
CA ILE B 190 -28.85 28.30 -17.82
C ILE B 190 -29.62 27.01 -17.55
N ASP B 191 -30.94 27.02 -17.72
CA ASP B 191 -31.77 25.91 -17.23
C ASP B 191 -31.45 24.66 -17.98
N LYS B 192 -31.28 24.78 -19.28
CA LYS B 192 -31.23 23.59 -20.12
C LYS B 192 -29.84 23.25 -20.74
N GLN B 193 -28.82 24.01 -20.38
CA GLN B 193 -27.49 23.78 -20.91
C GLN B 193 -26.50 23.66 -19.77
N LEU B 194 -26.28 24.78 -19.08
CA LEU B 194 -25.34 24.86 -17.99
C LEU B 194 -25.76 24.05 -16.78
N LEU B 195 -26.94 24.37 -16.27
CA LEU B 195 -27.44 23.79 -15.03
C LEU B 195 -27.39 22.28 -14.94
N PRO B 196 -27.66 21.54 -16.03
CA PRO B 196 -27.43 20.09 -15.97
C PRO B 196 -25.99 19.75 -15.62
N ILE B 197 -25.05 20.40 -16.30
CA ILE B 197 -23.67 19.97 -16.21
C ILE B 197 -23.00 20.61 -15.04
N VAL B 198 -23.71 21.48 -14.34
CA VAL B 198 -23.18 21.93 -13.05
C VAL B 198 -23.49 20.81 -12.12
N ASN B 199 -24.76 20.49 -11.99
CA ASN B 199 -25.09 19.47 -11.05
C ASN B 199 -24.89 18.04 -11.62
N LYS B 200 -24.23 17.95 -12.75
CA LYS B 200 -23.61 16.69 -13.07
C LYS B 200 -22.27 16.59 -12.31
N GLN B 201 -21.50 17.67 -12.41
CA GLN B 201 -20.27 17.79 -11.66
C GLN B 201 -20.56 17.57 -10.21
N SER B 202 -21.61 18.20 -9.70
CA SER B 202 -21.94 18.08 -8.29
C SER B 202 -22.02 16.62 -7.90
N CYS B 203 -22.49 15.80 -8.85
CA CYS B 203 -22.54 14.38 -8.59
C CYS B 203 -21.16 13.71 -8.52
N SER B 204 -20.43 13.83 -9.63
CA SER B 204 -19.11 13.23 -9.74
C SER B 204 -18.28 13.56 -8.54
N ILE B 205 -18.34 14.80 -8.06
CA ILE B 205 -17.64 15.19 -6.84
C ILE B 205 -18.12 14.40 -5.63
N SER B 206 -19.43 14.34 -5.42
CA SER B 206 -19.97 13.54 -4.34
C SER B 206 -19.36 12.15 -4.38
N ASN B 207 -19.24 11.58 -5.57
CA ASN B 207 -18.60 10.27 -5.71
C ASN B 207 -17.14 10.25 -5.28
N ILE B 208 -16.35 11.09 -5.91
CA ILE B 208 -14.96 11.17 -5.58
C ILE B 208 -14.85 11.28 -4.09
N GLU B 209 -15.48 12.27 -3.51
CA GLU B 209 -15.44 12.43 -2.05
C GLU B 209 -15.77 11.14 -1.33
N THR B 210 -16.90 10.56 -1.68
CA THR B 210 -17.25 9.27 -1.12
C THR B 210 -16.07 8.29 -1.22
N VAL B 211 -15.57 8.03 -2.43
CA VAL B 211 -14.46 7.10 -2.58
C VAL B 211 -13.33 7.43 -1.60
N ILE B 212 -12.78 8.64 -1.69
CA ILE B 212 -11.67 9.04 -0.85
C ILE B 212 -11.98 8.73 0.58
N GLU B 213 -13.15 9.12 1.01
CA GLU B 213 -13.51 9.02 2.41
C GLU B 213 -13.68 7.56 2.80
N PHE B 214 -13.83 6.71 1.80
CA PHE B 214 -13.98 5.29 2.05
C PHE B 214 -12.64 4.71 2.43
N GLN B 215 -11.63 5.11 1.65
CA GLN B 215 -10.26 4.67 1.85
C GLN B 215 -9.72 5.23 3.14
N GLN B 216 -10.17 6.45 3.45
CA GLN B 216 -9.74 7.15 4.66
C GLN B 216 -10.23 6.43 5.90
N LYS B 217 -11.53 6.24 5.96
CA LYS B 217 -12.15 5.71 7.15
C LYS B 217 -11.96 4.21 7.27
N ASN B 218 -11.82 3.55 6.13
CA ASN B 218 -11.57 2.11 6.15
C ASN B 218 -10.12 1.71 6.13
N ASN B 219 -9.27 2.71 6.35
CA ASN B 219 -7.82 2.59 6.19
C ASN B 219 -7.26 1.32 6.83
N ARG B 220 -7.54 1.17 8.12
CA ARG B 220 -6.91 0.15 8.90
C ARG B 220 -7.29 -1.17 8.33
N LEU B 221 -8.56 -1.32 8.01
CA LEU B 221 -9.02 -2.56 7.38
C LEU B 221 -8.30 -2.85 6.08
N LEU B 222 -8.21 -1.85 5.21
CA LEU B 222 -7.53 -2.04 3.96
C LEU B 222 -6.09 -2.44 4.16
N GLU B 223 -5.37 -1.74 5.04
CA GLU B 223 -3.99 -2.09 5.26
C GLU B 223 -3.92 -3.55 5.62
N ILE B 224 -4.78 -4.00 6.51
CA ILE B 224 -4.74 -5.38 6.95
C ILE B 224 -4.98 -6.31 5.79
N THR B 225 -6.00 -6.01 5.02
CA THR B 225 -6.42 -6.83 3.92
C THR B 225 -5.25 -7.09 3.00
N ARG B 226 -4.46 -6.06 2.76
CA ARG B 226 -3.29 -6.17 1.92
C ARG B 226 -2.29 -7.11 2.55
N GLU B 227 -1.76 -6.70 3.70
CA GLU B 227 -0.90 -7.52 4.54
C GLU B 227 -1.26 -9.00 4.40
N PHE B 228 -2.54 -9.34 4.48
CA PHE B 228 -2.92 -10.73 4.46
C PHE B 228 -2.83 -11.32 3.09
N SER B 229 -3.18 -10.56 2.08
CA SER B 229 -3.06 -11.02 0.69
C SER B 229 -1.61 -11.32 0.26
N VAL B 230 -0.69 -10.61 0.88
CA VAL B 230 0.69 -10.70 0.51
C VAL B 230 1.32 -11.81 1.31
N ASN B 231 0.69 -12.23 2.38
CA ASN B 231 1.33 -13.17 3.27
C ASN B 231 0.53 -14.46 3.38
N ALA B 232 -0.40 -14.64 2.45
CA ALA B 232 -1.24 -15.80 2.47
C ALA B 232 -1.81 -15.97 3.87
N GLY B 233 -2.29 -14.89 4.46
CA GLY B 233 -3.06 -14.99 5.70
C GLY B 233 -2.32 -15.26 7.00
N VAL B 234 -1.04 -14.92 7.06
CA VAL B 234 -0.31 -15.00 8.32
C VAL B 234 0.84 -14.04 8.30
N THR B 235 1.05 -13.26 9.36
CA THR B 235 2.18 -12.34 9.32
C THR B 235 2.98 -12.46 10.55
N THR B 236 4.29 -12.18 10.46
CA THR B 236 5.08 -11.81 11.62
C THR B 236 5.66 -10.43 11.41
N PRO B 237 6.13 -9.82 12.49
CA PRO B 237 5.66 -8.65 13.17
C PRO B 237 4.16 -8.55 13.04
N VAL B 238 3.53 -8.21 14.14
CA VAL B 238 2.14 -7.90 14.13
C VAL B 238 2.11 -6.39 13.93
N SER B 239 1.72 -5.99 12.73
CA SER B 239 1.84 -4.61 12.37
C SER B 239 1.13 -3.70 13.36
N THR B 240 1.38 -2.41 13.23
CA THR B 240 0.62 -1.46 14.00
C THR B 240 -0.76 -1.35 13.38
N TYR B 241 -0.95 -1.95 12.21
CA TYR B 241 -2.30 -1.97 11.71
C TYR B 241 -3.08 -3.14 12.28
N MET B 242 -2.44 -4.27 12.55
CA MET B 242 -3.18 -5.40 13.13
C MET B 242 -3.49 -5.06 14.56
N LEU B 243 -2.50 -4.51 15.24
CA LEU B 243 -2.63 -4.13 16.62
C LEU B 243 -2.11 -2.73 16.86
N THR B 244 -2.94 -1.93 17.54
CA THR B 244 -2.55 -0.62 17.98
C THR B 244 -1.81 -0.78 19.25
N ASN B 245 -0.94 0.18 19.51
CA ASN B 245 -0.29 0.26 20.78
C ASN B 245 -1.31 0.25 21.91
N SER B 246 -2.31 1.13 21.81
CA SER B 246 -3.43 1.18 22.77
C SER B 246 -3.90 -0.23 23.03
N GLU B 247 -4.27 -0.89 21.95
CA GLU B 247 -4.78 -2.23 22.02
C GLU B 247 -3.77 -3.20 22.64
N LEU B 248 -2.63 -3.36 21.97
CA LEU B 248 -1.57 -4.21 22.46
C LEU B 248 -1.37 -3.99 23.96
N LEU B 249 -1.34 -2.74 24.35
CA LEU B 249 -1.06 -2.43 25.72
C LEU B 249 -2.09 -3.02 26.65
N SER B 250 -3.37 -2.82 26.35
CA SER B 250 -4.43 -3.33 27.24
C SER B 250 -4.56 -4.85 27.14
N LEU B 251 -4.21 -5.38 25.96
CA LEU B 251 -4.14 -6.81 25.77
C LEU B 251 -3.11 -7.44 26.68
N ILE B 252 -1.94 -6.82 26.74
CA ILE B 252 -0.90 -7.27 27.63
C ILE B 252 -1.49 -7.29 29.01
N ASN B 253 -2.05 -6.14 29.39
CA ASN B 253 -2.69 -6.00 30.67
C ASN B 253 -3.55 -7.21 31.04
N ASP B 254 -4.24 -7.77 30.05
CA ASP B 254 -5.18 -8.87 30.28
C ASP B 254 -4.53 -10.25 30.39
N MET B 255 -3.24 -10.34 30.10
CA MET B 255 -2.57 -11.63 30.07
C MET B 255 -2.29 -12.13 31.47
N PRO B 256 -2.49 -13.43 31.71
CA PRO B 256 -2.31 -14.11 33.00
C PRO B 256 -0.85 -14.23 33.46
N ILE B 257 -0.21 -13.07 33.68
CA ILE B 257 1.18 -13.01 34.10
C ILE B 257 1.42 -12.06 35.29
N THR B 258 2.62 -12.14 35.84
CA THR B 258 3.01 -11.28 36.95
C THR B 258 2.98 -9.80 36.52
N ASN B 259 3.13 -8.91 37.49
CA ASN B 259 3.08 -7.50 37.17
C ASN B 259 4.32 -6.91 36.55
N ASP B 260 5.49 -7.35 37.00
CA ASP B 260 6.78 -6.95 36.42
C ASP B 260 6.81 -7.43 34.98
N GLN B 261 6.33 -8.65 34.82
CA GLN B 261 6.20 -9.23 33.53
C GLN B 261 5.45 -8.26 32.63
N LYS B 262 4.25 -7.87 33.03
CA LYS B 262 3.49 -6.94 32.21
C LYS B 262 4.31 -5.70 31.89
N LYS B 263 4.96 -5.14 32.89
CA LYS B 263 5.73 -3.94 32.71
C LYS B 263 6.86 -4.13 31.71
N LEU B 264 7.50 -5.29 31.76
CA LEU B 264 8.58 -5.61 30.81
C LEU B 264 8.04 -5.59 29.40
N MET B 265 6.95 -6.32 29.21
CA MET B 265 6.28 -6.35 27.93
C MET B 265 5.91 -4.97 27.44
N SER B 266 5.31 -4.18 28.31
CA SER B 266 4.92 -2.84 27.94
C SER B 266 6.09 -1.98 27.52
N ASN B 267 7.24 -2.14 28.17
CA ASN B 267 8.41 -1.31 27.82
C ASN B 267 9.25 -1.85 26.65
N ASN B 268 8.66 -2.77 25.88
CA ASN B 268 9.38 -3.49 24.80
C ASN B 268 8.56 -3.90 23.60
N VAL B 269 7.41 -3.27 23.45
CA VAL B 269 6.52 -3.51 22.34
C VAL B 269 7.17 -4.03 21.06
N GLN B 270 8.28 -3.43 20.65
CA GLN B 270 8.89 -3.81 19.39
C GLN B 270 9.14 -5.34 19.32
N ILE B 271 10.02 -5.81 20.21
CA ILE B 271 10.33 -7.23 20.30
C ILE B 271 9.03 -8.04 20.32
N VAL B 272 8.18 -7.74 21.27
CA VAL B 272 6.92 -8.44 21.40
C VAL B 272 6.30 -8.61 20.04
N ARG B 273 6.15 -7.50 19.32
CA ARG B 273 5.51 -7.57 18.02
C ARG B 273 6.27 -8.50 17.08
N GLN B 274 7.59 -8.38 17.05
CA GLN B 274 8.38 -9.27 16.23
C GLN B 274 8.19 -10.72 16.65
N GLN B 275 7.79 -10.91 17.89
CA GLN B 275 7.67 -12.25 18.36
C GLN B 275 6.28 -12.79 18.18
N SER B 276 5.38 -11.97 17.66
CA SER B 276 3.98 -12.36 17.57
C SER B 276 3.54 -12.62 16.13
N TYR B 277 2.41 -13.31 15.99
CA TYR B 277 1.89 -13.65 14.69
C TYR B 277 0.50 -13.10 14.58
N SER B 278 0.01 -12.93 13.36
CA SER B 278 -1.39 -12.62 13.18
C SER B 278 -1.93 -13.57 12.16
N ILE B 279 -2.96 -14.29 12.52
CA ILE B 279 -3.54 -15.24 11.62
C ILE B 279 -4.91 -14.79 11.20
N MET B 280 -5.18 -14.89 9.92
CA MET B 280 -6.44 -14.41 9.42
C MET B 280 -7.43 -15.42 9.85
N SER B 281 -8.57 -14.99 10.36
CA SER B 281 -9.60 -15.93 10.81
C SER B 281 -10.78 -16.07 9.84
N ILE B 282 -11.63 -15.04 9.71
CA ILE B 282 -12.68 -15.04 8.69
C ILE B 282 -12.98 -13.68 8.09
N ILE B 283 -13.20 -13.73 6.77
CA ILE B 283 -13.44 -12.53 5.96
C ILE B 283 -14.80 -12.59 5.34
N LYS B 284 -15.56 -11.53 5.52
CA LYS B 284 -16.84 -11.37 4.92
C LYS B 284 -16.77 -10.00 4.38
N GLU B 285 -17.60 -9.72 3.38
CA GLU B 285 -17.55 -8.46 2.68
C GLU B 285 -17.52 -7.27 3.63
N GLU B 286 -18.22 -7.38 4.75
CA GLU B 286 -18.34 -6.25 5.66
C GLU B 286 -17.70 -6.48 7.01
N VAL B 287 -17.13 -7.66 7.23
CA VAL B 287 -16.36 -7.87 8.44
C VAL B 287 -15.17 -8.74 8.22
N LEU B 288 -14.09 -8.39 8.91
CA LEU B 288 -12.85 -9.14 8.89
C LEU B 288 -12.47 -9.43 10.34
N ALA B 289 -12.13 -10.67 10.62
CA ALA B 289 -11.74 -11.02 11.94
C ALA B 289 -10.55 -11.90 11.82
N TYR B 290 -9.58 -11.68 12.69
CA TYR B 290 -8.34 -12.45 12.70
C TYR B 290 -7.81 -12.62 14.12
N VAL B 291 -6.95 -13.59 14.29
CA VAL B 291 -6.44 -13.89 15.60
C VAL B 291 -5.03 -13.45 15.73
N VAL B 292 -4.80 -12.63 16.73
CA VAL B 292 -3.46 -12.23 17.09
C VAL B 292 -2.84 -13.20 18.08
N GLN B 293 -1.56 -13.40 17.98
CA GLN B 293 -0.93 -14.41 18.77
C GLN B 293 0.30 -13.88 19.46
N LEU B 294 0.21 -13.75 20.78
CA LEU B 294 1.20 -13.05 21.54
C LEU B 294 2.01 -14.02 22.36
N PRO B 295 3.29 -13.68 22.64
CA PRO B 295 4.14 -14.57 23.42
C PRO B 295 3.85 -14.46 24.92
N LEU B 296 4.11 -15.55 25.64
CA LEU B 296 4.03 -15.54 27.10
C LEU B 296 5.29 -16.15 27.64
N TYR B 297 5.94 -15.40 28.55
CA TYR B 297 7.19 -15.86 29.16
C TYR B 297 6.99 -16.56 30.48
N GLY B 298 7.62 -17.71 30.62
CA GLY B 298 7.50 -18.45 31.84
C GLY B 298 8.57 -18.07 32.82
N VAL B 299 9.48 -17.19 32.41
CA VAL B 299 10.54 -16.69 33.31
C VAL B 299 11.12 -15.38 32.87
N ILE B 300 11.37 -14.51 33.84
CA ILE B 300 11.91 -13.19 33.59
C ILE B 300 13.13 -13.01 34.45
N ASP B 301 14.08 -12.16 34.02
CA ASP B 301 15.11 -11.63 34.92
C ASP B 301 16.15 -12.66 35.39
N THR B 302 16.29 -13.74 34.62
CA THR B 302 17.38 -14.68 34.82
C THR B 302 18.57 -14.17 34.04
N PRO B 303 19.78 -14.38 34.56
CA PRO B 303 20.89 -13.91 33.75
C PRO B 303 21.00 -14.73 32.47
N CYS B 304 21.39 -14.09 31.37
CA CYS B 304 21.87 -14.81 30.19
C CYS B 304 23.23 -14.32 29.77
N TRP B 305 23.85 -15.08 28.87
CA TRP B 305 25.12 -14.68 28.32
C TRP B 305 25.29 -15.17 26.90
N LYS B 306 26.06 -14.45 26.09
CA LYS B 306 26.34 -14.91 24.75
C LYS B 306 27.78 -15.34 24.61
N LEU B 307 27.96 -16.50 24.02
CA LEU B 307 29.27 -17.09 23.87
C LEU B 307 29.75 -16.94 22.44
N HIS B 308 30.97 -16.46 22.30
CA HIS B 308 31.62 -16.46 20.99
C HIS B 308 32.88 -17.27 21.11
N THR B 309 33.46 -17.64 19.98
CA THR B 309 34.33 -18.78 19.98
C THR B 309 35.27 -18.67 18.82
N SER B 310 36.57 -18.88 19.04
CA SER B 310 37.52 -18.81 17.95
C SER B 310 38.56 -19.89 18.08
N PRO B 311 39.15 -20.33 16.96
CA PRO B 311 40.14 -21.39 16.96
C PRO B 311 41.34 -21.11 17.89
N LEU B 312 41.97 -22.20 18.36
CA LEU B 312 43.01 -22.21 19.37
C LEU B 312 44.02 -23.28 19.00
N CYS B 313 45.21 -22.90 18.58
CA CYS B 313 46.17 -23.92 18.19
C CYS B 313 47.30 -23.95 19.18
N THR B 314 48.11 -25.01 19.11
CA THR B 314 49.17 -25.31 20.08
C THR B 314 50.54 -25.48 19.38
N THR B 315 51.57 -25.92 20.14
CA THR B 315 53.03 -25.77 19.81
C THR B 315 54.00 -27.01 19.83
N ASN B 316 54.25 -27.61 21.02
CA ASN B 316 55.38 -28.57 21.27
C ASN B 316 55.26 -30.05 20.79
N SER B 321 52.56 -30.00 19.61
CA SER B 321 52.73 -29.92 18.15
C SER B 321 51.54 -30.48 17.33
N ASN B 322 50.75 -29.55 16.76
CA ASN B 322 49.73 -29.79 15.67
C ASN B 322 48.28 -30.19 16.03
N ILE B 323 47.66 -29.40 16.90
CA ILE B 323 46.23 -29.56 17.14
C ILE B 323 45.54 -28.19 17.25
N CYS B 324 44.42 -28.04 16.54
CA CYS B 324 43.58 -26.83 16.60
C CYS B 324 42.17 -27.15 17.04
N LEU B 325 41.71 -26.35 18.00
CA LEU B 325 40.42 -26.49 18.69
C LEU B 325 39.46 -25.34 18.44
N THR B 326 38.23 -25.61 18.02
CA THR B 326 37.27 -24.54 18.02
C THR B 326 36.12 -25.07 18.80
N ARG B 327 35.66 -24.27 19.73
CA ARG B 327 34.55 -24.68 20.54
C ARG B 327 33.23 -24.56 19.72
N THR B 328 32.46 -25.64 19.59
CA THR B 328 31.35 -25.67 18.66
C THR B 328 30.16 -24.85 19.09
N ASP B 329 29.81 -25.00 20.36
CA ASP B 329 28.51 -24.63 20.94
C ASP B 329 28.31 -23.11 21.18
N ARG B 330 28.20 -22.31 20.14
CA ARG B 330 28.10 -20.86 20.34
C ARG B 330 26.66 -20.44 20.38
N GLY B 331 26.46 -19.25 20.91
CA GLY B 331 25.13 -18.67 21.02
C GLY B 331 24.74 -18.24 22.43
N TRP B 332 23.45 -18.15 22.68
CA TRP B 332 22.97 -17.69 23.95
C TRP B 332 22.74 -18.78 24.96
N TYR B 333 23.41 -18.63 26.08
CA TYR B 333 23.06 -19.40 27.22
C TYR B 333 22.29 -18.45 28.07
N CYS B 334 21.63 -19.01 29.08
CA CYS B 334 20.64 -18.26 29.82
C CYS B 334 19.93 -19.18 30.82
N ASP B 335 19.98 -18.82 32.10
CA ASP B 335 19.60 -19.74 33.19
C ASP B 335 18.13 -20.05 33.23
N ASN B 336 17.78 -21.32 33.38
CA ASN B 336 16.40 -21.74 33.63
C ASN B 336 16.35 -22.36 35.00
N ALA B 337 15.25 -23.06 35.30
CA ALA B 337 15.02 -23.55 36.64
C ALA B 337 16.18 -24.44 37.15
N GLY B 338 17.22 -23.80 37.68
CA GLY B 338 18.36 -24.51 38.29
C GLY B 338 19.34 -25.12 37.30
N SER B 339 18.97 -25.03 36.03
CA SER B 339 19.72 -25.62 34.97
C SER B 339 19.81 -24.49 33.98
N VAL B 340 20.41 -24.72 32.82
CA VAL B 340 20.70 -23.66 31.83
C VAL B 340 20.18 -24.05 30.48
N SER B 341 19.46 -23.11 29.87
CA SER B 341 18.89 -23.25 28.50
C SER B 341 19.76 -22.63 27.39
N PHE B 342 20.04 -23.45 26.39
CA PHE B 342 20.89 -23.03 25.31
C PHE B 342 20.10 -23.00 23.99
N PHE B 343 20.25 -21.90 23.26
CA PHE B 343 19.56 -21.65 22.01
C PHE B 343 20.62 -21.54 20.95
N PRO B 344 20.67 -22.55 20.08
CA PRO B 344 21.74 -22.79 19.09
C PRO B 344 21.95 -21.68 18.04
N GLN B 345 20.86 -21.11 17.52
CA GLN B 345 20.97 -20.08 16.46
C GLN B 345 20.18 -18.72 16.64
N ALA B 346 20.92 -17.59 16.50
CA ALA B 346 20.40 -16.18 16.50
C ALA B 346 18.85 -16.08 16.56
N GLU B 347 18.22 -16.21 15.38
CA GLU B 347 16.84 -16.70 15.19
C GLU B 347 15.96 -16.72 16.40
N THR B 348 16.25 -17.67 17.27
CA THR B 348 15.51 -17.89 18.49
C THR B 348 15.56 -16.71 19.46
N CYS B 349 16.60 -15.87 19.40
CA CYS B 349 16.78 -14.79 20.38
C CYS B 349 16.87 -13.39 19.83
N LYS B 350 16.21 -12.45 20.48
CA LYS B 350 16.45 -11.03 20.19
C LYS B 350 16.60 -10.24 21.44
N VAL B 351 17.25 -9.10 21.29
CA VAL B 351 17.86 -8.44 22.40
C VAL B 351 17.79 -6.93 22.24
N GLN B 352 17.53 -6.25 23.34
CA GLN B 352 17.31 -4.80 23.35
C GLN B 352 17.92 -4.19 24.59
N SER B 353 19.07 -3.54 24.42
CA SER B 353 19.89 -3.14 25.54
C SER B 353 20.33 -4.41 26.25
N ASN B 354 20.07 -4.51 27.56
CA ASN B 354 20.49 -5.68 28.33
C ASN B 354 19.35 -6.67 28.54
N ARG B 355 18.35 -6.52 27.69
CA ARG B 355 17.20 -7.34 27.75
C ARG B 355 17.23 -8.35 26.63
N VAL B 356 16.99 -9.61 26.96
CA VAL B 356 17.03 -10.67 25.96
C VAL B 356 15.74 -11.43 25.99
N PHE B 357 15.38 -11.96 24.83
CA PHE B 357 14.13 -12.67 24.68
C PHE B 357 14.42 -13.85 23.84
N CYS B 358 14.24 -15.03 24.42
CA CYS B 358 14.44 -16.24 23.66
C CYS B 358 13.20 -17.14 23.63
N ASP B 359 13.26 -18.15 22.78
CA ASP B 359 12.17 -19.07 22.61
C ASP B 359 12.58 -20.47 23.03
N THR B 360 11.96 -20.94 24.13
CA THR B 360 12.14 -22.31 24.59
C THR B 360 12.07 -23.27 23.42
N MET B 361 10.93 -23.28 22.73
CA MET B 361 10.66 -24.22 21.65
C MET B 361 11.75 -25.21 21.29
N ASN B 362 12.86 -24.74 20.73
CA ASN B 362 13.90 -25.72 20.45
C ASN B 362 15.13 -25.80 21.35
N SER B 363 15.17 -24.96 22.38
CA SER B 363 16.24 -24.96 23.39
C SER B 363 16.79 -26.32 23.80
N LEU B 364 18.03 -26.32 24.27
CA LEU B 364 18.66 -27.49 24.86
C LEU B 364 18.93 -27.22 26.32
N THR B 365 18.53 -28.14 27.19
CA THR B 365 18.69 -27.89 28.60
C THR B 365 19.97 -28.52 29.05
N LEU B 366 20.76 -27.78 29.82
CA LEU B 366 22.12 -28.17 30.17
C LEU B 366 22.41 -27.80 31.60
N PRO B 367 23.41 -28.45 32.18
CA PRO B 367 23.78 -28.16 33.57
C PRO B 367 24.70 -26.95 33.67
N SER B 368 24.65 -26.27 34.81
CA SER B 368 25.55 -25.18 35.13
C SER B 368 27.01 -25.58 34.87
N GLU B 369 27.30 -26.86 35.00
CA GLU B 369 28.64 -27.41 34.72
C GLU B 369 29.15 -27.07 33.31
N VAL B 370 28.24 -26.71 32.41
CA VAL B 370 28.62 -26.18 31.11
C VAL B 370 29.67 -25.08 31.21
N ASN B 371 29.52 -24.23 32.23
CA ASN B 371 30.41 -23.07 32.46
C ASN B 371 31.89 -23.35 32.58
N LEU B 372 32.24 -24.48 33.18
CA LEU B 372 33.65 -24.81 33.30
C LEU B 372 34.29 -24.97 31.94
N CYS B 373 33.47 -25.18 30.92
CA CYS B 373 33.98 -25.28 29.59
C CYS B 373 34.57 -23.99 29.08
N ASN B 374 34.21 -22.86 29.69
CA ASN B 374 34.80 -21.58 29.30
C ASN B 374 36.23 -21.48 29.71
N VAL B 375 36.57 -22.24 30.75
CA VAL B 375 37.90 -22.26 31.36
C VAL B 375 38.74 -23.44 30.86
N ASP B 376 38.14 -24.62 30.76
CA ASP B 376 38.97 -25.79 30.55
C ASP B 376 38.77 -26.67 29.31
N ILE B 377 37.53 -27.00 28.95
CA ILE B 377 37.28 -27.88 27.77
C ILE B 377 37.43 -29.35 28.16
N PHE B 378 38.66 -29.68 28.53
CA PHE B 378 39.00 -30.94 29.16
C PHE B 378 38.91 -30.67 30.62
N ASN B 379 38.08 -31.45 31.25
CA ASN B 379 37.83 -31.39 32.65
C ASN B 379 36.75 -32.40 32.83
N PRO B 380 36.87 -33.20 33.90
CA PRO B 380 35.78 -34.05 34.41
C PRO B 380 34.57 -33.16 34.59
N LYS B 381 33.36 -33.72 34.66
CA LYS B 381 32.18 -32.87 34.86
C LYS B 381 31.51 -32.48 33.53
N TYR B 382 32.28 -32.02 32.55
CA TYR B 382 31.71 -31.75 31.22
C TYR B 382 32.55 -32.09 30.00
N ASP B 383 32.12 -33.11 29.28
CA ASP B 383 32.57 -33.26 27.92
C ASP B 383 31.88 -32.18 27.08
N CYS B 384 32.65 -31.65 26.17
CA CYS B 384 32.59 -30.27 25.88
C CYS B 384 32.71 -30.12 24.36
N LYS B 385 31.69 -29.55 23.72
CA LYS B 385 31.61 -29.61 22.25
C LYS B 385 32.69 -28.74 21.60
N ILE B 386 33.34 -29.33 20.60
CA ILE B 386 34.61 -28.92 20.07
C ILE B 386 34.71 -29.40 18.64
N MET B 387 35.50 -28.72 17.82
CA MET B 387 35.96 -29.39 16.62
C MET B 387 37.48 -29.36 16.44
N THR B 388 37.95 -30.28 15.60
CA THR B 388 39.35 -30.64 15.57
C THR B 388 40.03 -30.30 14.28
N SER B 389 41.24 -29.75 14.39
CA SER B 389 42.09 -29.68 13.23
C SER B 389 43.52 -30.13 13.48
N LYS B 390 44.04 -30.88 12.52
CA LYS B 390 45.46 -31.26 12.48
C LYS B 390 46.41 -30.07 12.20
N THR B 391 45.99 -29.15 11.34
CA THR B 391 46.82 -28.08 10.79
C THR B 391 46.43 -26.72 11.39
N ASP B 392 47.38 -25.79 11.44
CA ASP B 392 47.11 -24.44 11.90
C ASP B 392 46.07 -23.77 11.06
N VAL B 393 45.10 -23.16 11.71
CA VAL B 393 44.06 -22.38 11.04
C VAL B 393 44.01 -21.05 11.73
N SER B 394 44.09 -19.94 10.99
CA SER B 394 44.10 -18.64 11.65
C SER B 394 42.85 -17.94 11.25
N SER B 395 42.18 -17.23 12.16
CA SER B 395 41.14 -16.26 11.74
C SER B 395 40.64 -15.30 12.85
N SER B 396 39.54 -14.58 12.57
CA SER B 396 39.01 -13.63 13.53
C SER B 396 37.51 -13.69 13.68
N VAL B 397 37.03 -13.32 14.85
CA VAL B 397 35.62 -13.46 15.21
C VAL B 397 35.15 -12.24 15.97
N ILE B 398 34.11 -11.57 15.48
CA ILE B 398 33.69 -10.33 16.12
C ILE B 398 32.62 -10.49 17.17
N THR B 399 32.89 -9.93 18.34
CA THR B 399 32.00 -10.09 19.46
C THR B 399 31.12 -8.86 19.69
N SER B 400 30.28 -8.96 20.72
CA SER B 400 29.32 -7.91 21.08
C SER B 400 30.06 -6.64 21.36
N LEU B 401 31.22 -6.78 21.99
CA LEU B 401 31.85 -5.68 22.68
C LEU B 401 33.35 -5.54 22.36
N GLY B 402 33.82 -6.39 21.45
CA GLY B 402 35.17 -6.31 20.88
C GLY B 402 35.34 -7.33 19.77
N ALA B 403 36.52 -7.96 19.74
CA ALA B 403 36.80 -9.00 18.77
C ALA B 403 37.85 -9.94 19.27
N ILE B 404 37.86 -11.13 18.70
CA ILE B 404 38.88 -12.13 18.96
C ILE B 404 39.67 -12.31 17.69
N VAL B 405 40.90 -12.73 17.86
CA VAL B 405 41.77 -12.99 16.73
C VAL B 405 42.77 -14.10 17.05
N SER B 406 42.68 -15.14 16.24
CA SER B 406 43.54 -16.29 16.34
C SER B 406 44.55 -16.22 15.23
N CYS B 407 45.75 -15.75 15.55
CA CYS B 407 46.80 -15.64 14.56
C CYS B 407 47.83 -16.75 14.71
N TYR B 408 47.89 -17.62 13.72
CA TYR B 408 48.71 -18.81 13.82
C TYR B 408 49.46 -19.13 12.54
N GLY B 409 50.46 -19.99 12.65
CA GLY B 409 51.35 -20.26 11.53
C GLY B 409 51.98 -19.01 10.90
N LYS B 410 51.96 -18.97 9.58
CA LYS B 410 52.59 -17.89 8.84
C LYS B 410 51.79 -16.59 8.74
N THR B 411 50.56 -16.58 9.25
CA THR B 411 49.66 -15.47 8.95
C THR B 411 49.93 -14.21 9.77
N LYS B 412 49.70 -13.04 9.15
CA LYS B 412 49.91 -11.75 9.80
C LYS B 412 48.61 -11.10 10.25
N CYS B 413 48.60 -10.59 11.49
CA CYS B 413 47.39 -9.98 12.05
C CYS B 413 47.62 -8.61 12.70
N THR B 414 46.63 -7.74 12.61
CA THR B 414 46.79 -6.32 12.78
C THR B 414 45.54 -5.71 13.34
N ALA B 415 45.62 -5.07 14.49
CA ALA B 415 44.48 -4.27 14.92
C ALA B 415 44.78 -2.80 14.64
N SER B 416 43.91 -2.10 13.92
CA SER B 416 44.10 -0.67 13.67
C SER B 416 43.00 0.14 14.35
N ASN B 417 43.34 1.39 14.72
CA ASN B 417 42.41 2.25 15.45
C ASN B 417 41.43 2.94 14.54
N LYS B 418 40.60 3.76 15.18
CA LYS B 418 39.62 4.65 14.53
C LYS B 418 40.03 5.17 13.12
N ASN B 419 41.20 5.82 13.08
CA ASN B 419 41.80 6.44 11.86
C ASN B 419 42.67 5.52 10.99
N ARG B 420 42.78 4.24 11.39
CA ARG B 420 43.57 3.22 10.66
C ARG B 420 45.07 3.13 11.07
N GLY B 421 45.60 4.12 11.82
CA GLY B 421 46.87 3.89 12.54
C GLY B 421 46.81 2.47 13.14
N ILE B 422 47.81 1.64 12.87
CA ILE B 422 47.87 0.26 13.40
C ILE B 422 48.32 0.25 14.85
N ILE B 423 47.54 -0.31 15.77
CA ILE B 423 47.97 -0.32 17.19
C ILE B 423 48.71 -1.59 17.63
N LYS B 424 48.12 -2.73 17.35
CA LYS B 424 48.68 -3.96 17.84
C LYS B 424 49.12 -4.74 16.63
N THR B 425 50.02 -5.68 16.84
CA THR B 425 50.41 -6.61 15.79
C THR B 425 50.67 -7.95 16.47
N PHE B 426 50.26 -9.05 15.85
CA PHE B 426 49.82 -10.21 16.62
C PHE B 426 50.73 -11.40 16.83
N SER B 427 51.02 -11.62 18.10
CA SER B 427 52.02 -12.57 18.50
C SER B 427 51.56 -14.02 18.40
N ASN B 428 51.41 -14.51 17.17
CA ASN B 428 51.24 -15.97 16.92
C ASN B 428 50.45 -16.79 17.98
N GLY B 429 49.31 -16.26 18.43
CA GLY B 429 48.46 -16.93 19.43
C GLY B 429 47.00 -16.56 19.26
N CYS B 430 46.34 -16.20 20.35
CA CYS B 430 44.92 -15.84 20.33
C CYS B 430 44.57 -14.75 21.36
N ASP B 431 44.27 -13.55 20.86
CA ASP B 431 44.02 -12.40 21.71
C ASP B 431 42.62 -11.83 21.57
N TYR B 432 42.27 -10.87 22.42
CA TYR B 432 41.00 -10.15 22.38
C TYR B 432 41.26 -8.65 22.30
N VAL B 433 40.35 -7.86 21.72
CA VAL B 433 40.49 -6.40 21.71
C VAL B 433 39.12 -5.77 21.91
N SER B 434 39.02 -4.46 22.13
CA SER B 434 37.67 -3.89 22.29
C SER B 434 37.44 -2.55 21.58
N ASN B 435 36.18 -2.11 21.49
CA ASN B 435 35.83 -0.81 20.87
C ASN B 435 36.34 0.38 21.67
N LYS B 436 36.58 1.47 20.96
CA LYS B 436 37.66 2.40 21.29
C LYS B 436 38.85 1.59 21.63
N GLY B 437 39.98 2.05 21.14
CA GLY B 437 41.08 1.18 20.89
C GLY B 437 40.78 0.80 19.46
N VAL B 438 40.16 -0.36 19.29
CA VAL B 438 40.18 -1.02 18.00
C VAL B 438 38.93 -0.84 17.19
N ASP B 439 39.17 -0.71 15.90
CA ASP B 439 38.16 -0.41 14.92
C ASP B 439 38.15 -1.46 13.79
N THR B 440 39.31 -2.07 13.61
CA THR B 440 39.59 -2.93 12.49
C THR B 440 40.61 -3.97 12.91
N VAL B 441 40.42 -5.22 12.53
CA VAL B 441 41.52 -6.17 12.56
C VAL B 441 41.64 -6.78 11.19
N SER B 442 42.84 -7.12 10.79
CA SER B 442 43.04 -7.72 9.51
C SER B 442 43.79 -8.98 9.77
N VAL B 443 43.38 -10.05 9.08
CA VAL B 443 44.01 -11.35 9.11
C VAL B 443 44.38 -11.64 7.69
N GLY B 444 45.66 -11.79 7.44
CA GLY B 444 46.12 -11.92 6.07
C GLY B 444 45.48 -10.84 5.25
N ASN B 445 44.76 -11.26 4.23
CA ASN B 445 44.14 -10.30 3.35
C ASN B 445 42.71 -9.97 3.62
N THR B 446 42.14 -10.61 4.62
CA THR B 446 40.76 -10.42 4.96
C THR B 446 40.69 -9.37 6.01
N LEU B 447 39.79 -8.43 5.90
CA LEU B 447 39.70 -7.37 6.85
C LEU B 447 38.43 -7.50 7.64
N TYR B 448 38.52 -7.40 8.95
CA TYR B 448 37.32 -7.46 9.78
C TYR B 448 37.06 -6.11 10.44
N TYR B 449 35.80 -5.69 10.51
CA TYR B 449 35.44 -4.42 11.12
C TYR B 449 34.84 -4.52 12.50
N VAL B 450 35.57 -4.12 13.53
CA VAL B 450 35.05 -4.28 14.87
C VAL B 450 33.93 -3.31 15.22
N ASN B 451 33.91 -2.16 14.57
CA ASN B 451 32.81 -1.22 14.74
C ASN B 451 32.11 -0.94 13.44
N LYS B 452 30.90 -0.43 13.49
CA LYS B 452 30.21 -0.18 12.23
C LYS B 452 30.78 1.11 11.69
N GLN B 453 30.96 1.17 10.38
CA GLN B 453 31.53 2.36 9.82
C GLN B 453 30.45 3.34 9.49
N GLU B 454 30.50 4.50 10.14
CA GLU B 454 29.59 5.61 9.86
C GLU B 454 29.91 6.13 8.47
N GLY B 455 28.92 6.70 7.81
CA GLY B 455 29.20 7.38 6.56
C GLY B 455 28.02 8.20 6.12
N LYS B 456 28.29 9.32 5.50
CA LYS B 456 27.34 10.03 4.66
C LYS B 456 25.89 9.97 5.03
N SER B 457 25.37 10.99 5.69
CA SER B 457 23.93 11.13 5.85
C SER B 457 23.39 11.53 4.53
N LEU B 458 22.18 11.08 4.25
CA LEU B 458 21.51 11.47 3.05
C LEU B 458 20.23 12.14 3.43
N TYR B 459 19.91 13.18 2.70
CA TYR B 459 18.87 14.08 3.14
C TYR B 459 17.92 14.34 2.01
N VAL B 460 16.64 14.27 2.27
CA VAL B 460 15.69 14.49 1.21
C VAL B 460 14.62 15.48 1.56
N LYS B 461 14.75 16.69 1.02
CA LYS B 461 13.95 17.85 1.39
C LYS B 461 12.54 17.78 0.78
N GLY B 462 11.57 18.36 1.47
CA GLY B 462 10.24 18.61 0.90
C GLY B 462 9.85 20.09 1.05
N GLU B 463 9.11 20.63 0.08
CA GLU B 463 8.55 21.98 0.22
C GLU B 463 7.12 21.84 0.85
N PRO B 464 6.39 22.95 1.05
CA PRO B 464 5.01 22.72 1.44
C PRO B 464 4.05 22.99 0.29
N ILE B 465 2.84 22.44 0.42
CA ILE B 465 1.90 22.30 -0.67
C ILE B 465 0.56 23.12 -0.52
N ILE B 466 0.11 23.65 -1.66
CA ILE B 466 -0.76 24.87 -1.74
C ILE B 466 -2.27 24.67 -2.03
N ASN B 467 -3.12 24.93 -1.00
CA ASN B 467 -4.62 24.92 -1.16
C ASN B 467 -5.24 26.25 -1.68
N PHE B 468 -5.40 26.28 -3.01
CA PHE B 468 -5.13 27.41 -3.92
C PHE B 468 -6.41 28.03 -4.51
N TYR B 469 -7.46 28.15 -3.71
CA TYR B 469 -8.80 28.38 -4.25
C TYR B 469 -9.29 29.83 -4.40
N ASP B 470 -10.03 30.08 -5.48
CA ASP B 470 -10.42 31.45 -5.80
C ASP B 470 -11.91 31.69 -6.13
N PRO B 471 -12.63 32.31 -5.18
CA PRO B 471 -14.08 32.34 -5.33
C PRO B 471 -14.49 33.18 -6.51
N LEU B 472 -15.65 32.85 -7.03
CA LEU B 472 -16.32 33.68 -8.01
C LEU B 472 -17.30 34.60 -7.30
N VAL B 473 -17.27 35.88 -7.66
CA VAL B 473 -18.20 36.79 -7.01
C VAL B 473 -18.88 37.82 -7.91
N PHE B 474 -20.17 38.06 -7.63
CA PHE B 474 -21.01 38.85 -8.51
C PHE B 474 -21.32 40.30 -8.08
N PRO B 475 -21.20 41.26 -9.02
CA PRO B 475 -21.47 42.70 -8.80
C PRO B 475 -22.87 43.04 -8.29
N SER B 476 -23.49 42.11 -7.56
CA SER B 476 -24.91 42.19 -7.14
C SER B 476 -25.43 43.60 -6.87
N ASP B 477 -24.73 44.33 -6.03
CA ASP B 477 -25.21 45.64 -5.65
C ASP B 477 -25.30 46.59 -6.84
N GLU B 478 -24.21 46.71 -7.58
CA GLU B 478 -24.11 47.62 -8.72
C GLU B 478 -25.14 47.29 -9.83
N PHE B 479 -25.45 46.01 -9.97
CA PHE B 479 -26.51 45.56 -10.85
C PHE B 479 -27.89 46.01 -10.32
N ASP B 480 -28.22 45.61 -9.08
CA ASP B 480 -29.50 45.98 -8.45
C ASP B 480 -29.76 47.47 -8.51
N ALA B 481 -28.66 48.22 -8.60
CA ALA B 481 -28.70 49.65 -8.74
C ALA B 481 -29.29 50.04 -10.10
N SER B 482 -28.67 49.54 -11.16
CA SER B 482 -29.16 49.75 -12.52
C SER B 482 -30.64 49.45 -12.65
N ILE B 483 -31.08 48.35 -12.04
CA ILE B 483 -32.48 47.96 -12.13
C ILE B 483 -33.42 48.85 -11.32
N SER B 484 -33.14 49.00 -10.02
CA SER B 484 -33.96 49.86 -9.20
C SER B 484 -34.01 51.20 -9.92
N GLN B 485 -33.15 51.35 -10.92
CA GLN B 485 -33.09 52.54 -11.72
C GLN B 485 -33.76 52.46 -13.09
N VAL B 486 -33.99 51.26 -13.60
CA VAL B 486 -34.84 51.10 -14.79
C VAL B 486 -36.25 51.42 -14.36
N ASN B 487 -36.57 51.04 -13.14
CA ASN B 487 -37.87 51.37 -12.59
C ASN B 487 -38.08 52.88 -12.38
N GLU B 488 -37.00 53.63 -12.16
CA GLU B 488 -37.03 55.10 -12.28
C GLU B 488 -37.80 55.45 -13.54
N LYS B 489 -37.34 54.95 -14.68
CA LYS B 489 -37.88 55.33 -15.96
C LYS B 489 -39.28 54.89 -16.22
N ILE B 490 -39.62 53.66 -15.86
CA ILE B 490 -41.00 53.24 -16.02
C ILE B 490 -41.89 54.09 -15.13
N ASN B 491 -41.64 54.05 -13.82
CA ASN B 491 -42.33 54.92 -12.87
C ASN B 491 -42.51 56.35 -13.40
N GLN B 492 -41.49 56.84 -14.08
CA GLN B 492 -41.45 58.16 -14.67
C GLN B 492 -42.38 58.24 -15.86
N SER B 493 -42.30 57.21 -16.70
CA SER B 493 -43.06 57.11 -17.94
C SER B 493 -44.57 57.10 -17.68
N LEU B 494 -45.01 56.19 -16.82
CA LEU B 494 -46.40 56.08 -16.40
C LEU B 494 -47.00 57.40 -15.94
N ALA B 495 -46.23 58.13 -15.15
CA ALA B 495 -46.61 59.45 -14.66
C ALA B 495 -46.74 60.49 -15.79
N PHE B 496 -45.89 60.41 -16.80
CA PHE B 496 -46.06 61.25 -17.97
C PHE B 496 -47.37 60.97 -18.67
N ILE B 497 -47.72 59.70 -18.84
CA ILE B 497 -49.01 59.32 -19.44
C ILE B 497 -50.18 59.78 -18.57
N ARG B 498 -50.15 59.40 -17.29
CA ARG B 498 -51.03 59.92 -16.26
C ARG B 498 -51.45 61.37 -16.53
N LYS B 499 -50.44 62.22 -16.69
CA LYS B 499 -50.59 63.63 -17.01
C LYS B 499 -51.28 63.86 -18.35
N SER B 500 -50.82 63.16 -19.39
CA SER B 500 -51.44 63.23 -20.71
C SER B 500 -52.95 62.93 -20.67
N ASP B 501 -53.31 61.82 -20.02
CA ASP B 501 -54.70 61.39 -19.96
C ASP B 501 -55.60 62.43 -19.30
N GLU B 502 -55.14 63.01 -18.19
CA GLU B 502 -55.91 64.04 -17.48
C GLU B 502 -56.31 65.14 -18.44
N LEU B 503 -55.35 65.58 -19.25
CA LEU B 503 -55.60 66.62 -20.21
C LEU B 503 -56.68 66.25 -21.20
N LEU B 504 -56.76 64.97 -21.53
CA LEU B 504 -57.75 64.51 -22.50
C LEU B 504 -59.17 64.29 -21.96
N HIS B 505 -59.29 63.86 -20.71
CA HIS B 505 -60.60 63.76 -20.06
C HIS B 505 -61.07 65.15 -19.66
N ASN B 506 -60.37 66.13 -20.21
CA ASN B 506 -60.78 67.54 -20.16
C ASN B 506 -61.17 68.08 -21.55
N VAL B 507 -61.42 67.15 -22.49
CA VAL B 507 -61.74 67.44 -23.92
C VAL B 507 -63.06 66.74 -24.40
N ASN B 508 -64.02 67.58 -24.81
CA ASN B 508 -65.37 67.09 -25.08
C ASN B 508 -66.21 68.14 -25.83
N GLN C 26 -8.96 -37.77 9.46
CA GLN C 26 -7.68 -37.52 10.21
C GLN C 26 -7.35 -38.73 11.06
N ASN C 27 -6.49 -38.52 12.06
CA ASN C 27 -6.17 -39.51 13.10
C ASN C 27 -4.78 -39.20 13.61
N ILE C 28 -4.59 -38.02 14.17
CA ILE C 28 -3.31 -37.66 14.77
C ILE C 28 -3.24 -38.09 16.22
N THR C 29 -2.07 -38.58 16.61
CA THR C 29 -1.87 -39.09 17.94
C THR C 29 -0.46 -38.84 18.34
N GLU C 30 -0.21 -38.90 19.63
CA GLU C 30 1.11 -38.86 20.14
C GLU C 30 1.24 -40.06 21.01
N GLU C 31 2.36 -40.73 20.93
CA GLU C 31 2.66 -41.80 21.85
C GLU C 31 3.98 -41.45 22.51
N PHE C 32 4.02 -41.56 23.83
CA PHE C 32 5.17 -41.15 24.63
C PHE C 32 6.02 -42.35 24.95
N TYR C 33 7.33 -42.18 24.88
CA TYR C 33 8.24 -43.27 25.16
C TYR C 33 9.04 -43.00 26.43
N GLN C 34 8.53 -43.47 27.56
CA GLN C 34 9.11 -43.20 28.87
C GLN C 34 10.56 -43.58 28.99
N SER C 35 10.96 -44.63 28.28
CA SER C 35 12.29 -45.20 28.38
C SER C 35 13.31 -44.47 27.51
N THR C 36 12.88 -43.38 26.90
CA THR C 36 13.71 -42.59 25.99
C THR C 36 13.30 -41.16 26.19
N CYS C 37 12.56 -40.89 27.24
CA CYS C 37 12.00 -39.58 27.46
C CYS C 37 11.74 -38.81 26.16
N SER C 38 11.03 -39.43 25.23
CA SER C 38 10.74 -38.81 23.94
C SER C 38 9.32 -39.12 23.48
N ALA C 39 8.76 -38.24 22.66
CA ALA C 39 7.38 -38.35 22.22
C ALA C 39 7.25 -38.21 20.73
N VAL C 40 6.44 -39.04 20.11
CA VAL C 40 6.22 -38.97 18.68
C VAL C 40 4.78 -38.67 18.32
N SER C 41 4.58 -37.67 17.49
CA SER C 41 3.26 -37.41 16.94
C SER C 41 3.11 -38.18 15.63
N LYS C 42 2.01 -38.91 15.47
CA LYS C 42 1.87 -39.84 14.35
C LYS C 42 0.62 -39.56 13.53
N GLY C 43 0.59 -40.07 12.30
CA GLY C 43 -0.63 -40.08 11.50
C GLY C 43 -0.74 -38.91 10.56
N TYR C 44 0.41 -38.42 10.13
CA TYR C 44 0.48 -37.30 9.21
C TYR C 44 0.77 -37.85 7.84
N LEU C 45 0.43 -37.07 6.81
CA LEU C 45 0.65 -37.53 5.46
C LEU C 45 1.49 -36.60 4.63
N SER C 46 2.55 -37.18 4.10
CA SER C 46 3.58 -36.47 3.42
C SER C 46 3.18 -35.83 2.10
N ALA C 47 3.97 -34.83 1.76
CA ALA C 47 3.97 -34.31 0.45
C ALA C 47 5.35 -33.72 0.46
N LEU C 48 6.20 -34.12 -0.49
CA LEU C 48 7.62 -33.74 -0.44
C LEU C 48 8.14 -33.09 -1.69
N ARG C 49 8.48 -31.80 -1.62
CA ARG C 49 9.09 -31.07 -2.77
C ARG C 49 10.29 -31.79 -3.37
N THR C 50 10.28 -31.97 -4.68
CA THR C 50 11.43 -32.49 -5.37
C THR C 50 11.62 -31.75 -6.65
N GLY C 51 10.83 -30.70 -6.89
CA GLY C 51 11.10 -29.90 -8.08
C GLY C 51 10.34 -28.63 -8.14
N TRP C 52 10.52 -27.88 -9.23
CA TRP C 52 9.80 -26.65 -9.35
C TRP C 52 9.05 -26.53 -10.64
N TYR C 53 8.02 -25.73 -10.62
CA TYR C 53 7.24 -25.49 -11.78
C TYR C 53 7.23 -24.00 -12.04
N THR C 54 7.85 -23.61 -13.15
CA THR C 54 7.96 -22.27 -13.65
C THR C 54 6.66 -21.87 -14.32
N SER C 55 6.24 -20.62 -14.17
CA SER C 55 5.28 -20.04 -15.11
C SER C 55 5.43 -18.56 -15.21
N VAL C 56 5.19 -18.04 -16.40
CA VAL C 56 5.57 -16.67 -16.72
C VAL C 56 4.38 -15.80 -16.94
N ILE C 57 4.16 -14.93 -15.99
CA ILE C 57 2.97 -14.11 -16.03
C ILE C 57 3.31 -12.76 -16.56
N THR C 58 2.46 -12.22 -17.44
CA THR C 58 2.75 -10.96 -18.12
C THR C 58 1.57 -10.07 -17.97
N ILE C 59 1.79 -8.84 -17.56
CA ILE C 59 0.69 -7.92 -17.28
C ILE C 59 0.79 -6.59 -18.03
N GLU C 60 -0.21 -6.30 -18.84
CA GLU C 60 -0.27 -5.06 -19.58
C GLU C 60 -0.70 -3.96 -18.59
N LEU C 61 -0.12 -2.76 -18.71
CA LEU C 61 -0.60 -1.61 -17.93
C LEU C 61 -1.77 -1.05 -18.71
N SER C 62 -2.72 -0.41 -18.03
CA SER C 62 -3.79 0.29 -18.74
C SER C 62 -3.44 1.75 -18.78
N ASN C 63 -2.98 2.23 -19.94
CA ASN C 63 -2.33 3.54 -19.99
C ASN C 63 -3.28 4.69 -20.15
N ILE C 64 -2.94 5.83 -19.55
CA ILE C 64 -3.73 7.03 -19.72
C ILE C 64 -3.22 7.88 -20.86
N LYS C 65 -4.08 8.21 -21.83
CA LYS C 65 -3.77 9.32 -22.79
C LYS C 65 -4.30 10.69 -22.28
N GLU C 66 -3.38 11.43 -21.67
CA GLU C 66 -3.65 12.68 -20.91
C GLU C 66 -4.24 13.84 -21.74
N ASN C 67 -5.24 14.53 -21.19
CA ASN C 67 -5.96 15.53 -22.02
C ASN C 67 -5.79 17.00 -21.66
N LYS C 68 -4.53 17.40 -21.86
CA LYS C 68 -4.11 18.79 -22.07
C LYS C 68 -5.33 19.70 -22.28
N CYS C 69 -5.88 20.13 -21.16
CA CYS C 69 -6.91 21.13 -21.12
C CYS C 69 -6.27 22.14 -20.15
N ASN C 70 -7.07 23.08 -19.62
CA ASN C 70 -6.65 23.88 -18.47
C ASN C 70 -7.63 23.58 -17.33
N GLY C 71 -7.11 23.05 -16.21
CA GLY C 71 -7.94 22.80 -15.03
C GLY C 71 -7.99 24.03 -14.14
N THR C 72 -8.66 23.91 -12.99
CA THR C 72 -8.67 24.98 -11.99
C THR C 72 -7.34 24.97 -11.26
N ASP C 73 -6.57 26.06 -11.32
CA ASP C 73 -5.08 26.02 -11.00
C ASP C 73 -4.27 25.03 -11.87
N ALA C 74 -3.40 25.57 -12.74
CA ALA C 74 -2.63 24.71 -13.61
C ALA C 74 -1.18 24.63 -13.20
N LYS C 75 -0.90 24.69 -11.90
CA LYS C 75 0.35 24.13 -11.35
C LYS C 75 0.08 22.68 -10.93
N VAL C 76 -1.20 22.43 -10.71
CA VAL C 76 -1.75 21.12 -10.49
C VAL C 76 -1.80 20.36 -11.83
N LYS C 77 -1.25 19.14 -11.85
CA LYS C 77 -1.16 18.35 -13.07
C LYS C 77 -1.24 16.87 -12.78
N LEU C 78 -2.38 16.43 -12.27
CA LEU C 78 -2.48 15.13 -11.62
C LEU C 78 -2.03 14.00 -12.50
N ILE C 79 -2.63 13.92 -13.69
CA ILE C 79 -2.25 12.88 -14.65
C ILE C 79 -0.75 12.88 -14.93
N LYS C 80 -0.20 14.01 -15.42
CA LYS C 80 1.27 14.11 -15.57
C LYS C 80 2.00 13.57 -14.36
N GLN C 81 1.54 13.95 -13.19
CA GLN C 81 2.20 13.62 -11.95
C GLN C 81 2.09 12.14 -11.60
N GLU C 82 0.88 11.57 -11.63
CA GLU C 82 0.71 10.13 -11.39
C GLU C 82 1.56 9.31 -12.31
N LEU C 83 1.53 9.62 -13.60
CA LEU C 83 2.36 8.90 -14.56
C LEU C 83 3.81 8.93 -14.16
N ASP C 84 4.28 10.07 -13.68
CA ASP C 84 5.67 10.19 -13.30
C ASP C 84 6.00 9.30 -12.15
N LYS C 85 5.18 9.38 -11.10
CA LYS C 85 5.23 8.48 -9.96
C LYS C 85 5.38 7.06 -10.45
N TYR C 86 4.43 6.61 -11.23
CA TYR C 86 4.45 5.28 -11.76
C TYR C 86 5.70 5.04 -12.55
N LYS C 87 5.90 5.80 -13.63
CA LYS C 87 7.03 5.59 -14.55
C LYS C 87 8.33 5.41 -13.77
N ASN C 88 8.43 6.13 -12.66
CA ASN C 88 9.63 6.15 -11.86
C ASN C 88 9.85 4.84 -11.13
N ALA C 89 8.84 4.41 -10.40
CA ALA C 89 8.83 3.10 -9.76
C ALA C 89 9.37 2.04 -10.72
N VAL C 90 8.93 2.15 -11.97
CA VAL C 90 9.31 1.26 -13.05
C VAL C 90 10.79 1.35 -13.37
N THR C 91 11.32 2.56 -13.48
CA THR C 91 12.74 2.74 -13.70
C THR C 91 13.51 2.13 -12.52
N GLU C 92 13.12 2.49 -11.30
CA GLU C 92 13.76 1.90 -10.14
C GLU C 92 13.93 0.39 -10.22
N LEU C 93 12.85 -0.28 -10.62
CA LEU C 93 12.85 -1.71 -10.71
C LEU C 93 13.72 -2.18 -11.84
N GLN C 94 13.62 -1.52 -12.97
CA GLN C 94 14.50 -1.83 -14.09
C GLN C 94 15.96 -1.92 -13.68
N LEU C 95 16.33 -1.13 -12.68
CA LEU C 95 17.72 -1.03 -12.39
C LEU C 95 18.16 -2.22 -11.57
N LEU C 96 17.19 -2.89 -10.94
CA LEU C 96 17.51 -4.08 -10.20
C LEU C 96 18.11 -5.18 -11.00
N MET C 97 17.89 -5.21 -12.30
CA MET C 97 18.20 -6.34 -13.16
C MET C 97 19.66 -6.68 -13.42
N GLN C 98 20.51 -5.64 -13.42
CA GLN C 98 21.94 -5.89 -13.63
C GLN C 98 22.74 -5.21 -12.51
N VAL C 143 -68.86 85.64 -18.85
CA VAL C 143 -70.10 84.86 -18.64
C VAL C 143 -69.98 83.35 -19.13
N ALA C 144 -68.93 83.02 -19.93
CA ALA C 144 -68.47 81.64 -20.46
C ALA C 144 -68.07 81.55 -21.98
N VAL C 145 -68.22 80.41 -22.65
CA VAL C 145 -67.39 80.16 -23.85
C VAL C 145 -68.00 79.79 -25.22
N SER C 146 -67.48 80.40 -26.30
CA SER C 146 -67.94 80.02 -27.65
C SER C 146 -67.28 78.75 -28.07
N LYS C 147 -67.87 78.12 -29.09
CA LYS C 147 -67.19 77.09 -29.89
C LYS C 147 -66.22 77.78 -30.83
N VAL C 148 -65.30 77.03 -31.44
CA VAL C 148 -64.18 77.62 -32.23
C VAL C 148 -63.13 78.19 -31.28
N LEU C 149 -63.55 79.08 -30.38
CA LEU C 149 -62.69 79.40 -29.27
C LEU C 149 -62.53 78.18 -28.40
N HIS C 150 -63.57 77.37 -28.31
CA HIS C 150 -63.46 76.12 -27.58
C HIS C 150 -62.65 75.05 -28.32
N LEU C 151 -62.87 74.95 -29.63
CA LEU C 151 -62.02 74.15 -30.50
C LEU C 151 -60.58 74.65 -30.45
N GLU C 152 -60.38 75.97 -30.48
CA GLU C 152 -59.02 76.49 -30.45
C GLU C 152 -58.29 75.92 -29.26
N GLY C 153 -58.84 76.18 -28.10
CA GLY C 153 -58.32 75.64 -26.86
C GLY C 153 -58.14 74.13 -26.88
N GLU C 154 -59.06 73.43 -27.53
CA GLU C 154 -59.00 71.99 -27.59
C GLU C 154 -57.72 71.56 -28.23
N VAL C 155 -57.48 71.99 -29.47
CA VAL C 155 -56.23 71.71 -30.15
C VAL C 155 -55.08 71.93 -29.19
N ASN C 156 -55.14 73.06 -28.49
CA ASN C 156 -54.02 73.48 -27.69
C ASN C 156 -53.78 72.56 -26.52
N LYS C 157 -54.84 72.04 -25.94
CA LYS C 157 -54.72 70.99 -24.96
C LYS C 157 -54.00 69.82 -25.60
N ILE C 158 -54.54 69.30 -26.69
CA ILE C 158 -53.97 68.13 -27.35
C ILE C 158 -52.47 68.25 -27.60
N LYS C 159 -52.02 69.40 -28.09
CA LYS C 159 -50.60 69.59 -28.29
C LYS C 159 -49.86 69.25 -27.01
N SER C 160 -50.24 69.90 -25.92
CA SER C 160 -49.58 69.70 -24.64
C SER C 160 -49.61 68.26 -24.21
N ALA C 161 -50.76 67.61 -24.38
CA ALA C 161 -50.92 66.21 -23.98
C ALA C 161 -50.01 65.27 -24.75
N LEU C 162 -49.85 65.55 -26.05
CA LEU C 162 -48.99 64.75 -26.89
C LEU C 162 -47.54 64.92 -26.49
N LEU C 163 -47.13 66.16 -26.22
CA LEU C 163 -45.77 66.40 -25.78
C LEU C 163 -45.47 65.54 -24.57
N SER C 164 -46.40 65.56 -23.62
CA SER C 164 -46.34 64.75 -22.41
C SER C 164 -46.18 63.27 -22.76
N THR C 165 -46.90 62.82 -23.77
CA THR C 165 -46.77 61.46 -24.22
C THR C 165 -45.40 61.23 -24.79
N ASN C 166 -44.91 62.15 -25.60
CA ASN C 166 -43.60 61.98 -26.19
C ASN C 166 -42.52 61.75 -25.16
N LYS C 167 -42.48 62.62 -24.16
CA LYS C 167 -41.57 62.48 -23.04
C LYS C 167 -41.79 61.20 -22.28
N ALA C 168 -43.01 60.66 -22.32
CA ALA C 168 -43.23 59.38 -21.69
C ALA C 168 -42.52 58.27 -22.46
N VAL C 169 -42.50 58.41 -23.78
CA VAL C 169 -41.94 57.35 -24.61
C VAL C 169 -40.45 57.46 -24.53
N VAL C 170 -39.97 58.67 -24.34
CA VAL C 170 -38.54 58.85 -24.13
C VAL C 170 -38.12 58.13 -22.86
N SER C 171 -38.79 58.41 -21.75
CA SER C 171 -38.49 57.74 -20.51
C SER C 171 -38.40 56.25 -20.72
N LEU C 172 -39.43 55.63 -21.29
CA LEU C 172 -39.44 54.17 -21.50
C LEU C 172 -38.32 53.72 -22.40
N SER C 173 -38.04 54.48 -23.44
CA SER C 173 -36.93 54.16 -24.31
C SER C 173 -35.64 54.06 -23.54
N ASN C 174 -35.38 55.03 -22.69
CA ASN C 174 -34.15 55.06 -21.90
C ASN C 174 -34.12 53.97 -20.88
N GLY C 175 -35.28 53.66 -20.32
CA GLY C 175 -35.43 52.52 -19.44
C GLY C 175 -35.00 51.23 -20.09
N VAL C 176 -35.56 50.96 -21.27
CA VAL C 176 -35.18 49.81 -22.07
C VAL C 176 -33.72 49.87 -22.49
N SER C 177 -33.29 51.03 -22.96
CA SER C 177 -31.91 51.23 -23.34
C SER C 177 -30.99 50.72 -22.25
N VAL C 178 -31.38 50.93 -20.99
CA VAL C 178 -30.60 50.47 -19.85
C VAL C 178 -30.78 48.98 -19.58
N LEU C 179 -32.01 48.49 -19.49
CA LEU C 179 -32.29 47.07 -19.26
C LEU C 179 -31.60 46.23 -20.29
N THR C 180 -31.60 46.70 -21.53
CA THR C 180 -30.78 46.12 -22.55
C THR C 180 -29.31 46.19 -22.14
N SER C 181 -28.79 47.40 -21.96
CA SER C 181 -27.42 47.58 -21.53
C SER C 181 -27.04 46.54 -20.47
N LYS C 182 -27.99 46.19 -19.60
CA LYS C 182 -27.73 45.27 -18.48
C LYS C 182 -27.86 43.77 -18.73
N VAL C 183 -28.78 43.40 -19.61
CA VAL C 183 -28.94 42.02 -19.97
C VAL C 183 -27.70 41.57 -20.70
N LEU C 184 -27.09 42.46 -21.47
CA LEU C 184 -25.85 42.12 -22.11
C LEU C 184 -24.85 41.70 -21.06
N ASP C 185 -24.65 42.55 -20.06
CA ASP C 185 -23.75 42.24 -18.94
C ASP C 185 -24.06 40.89 -18.29
N LEU C 186 -25.33 40.58 -18.05
CA LEU C 186 -25.66 39.29 -17.46
C LEU C 186 -25.13 38.19 -18.34
N LYS C 187 -25.50 38.20 -19.61
CA LYS C 187 -24.90 37.26 -20.57
C LYS C 187 -23.39 37.26 -20.43
N ASN C 188 -22.77 38.43 -20.52
CA ASN C 188 -21.33 38.48 -20.50
C ASN C 188 -20.67 37.93 -19.23
N TYR C 189 -21.33 38.08 -18.08
CA TYR C 189 -20.84 37.44 -16.88
C TYR C 189 -20.79 35.98 -17.18
N ILE C 190 -21.94 35.38 -17.41
CA ILE C 190 -21.98 33.98 -17.81
C ILE C 190 -20.92 33.59 -18.85
N ASP C 191 -20.91 34.19 -20.03
CA ASP C 191 -20.00 33.74 -21.08
C ASP C 191 -18.55 33.96 -20.73
N LYS C 192 -18.25 35.10 -20.14
CA LYS C 192 -16.85 35.45 -19.99
C LYS C 192 -16.25 35.39 -18.57
N GLN C 193 -17.07 35.00 -17.61
CA GLN C 193 -16.67 34.96 -16.20
C GLN C 193 -16.87 33.58 -15.57
N LEU C 194 -18.13 33.17 -15.50
CA LEU C 194 -18.55 31.90 -14.92
C LEU C 194 -18.17 30.71 -15.80
N LEU C 195 -18.70 30.73 -17.02
CA LEU C 195 -18.57 29.63 -17.98
C LEU C 195 -17.16 29.09 -18.14
N PRO C 196 -16.13 29.96 -18.17
CA PRO C 196 -14.77 29.47 -18.20
C PRO C 196 -14.42 28.64 -17.00
N ILE C 197 -14.89 29.04 -15.81
CA ILE C 197 -14.45 28.33 -14.64
C ILE C 197 -15.36 27.24 -14.29
N VAL C 198 -16.46 27.14 -15.01
CA VAL C 198 -17.25 25.94 -14.87
C VAL C 198 -16.49 24.90 -15.60
N ASN C 199 -16.32 25.09 -16.90
CA ASN C 199 -15.68 24.04 -17.66
C ASN C 199 -14.14 24.03 -17.49
N LYS C 200 -13.67 24.80 -16.54
CA LYS C 200 -12.35 24.53 -16.00
C LYS C 200 -12.46 23.40 -14.97
N GLN C 201 -13.43 23.51 -14.06
CA GLN C 201 -13.72 22.45 -13.12
C GLN C 201 -14.00 21.17 -13.87
N SER C 202 -14.79 21.28 -14.95
CA SER C 202 -15.10 20.09 -15.75
C SER C 202 -13.83 19.39 -16.14
N CYS C 203 -12.79 20.14 -16.45
CA CYS C 203 -11.53 19.52 -16.75
C CYS C 203 -10.87 18.83 -15.55
N SER C 204 -10.53 19.62 -14.54
CA SER C 204 -9.99 19.07 -13.30
C SER C 204 -10.67 17.79 -12.85
N ILE C 205 -11.98 17.76 -12.89
CA ILE C 205 -12.70 16.53 -12.56
C ILE C 205 -12.31 15.37 -13.51
N SER C 206 -12.32 15.61 -14.82
CA SER C 206 -11.94 14.60 -15.78
C SER C 206 -10.60 14.01 -15.37
N ASN C 207 -9.69 14.88 -14.98
CA ASN C 207 -8.42 14.42 -14.51
C ASN C 207 -8.51 13.56 -13.29
N ILE C 208 -9.06 14.08 -12.21
CA ILE C 208 -9.19 13.29 -10.98
C ILE C 208 -9.79 11.94 -11.25
N GLU C 209 -10.91 11.94 -11.93
CA GLU C 209 -11.52 10.70 -12.32
C GLU C 209 -10.51 9.81 -13.03
N THR C 210 -9.85 10.34 -14.05
CA THR C 210 -8.86 9.56 -14.78
C THR C 210 -7.81 8.99 -13.84
N VAL C 211 -7.17 9.81 -13.04
CA VAL C 211 -6.26 9.28 -12.01
C VAL C 211 -6.85 8.11 -11.22
N ILE C 212 -7.93 8.35 -10.50
CA ILE C 212 -8.56 7.31 -9.71
C ILE C 212 -8.72 6.06 -10.53
N GLU C 213 -9.36 6.20 -11.68
CA GLU C 213 -9.66 5.06 -12.49
C GLU C 213 -8.37 4.35 -13.01
N PHE C 214 -7.26 5.05 -12.96
CA PHE C 214 -5.98 4.45 -13.33
C PHE C 214 -5.51 3.55 -12.21
N GLN C 215 -5.70 3.98 -10.97
CA GLN C 215 -5.27 3.18 -9.84
C GLN C 215 -6.19 2.04 -9.71
N GLN C 216 -7.44 2.25 -10.08
CA GLN C 216 -8.45 1.25 -9.88
C GLN C 216 -8.20 0.09 -10.81
N LYS C 217 -8.09 0.41 -12.08
CA LYS C 217 -7.98 -0.60 -13.11
C LYS C 217 -6.57 -1.18 -13.17
N ASN C 218 -5.58 -0.41 -12.75
CA ASN C 218 -4.23 -0.92 -12.77
C ASN C 218 -3.80 -1.50 -11.44
N ASN C 219 -4.80 -1.80 -10.60
CA ASN C 219 -4.59 -2.16 -9.21
C ASN C 219 -3.61 -3.29 -9.03
N ARG C 220 -3.93 -4.41 -9.66
CA ARG C 220 -3.10 -5.59 -9.50
C ARG C 220 -1.68 -5.26 -9.85
N LEU C 221 -1.44 -4.65 -11.00
CA LEU C 221 -0.10 -4.29 -11.38
C LEU C 221 0.55 -3.45 -10.33
N LEU C 222 -0.17 -2.51 -9.79
CA LEU C 222 0.45 -1.65 -8.83
C LEU C 222 0.83 -2.43 -7.62
N GLU C 223 -0.07 -3.27 -7.16
CA GLU C 223 0.24 -4.05 -5.99
C GLU C 223 1.49 -4.85 -6.19
N ILE C 224 1.62 -5.47 -7.35
CA ILE C 224 2.82 -6.21 -7.67
C ILE C 224 4.08 -5.31 -7.63
N THR C 225 4.06 -4.26 -8.43
CA THR C 225 5.13 -3.31 -8.51
C THR C 225 5.65 -2.96 -7.15
N ARG C 226 4.76 -2.75 -6.18
CA ARG C 226 5.17 -2.45 -4.83
C ARG C 226 5.92 -3.60 -4.25
N GLU C 227 5.19 -4.70 -4.06
CA GLU C 227 5.72 -5.95 -3.58
C GLU C 227 7.17 -6.15 -4.09
N PHE C 228 7.39 -5.93 -5.38
CA PHE C 228 8.71 -6.15 -5.91
C PHE C 228 9.72 -5.13 -5.46
N SER C 229 9.32 -3.87 -5.43
CA SER C 229 10.10 -2.79 -4.86
C SER C 229 10.50 -3.02 -3.40
N VAL C 230 9.67 -3.71 -2.66
CA VAL C 230 9.96 -3.91 -1.27
C VAL C 230 10.84 -5.10 -1.05
N ASN C 231 10.93 -5.96 -2.05
CA ASN C 231 11.63 -7.19 -1.85
C ASN C 231 12.74 -7.39 -2.82
N ALA C 232 13.15 -6.32 -3.43
CA ALA C 232 14.21 -6.43 -4.37
C ALA C 232 13.91 -7.52 -5.40
N GLY C 233 12.69 -7.51 -5.91
CA GLY C 233 12.32 -8.35 -7.02
C GLY C 233 12.18 -9.84 -6.79
N VAL C 234 11.90 -10.28 -5.57
CA VAL C 234 11.61 -11.70 -5.33
C VAL C 234 10.82 -11.85 -4.10
N THR C 235 9.71 -12.59 -4.12
CA THR C 235 8.92 -12.71 -2.91
C THR C 235 8.62 -14.13 -2.59
N THR C 236 8.43 -14.41 -1.29
CA THR C 236 7.73 -15.59 -0.82
C THR C 236 6.55 -15.17 0.00
N PRO C 237 5.58 -16.08 0.10
CA PRO C 237 4.24 -16.21 -0.33
C PRO C 237 4.13 -15.60 -1.65
N VAL C 238 3.48 -16.32 -2.54
CA VAL C 238 3.11 -15.75 -3.76
C VAL C 238 1.76 -15.11 -3.51
N SER C 239 1.73 -13.78 -3.43
CA SER C 239 0.53 -13.08 -3.05
C SER C 239 -0.64 -13.38 -3.99
N THR C 240 -1.82 -13.11 -3.50
CA THR C 240 -2.95 -13.24 -4.34
C THR C 240 -2.86 -12.20 -5.45
N TYR C 241 -1.93 -11.26 -5.38
CA TYR C 241 -1.85 -10.30 -6.45
C TYR C 241 -0.94 -10.83 -7.52
N MET C 242 0.05 -11.61 -7.13
CA MET C 242 0.91 -12.23 -8.11
C MET C 242 0.12 -13.32 -8.83
N LEU C 243 -0.60 -14.14 -8.06
CA LEU C 243 -1.42 -15.23 -8.62
C LEU C 243 -2.77 -15.25 -8.01
N THR C 244 -3.78 -15.26 -8.86
CA THR C 244 -5.15 -15.40 -8.42
C THR C 244 -5.37 -16.81 -8.15
N ASN C 245 -6.37 -17.12 -7.34
CA ASN C 245 -6.75 -18.49 -7.09
C ASN C 245 -7.13 -19.14 -8.40
N SER C 246 -7.96 -18.48 -9.17
CA SER C 246 -8.31 -18.93 -10.52
C SER C 246 -7.05 -19.37 -11.20
N GLU C 247 -6.08 -18.47 -11.28
CA GLU C 247 -4.86 -18.77 -12.00
C GLU C 247 -4.11 -19.94 -11.38
N LEU C 248 -3.86 -19.85 -10.09
CA LEU C 248 -3.12 -20.87 -9.39
C LEU C 248 -3.76 -22.16 -9.67
N LEU C 249 -5.08 -22.16 -9.61
CA LEU C 249 -5.80 -23.41 -9.73
C LEU C 249 -5.56 -24.02 -11.07
N SER C 250 -5.67 -23.23 -12.13
CA SER C 250 -5.50 -23.79 -13.45
C SER C 250 -4.04 -24.11 -13.71
N LEU C 251 -3.16 -23.34 -13.10
CA LEU C 251 -1.76 -23.62 -13.19
C LEU C 251 -1.45 -24.96 -12.65
N ILE C 252 -2.00 -25.24 -11.48
CA ILE C 252 -1.78 -26.51 -10.84
C ILE C 252 -2.22 -27.54 -11.82
N ASN C 253 -3.44 -27.37 -12.31
CA ASN C 253 -4.00 -28.27 -13.27
C ASN C 253 -3.04 -28.63 -14.38
N ASP C 254 -2.23 -27.68 -14.83
CA ASP C 254 -1.33 -27.92 -15.94
C ASP C 254 -0.05 -28.62 -15.53
N MET C 255 0.17 -28.77 -14.24
CA MET C 255 1.41 -29.39 -13.78
C MET C 255 1.46 -30.88 -14.12
N PRO C 256 2.63 -31.39 -14.49
CA PRO C 256 2.84 -32.79 -14.83
C PRO C 256 2.84 -33.72 -13.63
N ILE C 257 1.72 -33.82 -12.92
CA ILE C 257 1.62 -34.68 -11.74
C ILE C 257 0.37 -35.57 -11.79
N THR C 258 0.32 -36.53 -10.86
CA THR C 258 -0.86 -37.38 -10.72
C THR C 258 -2.11 -36.57 -10.33
N ASN C 259 -3.26 -37.18 -10.46
CA ASN C 259 -4.47 -36.48 -10.15
C ASN C 259 -4.73 -36.17 -8.70
N ASP C 260 -4.38 -37.11 -7.83
CA ASP C 260 -4.56 -36.95 -6.39
C ASP C 260 -3.67 -35.81 -5.98
N GLN C 261 -2.48 -35.83 -6.54
CA GLN C 261 -1.57 -34.79 -6.29
C GLN C 261 -2.22 -33.46 -6.58
N LYS C 262 -2.79 -33.31 -7.77
CA LYS C 262 -3.43 -32.07 -8.13
C LYS C 262 -4.47 -31.72 -7.12
N LYS C 263 -5.26 -32.69 -6.71
CA LYS C 263 -6.34 -32.46 -5.76
C LYS C 263 -5.82 -31.95 -4.43
N LEU C 264 -4.71 -32.52 -4.00
CA LEU C 264 -4.03 -32.11 -2.78
C LEU C 264 -3.65 -30.65 -2.82
N MET C 265 -2.92 -30.30 -3.85
CA MET C 265 -2.50 -28.92 -4.00
C MET C 265 -3.69 -27.99 -4.00
N SER C 266 -4.73 -28.35 -4.74
CA SER C 266 -5.92 -27.51 -4.82
C SER C 266 -6.60 -27.32 -3.48
N ASN C 267 -6.60 -28.35 -2.65
CA ASN C 267 -7.21 -28.20 -1.34
C ASN C 267 -6.32 -27.57 -0.31
N ASN C 268 -5.24 -26.91 -0.74
CA ASN C 268 -4.23 -26.45 0.21
C ASN C 268 -3.51 -25.22 -0.20
N VAL C 269 -4.07 -24.50 -1.16
CA VAL C 269 -3.49 -23.25 -1.69
C VAL C 269 -2.57 -22.49 -0.76
N GLN C 270 -2.97 -22.33 0.49
CA GLN C 270 -2.17 -21.55 1.41
C GLN C 270 -0.73 -22.03 1.50
N ILE C 271 -0.53 -23.24 1.97
CA ILE C 271 0.81 -23.84 1.98
C ILE C 271 1.54 -23.65 0.65
N VAL C 272 0.92 -24.12 -0.43
CA VAL C 272 1.49 -23.99 -1.75
C VAL C 272 2.04 -22.58 -1.93
N ARG C 273 1.21 -21.59 -1.68
CA ARG C 273 1.65 -20.26 -1.84
C ARG C 273 2.86 -20.06 -0.98
N GLN C 274 2.79 -20.40 0.29
CA GLN C 274 3.92 -20.18 1.16
C GLN C 274 5.16 -20.90 0.69
N GLN C 275 4.98 -21.90 -0.12
CA GLN C 275 6.11 -22.63 -0.59
C GLN C 275 6.62 -22.14 -1.93
N SER C 276 5.97 -21.14 -2.51
CA SER C 276 6.35 -20.71 -3.84
C SER C 276 7.05 -19.38 -3.82
N TYR C 277 7.68 -19.01 -4.95
CA TYR C 277 8.40 -17.75 -5.07
C TYR C 277 7.89 -16.99 -6.28
N SER C 278 8.05 -15.67 -6.28
CA SER C 278 7.75 -14.92 -7.46
C SER C 278 8.97 -14.11 -7.79
N ILE C 279 9.51 -14.26 -8.98
CA ILE C 279 10.72 -13.59 -9.36
C ILE C 279 10.36 -12.62 -10.45
N MET C 280 10.81 -11.38 -10.35
CA MET C 280 10.47 -10.38 -11.30
C MET C 280 11.26 -10.72 -12.52
N SER C 281 10.68 -10.63 -13.69
CA SER C 281 11.39 -11.02 -14.90
C SER C 281 11.74 -9.86 -15.80
N ILE C 282 10.77 -9.15 -16.39
CA ILE C 282 11.10 -7.86 -17.00
C ILE C 282 10.04 -6.81 -16.94
N ILE C 283 10.51 -5.56 -16.72
CA ILE C 283 9.65 -4.36 -16.55
C ILE C 283 9.90 -3.38 -17.65
N LYS C 284 8.79 -2.92 -18.19
CA LYS C 284 8.79 -1.92 -19.20
C LYS C 284 7.67 -1.06 -18.72
N GLU C 285 7.61 0.18 -19.17
CA GLU C 285 6.59 1.13 -18.71
C GLU C 285 5.19 0.58 -18.79
N GLU C 286 4.94 -0.21 -19.82
CA GLU C 286 3.58 -0.64 -20.11
C GLU C 286 3.37 -2.14 -20.02
N VAL C 287 4.41 -2.87 -19.67
CA VAL C 287 4.27 -4.29 -19.39
C VAL C 287 5.19 -4.76 -18.31
N LEU C 288 4.64 -5.57 -17.41
CA LEU C 288 5.45 -6.18 -16.38
C LEU C 288 5.35 -7.68 -16.51
N ALA C 289 6.46 -8.41 -16.48
CA ALA C 289 6.39 -9.84 -16.61
C ALA C 289 7.27 -10.38 -15.58
N TYR C 290 6.83 -11.45 -14.91
CA TYR C 290 7.58 -12.12 -13.86
C TYR C 290 7.33 -13.62 -13.88
N VAL C 291 8.20 -14.38 -13.20
CA VAL C 291 8.08 -15.81 -13.18
C VAL C 291 7.67 -16.30 -11.83
N VAL C 292 6.59 -17.06 -11.81
CA VAL C 292 6.13 -17.67 -10.63
C VAL C 292 6.75 -19.05 -10.59
N GLN C 293 7.06 -19.50 -9.37
CA GLN C 293 7.79 -20.74 -9.16
C GLN C 293 7.13 -21.56 -8.09
N LEU C 294 6.51 -22.65 -8.54
CA LEU C 294 5.63 -23.45 -7.72
C LEU C 294 6.30 -24.74 -7.37
N PRO C 295 5.93 -25.34 -6.23
CA PRO C 295 6.55 -26.58 -5.79
C PRO C 295 6.00 -27.76 -6.53
N LEU C 296 6.81 -28.80 -6.69
CA LEU C 296 6.38 -30.11 -7.20
C LEU C 296 6.84 -31.21 -6.26
N TYR C 297 5.88 -32.00 -5.78
CA TYR C 297 6.12 -33.14 -4.95
C TYR C 297 6.33 -34.44 -5.77
N GLY C 298 7.35 -35.19 -5.43
CA GLY C 298 7.56 -36.45 -6.06
C GLY C 298 7.12 -37.58 -5.18
N VAL C 299 6.40 -37.29 -4.09
CA VAL C 299 5.67 -38.31 -3.28
C VAL C 299 4.58 -37.74 -2.43
N ILE C 300 3.47 -38.46 -2.32
CA ILE C 300 2.37 -37.99 -1.52
C ILE C 300 1.95 -39.13 -0.63
N ASP C 301 1.30 -38.80 0.48
CA ASP C 301 0.55 -39.82 1.22
C ASP C 301 1.39 -40.89 1.90
N THR C 302 2.68 -40.65 2.07
CA THR C 302 3.49 -41.48 2.93
C THR C 302 3.23 -41.03 4.34
N PRO C 303 3.35 -41.92 5.35
CA PRO C 303 3.25 -41.42 6.73
C PRO C 303 4.45 -40.54 7.18
N CYS C 304 4.19 -39.50 7.98
CA CYS C 304 5.27 -38.82 8.68
C CYS C 304 4.96 -38.78 10.12
N TRP C 305 5.97 -38.42 10.91
CA TRP C 305 5.84 -38.26 12.34
C TRP C 305 6.79 -37.21 12.93
N LYS C 306 6.34 -36.49 13.96
CA LYS C 306 7.21 -35.51 14.59
C LYS C 306 7.75 -36.03 15.89
N LEU C 307 9.06 -35.92 16.07
CA LEU C 307 9.77 -36.36 17.27
C LEU C 307 10.10 -35.21 18.21
N HIS C 308 9.73 -35.32 19.47
CA HIS C 308 10.15 -34.35 20.44
C HIS C 308 10.94 -35.11 21.44
N THR C 309 11.69 -34.39 22.25
CA THR C 309 12.78 -34.99 22.95
C THR C 309 13.03 -34.28 24.26
N SER C 310 13.18 -35.02 25.36
CA SER C 310 13.49 -34.36 26.61
C SER C 310 14.54 -35.14 27.37
N PRO C 311 15.33 -34.46 28.23
CA PRO C 311 16.38 -35.11 29.03
C PRO C 311 15.94 -36.27 29.89
N LEU C 312 16.86 -37.19 30.12
CA LEU C 312 16.56 -38.43 30.78
C LEU C 312 17.73 -38.80 31.73
N CYS C 313 17.44 -38.95 33.02
CA CYS C 313 18.49 -39.34 33.96
C CYS C 313 18.34 -40.77 34.45
N THR C 314 17.15 -41.33 34.20
CA THR C 314 16.92 -42.77 34.39
C THR C 314 17.42 -43.51 33.12
N THR C 315 18.58 -44.17 33.28
CA THR C 315 19.26 -44.87 32.17
C THR C 315 20.48 -45.74 32.61
N ASN C 316 20.98 -46.58 31.69
CA ASN C 316 22.23 -47.36 31.86
C ASN C 316 22.61 -48.21 30.62
N THR C 317 23.90 -48.36 30.35
CA THR C 317 24.39 -49.36 29.39
C THR C 317 25.36 -50.29 30.07
N LYS C 318 25.06 -51.59 30.07
CA LYS C 318 26.11 -52.60 30.21
C LYS C 318 27.19 -52.16 31.23
N GLU C 319 26.81 -52.14 32.51
CA GLU C 319 27.70 -51.76 33.62
C GLU C 319 28.10 -50.29 33.61
N GLY C 320 27.12 -49.43 33.38
CA GLY C 320 27.41 -48.04 33.12
C GLY C 320 26.41 -47.15 33.80
N SER C 321 26.14 -47.48 35.07
CA SER C 321 25.35 -46.68 36.01
C SER C 321 24.52 -45.50 35.44
N ASN C 322 24.89 -44.27 35.80
CA ASN C 322 24.13 -43.03 35.50
C ASN C 322 24.09 -42.57 34.02
N ILE C 323 24.47 -41.31 33.82
CA ILE C 323 24.35 -40.54 32.56
C ILE C 323 22.94 -40.04 32.19
N CYS C 324 22.89 -38.76 31.88
CA CYS C 324 21.67 -38.11 31.44
C CYS C 324 21.81 -37.78 29.98
N LEU C 325 20.69 -37.96 29.32
CA LEU C 325 20.67 -38.15 27.90
C LEU C 325 19.62 -37.26 27.42
N THR C 326 19.95 -36.54 26.36
CA THR C 326 18.95 -35.89 25.54
C THR C 326 19.17 -36.29 24.10
N ARG C 327 18.12 -36.78 23.47
CA ARG C 327 18.22 -37.30 22.14
C ARG C 327 18.26 -36.13 21.19
N THR C 328 19.28 -36.11 20.34
CA THR C 328 19.60 -34.93 19.54
C THR C 328 18.65 -34.66 18.40
N ASP C 329 18.35 -35.71 17.67
CA ASP C 329 17.73 -35.66 16.34
C ASP C 329 16.23 -35.34 16.35
N ARG C 330 15.82 -34.13 16.74
CA ARG C 330 14.39 -33.84 16.81
C ARG C 330 13.93 -33.28 15.50
N GLY C 331 12.63 -33.35 15.28
CA GLY C 331 12.01 -32.85 14.06
C GLY C 331 11.15 -33.86 13.34
N TRP C 332 10.95 -33.64 12.05
CA TRP C 332 10.03 -34.43 11.26
C TRP C 332 10.70 -35.58 10.56
N TYR C 333 10.20 -36.76 10.81
CA TYR C 333 10.61 -37.87 10.04
C TYR C 333 9.43 -38.08 9.16
N CYS C 334 9.59 -38.92 8.15
CA CYS C 334 8.56 -39.03 7.17
C CYS C 334 9.09 -39.95 6.07
N ASP C 335 8.38 -41.03 5.73
CA ASP C 335 8.91 -42.12 4.90
C ASP C 335 9.12 -41.76 3.44
N ASN C 336 10.26 -42.14 2.88
CA ASN C 336 10.51 -41.96 1.45
C ASN C 336 10.73 -43.30 0.87
N ALA C 337 11.33 -43.40 -0.31
CA ALA C 337 11.36 -44.70 -0.99
C ALA C 337 12.01 -45.88 -0.20
N GLY C 338 11.24 -46.47 0.72
CA GLY C 338 11.72 -47.60 1.49
C GLY C 338 12.75 -47.25 2.55
N SER C 339 13.05 -45.95 2.63
CA SER C 339 13.96 -45.39 3.59
C SER C 339 13.23 -44.23 4.20
N VAL C 340 13.85 -43.53 5.15
CA VAL C 340 13.15 -42.46 5.84
C VAL C 340 13.88 -41.14 5.71
N SER C 341 13.15 -40.08 5.38
CA SER C 341 13.72 -38.75 5.23
C SER C 341 13.53 -37.90 6.50
N PHE C 342 14.61 -37.30 6.95
CA PHE C 342 14.58 -36.51 8.14
C PHE C 342 14.91 -35.07 7.80
N PHE C 343 14.14 -34.15 8.35
CA PHE C 343 14.30 -32.72 8.08
C PHE C 343 14.56 -32.03 9.39
N PRO C 344 15.82 -31.60 9.58
CA PRO C 344 16.38 -31.17 10.85
C PRO C 344 15.70 -29.96 11.57
N GLN C 345 15.20 -28.96 10.82
CA GLN C 345 14.60 -27.74 11.44
C GLN C 345 13.26 -27.24 10.83
N ALA C 346 12.31 -26.88 11.73
CA ALA C 346 10.90 -26.40 11.41
C ALA C 346 10.71 -25.93 9.96
N GLU C 347 11.16 -24.70 9.71
CA GLU C 347 11.64 -24.21 8.43
C GLU C 347 11.23 -25.03 7.24
N THR C 348 11.89 -26.16 7.13
CA THR C 348 11.72 -27.05 6.01
C THR C 348 10.31 -27.60 5.89
N CYS C 349 9.57 -27.68 6.99
CA CYS C 349 8.24 -28.31 7.00
C CYS C 349 7.11 -27.41 7.43
N LYS C 350 5.98 -27.49 6.74
CA LYS C 350 4.73 -26.89 7.24
C LYS C 350 3.59 -27.87 7.13
N VAL C 351 2.61 -27.68 8.02
CA VAL C 351 1.64 -28.72 8.30
C VAL C 351 0.25 -28.13 8.52
N GLN C 352 -0.77 -28.77 7.95
CA GLN C 352 -2.17 -28.28 7.92
C GLN C 352 -3.12 -29.41 8.20
N SER C 353 -3.59 -29.49 9.45
CA SER C 353 -4.35 -30.63 9.93
C SER C 353 -3.36 -31.76 9.93
N ASN C 354 -3.69 -32.86 9.25
CA ASN C 354 -2.82 -34.04 9.25
C ASN C 354 -2.02 -34.11 7.98
N ARG C 355 -1.96 -32.98 7.31
CA ARG C 355 -1.18 -32.86 6.11
C ARG C 355 0.16 -32.13 6.28
N VAL C 356 1.24 -32.75 5.82
CA VAL C 356 2.56 -32.20 6.05
C VAL C 356 3.24 -32.01 4.72
N PHE C 357 4.10 -30.98 4.68
CA PHE C 357 4.73 -30.60 3.47
C PHE C 357 6.16 -30.27 3.79
N CYS C 358 7.09 -31.10 3.33
CA CYS C 358 8.47 -30.84 3.60
C CYS C 358 9.29 -30.69 2.34
N ASP C 359 10.52 -30.20 2.51
CA ASP C 359 11.40 -29.93 1.41
C ASP C 359 12.56 -30.89 1.42
N THR C 360 12.65 -31.74 0.40
CA THR C 360 13.79 -32.62 0.25
C THR C 360 15.08 -31.84 0.42
N MET C 361 15.34 -30.90 -0.47
CA MET C 361 16.59 -30.10 -0.47
C MET C 361 17.68 -30.44 0.53
N ASN C 362 17.42 -30.18 1.80
CA ASN C 362 18.49 -30.57 2.67
C ASN C 362 18.31 -31.81 3.54
N SER C 363 17.21 -32.51 3.37
CA SER C 363 16.95 -33.79 4.07
C SER C 363 18.11 -34.78 4.19
N LEU C 364 18.02 -35.58 5.25
CA LEU C 364 18.95 -36.66 5.52
C LEU C 364 18.20 -37.93 5.38
N THR C 365 18.75 -38.88 4.61
CA THR C 365 18.04 -40.15 4.33
C THR C 365 18.53 -41.18 5.28
N LEU C 366 17.61 -41.85 5.93
CA LEU C 366 17.95 -42.75 7.03
C LEU C 366 17.16 -44.04 6.94
N PRO C 367 17.65 -45.10 7.59
CA PRO C 367 16.99 -46.37 7.56
C PRO C 367 15.86 -46.43 8.56
N SER C 368 14.82 -47.20 8.25
CA SER C 368 13.72 -47.48 9.16
C SER C 368 14.27 -47.79 10.57
N GLU C 369 15.46 -48.36 10.63
CA GLU C 369 16.05 -48.78 11.88
C GLU C 369 16.13 -47.64 12.83
N VAL C 370 16.06 -46.43 12.32
CA VAL C 370 16.07 -45.25 13.18
C VAL C 370 15.03 -45.33 14.24
N ASN C 371 13.90 -45.94 13.91
CA ASN C 371 12.78 -45.97 14.82
C ASN C 371 13.08 -46.68 16.14
N LEU C 372 13.91 -47.70 16.12
CA LEU C 372 14.21 -48.43 17.34
C LEU C 372 14.78 -47.48 18.34
N CYS C 373 15.27 -46.38 17.86
CA CYS C 373 15.83 -45.40 18.75
C CYS C 373 14.77 -44.79 19.70
N ASN C 374 13.51 -44.90 19.33
CA ASN C 374 12.44 -44.36 20.17
C ASN C 374 12.25 -45.19 21.40
N VAL C 375 12.65 -46.45 21.30
CA VAL C 375 12.49 -47.41 22.36
C VAL C 375 13.80 -47.58 23.14
N ASP C 376 14.94 -47.62 22.45
CA ASP C 376 16.15 -48.12 23.09
C ASP C 376 17.39 -47.23 23.19
N ILE C 377 17.76 -46.55 22.11
CA ILE C 377 18.95 -45.68 22.14
C ILE C 377 20.22 -46.51 21.99
N PHE C 378 20.40 -47.39 22.97
CA PHE C 378 21.40 -48.40 22.89
C PHE C 378 20.69 -49.59 22.33
N ASN C 379 21.28 -50.12 21.27
CA ASN C 379 20.78 -51.26 20.57
C ASN C 379 21.66 -51.32 19.36
N PRO C 380 22.12 -52.52 19.04
CA PRO C 380 22.74 -52.83 17.74
C PRO C 380 21.79 -52.29 16.66
N LYS C 381 22.27 -52.11 15.44
CA LYS C 381 21.33 -51.69 14.38
C LYS C 381 21.35 -50.16 14.21
N TYR C 382 21.30 -49.42 15.32
CA TYR C 382 21.45 -47.96 15.19
C TYR C 382 22.17 -47.26 16.32
N ASP C 383 23.30 -46.64 15.94
CA ASP C 383 23.90 -45.64 16.83
C ASP C 383 23.18 -44.34 16.57
N CYS C 384 22.97 -43.65 17.66
CA CYS C 384 21.72 -43.03 17.91
C CYS C 384 22.04 -41.68 18.50
N LYS C 385 21.74 -40.62 17.80
CA LYS C 385 22.23 -39.30 18.20
C LYS C 385 21.61 -38.82 19.52
N ILE C 386 22.48 -38.34 20.40
CA ILE C 386 22.28 -38.17 21.85
C ILE C 386 23.14 -37.01 22.36
N MET C 387 22.79 -36.33 23.43
CA MET C 387 23.85 -35.60 24.13
C MET C 387 23.99 -35.93 25.62
N THR C 388 25.14 -35.58 26.18
CA THR C 388 25.57 -36.14 27.46
C THR C 388 25.66 -35.13 28.58
N SER C 389 25.18 -35.50 29.76
CA SER C 389 25.48 -34.74 30.96
C SER C 389 25.89 -35.58 32.14
N LYS C 390 26.91 -35.13 32.82
CA LYS C 390 27.32 -35.76 34.05
C LYS C 390 26.28 -35.46 35.15
N THR C 391 25.67 -34.27 35.07
CA THR C 391 24.81 -33.71 36.12
C THR C 391 23.32 -33.71 35.80
N ASP C 392 22.49 -33.94 36.82
CA ASP C 392 21.03 -33.85 36.73
C ASP C 392 20.66 -32.53 36.12
N VAL C 393 19.83 -32.60 35.11
CA VAL C 393 19.26 -31.44 34.47
C VAL C 393 17.77 -31.69 34.45
N SER C 394 16.98 -30.71 34.84
CA SER C 394 15.54 -30.89 34.83
C SER C 394 14.98 -29.87 33.85
N SER C 395 14.00 -30.26 33.02
CA SER C 395 13.15 -29.27 32.35
C SER C 395 11.89 -29.84 31.66
N SER C 396 11.24 -29.01 30.86
CA SER C 396 10.03 -29.43 30.17
C SER C 396 10.00 -29.04 28.68
N VAL C 397 9.25 -29.83 27.90
CA VAL C 397 9.21 -29.74 26.43
C VAL C 397 7.79 -29.89 25.93
N ILE C 398 7.29 -28.90 25.21
CA ILE C 398 5.91 -28.95 24.79
C ILE C 398 5.72 -29.59 23.45
N THR C 399 4.78 -30.52 23.41
CA THR C 399 4.53 -31.28 22.21
C THR C 399 3.25 -30.87 21.53
N SER C 400 3.03 -31.48 20.36
CA SER C 400 1.88 -31.17 19.53
C SER C 400 0.59 -31.33 20.29
N LEU C 401 0.58 -32.31 21.17
CA LEU C 401 -0.66 -32.84 21.70
C LEU C 401 -0.67 -33.02 23.22
N GLY C 402 0.43 -32.59 23.84
CA GLY C 402 0.59 -32.54 25.30
C GLY C 402 1.93 -31.92 25.64
N ALA C 403 2.57 -32.45 26.67
CA ALA C 403 3.88 -31.97 27.08
C ALA C 403 4.68 -33.04 27.79
N ILE C 404 6.00 -32.95 27.71
CA ILE C 404 6.91 -33.80 28.49
C ILE C 404 7.53 -33.01 29.61
N VAL C 405 7.86 -33.69 30.69
CA VAL C 405 8.49 -33.04 31.81
C VAL C 405 9.49 -33.98 32.47
N SER C 406 10.72 -33.51 32.54
CA SER C 406 11.78 -34.25 33.16
C SER C 406 12.12 -33.57 34.49
N CYS C 407 11.64 -34.13 35.59
CA CYS C 407 11.86 -33.53 36.90
C CYS C 407 12.90 -34.32 37.64
N TYR C 408 14.07 -33.71 37.83
CA TYR C 408 15.22 -34.40 38.41
C TYR C 408 15.92 -33.63 39.53
N GLY C 409 16.70 -34.35 40.32
CA GLY C 409 17.40 -33.78 41.47
C GLY C 409 16.45 -33.10 42.42
N LYS C 410 16.78 -31.88 42.80
CA LYS C 410 16.05 -31.14 43.79
C LYS C 410 14.80 -30.44 43.26
N THR C 411 14.58 -30.46 41.95
CA THR C 411 13.58 -29.56 41.37
C THR C 411 12.13 -30.03 41.56
N LYS C 412 11.21 -29.07 41.67
CA LYS C 412 9.79 -29.33 41.87
C LYS C 412 9.00 -29.10 40.60
N CYS C 413 8.13 -30.05 40.24
CA CYS C 413 7.34 -29.92 39.02
C CYS C 413 5.85 -30.21 39.21
N THR C 414 5.02 -29.51 38.46
CA THR C 414 3.62 -29.37 38.75
C THR C 414 2.84 -29.29 37.47
N ALA C 415 1.82 -30.12 37.33
CA ALA C 415 0.87 -29.90 36.26
C ALA C 415 -0.42 -29.32 36.82
N SER C 416 -0.87 -28.19 36.28
CA SER C 416 -2.12 -27.57 36.72
C SER C 416 -3.14 -27.58 35.60
N ASN C 417 -4.42 -27.64 35.94
CA ASN C 417 -5.48 -27.76 34.95
C ASN C 417 -5.89 -26.41 34.43
N LYS C 418 -6.95 -26.46 33.60
CA LYS C 418 -7.63 -25.29 33.01
C LYS C 418 -7.62 -24.02 33.89
N ASN C 419 -8.16 -24.20 35.10
CA ASN C 419 -8.35 -23.13 36.11
C ASN C 419 -7.17 -22.92 37.07
N ARG C 420 -6.10 -23.72 36.90
CA ARG C 420 -4.87 -23.60 37.71
C ARG C 420 -4.83 -24.48 38.99
N GLY C 421 -5.97 -25.06 39.41
CA GLY C 421 -5.96 -26.15 40.39
C GLY C 421 -4.90 -27.19 40.00
N ILE C 422 -3.99 -27.53 40.90
CA ILE C 422 -2.87 -28.41 40.58
C ILE C 422 -3.31 -29.88 40.53
N ILE C 423 -3.10 -30.59 39.41
CA ILE C 423 -3.52 -32.01 39.37
C ILE C 423 -2.44 -33.03 39.73
N LYS C 424 -1.29 -32.92 39.09
CA LYS C 424 -0.23 -33.88 39.28
C LYS C 424 0.94 -33.16 39.93
N THR C 425 1.81 -33.94 40.56
CA THR C 425 3.04 -33.40 41.09
C THR C 425 4.12 -34.47 40.94
N PHE C 426 5.34 -34.07 40.60
CA PHE C 426 6.20 -34.95 39.81
C PHE C 426 7.29 -35.74 40.43
N SER C 427 7.13 -37.05 40.27
CA SER C 427 7.93 -38.02 40.97
C SER C 427 9.29 -38.21 40.31
N ASN C 428 10.17 -37.21 40.46
CA ASN C 428 11.61 -37.36 40.23
C ASN C 428 11.99 -38.28 39.04
N GLY C 429 11.27 -38.11 37.95
CA GLY C 429 11.50 -38.92 36.75
C GLY C 429 11.20 -38.18 35.46
N CYS C 430 10.54 -38.85 34.52
CA CYS C 430 10.19 -38.22 33.26
C CYS C 430 8.82 -38.72 32.75
N ASP C 431 7.83 -37.82 32.72
CA ASP C 431 6.43 -38.17 32.41
C ASP C 431 5.89 -37.35 31.24
N TYR C 432 4.71 -37.72 30.75
CA TYR C 432 4.01 -37.03 29.68
C TYR C 432 2.65 -36.60 30.20
N VAL C 433 2.07 -35.54 29.67
CA VAL C 433 0.67 -35.18 30.01
C VAL C 433 -0.04 -34.74 28.74
N SER C 434 -1.34 -34.47 28.77
CA SER C 434 -2.04 -34.01 27.56
C SER C 434 -3.10 -32.91 27.73
N ASN C 435 -3.53 -32.29 26.62
CA ASN C 435 -4.56 -31.24 26.64
C ASN C 435 -5.94 -31.78 26.99
N LYS C 436 -6.74 -30.90 27.58
CA LYS C 436 -7.69 -31.27 28.64
C LYS C 436 -7.00 -32.25 29.57
N GLY C 437 -7.24 -32.08 30.86
CA GLY C 437 -6.29 -32.51 31.87
C GLY C 437 -5.44 -31.27 32.02
N VAL C 438 -4.30 -31.25 31.31
CA VAL C 438 -3.24 -30.28 31.61
C VAL C 438 -3.24 -29.03 30.74
N ASP C 439 -2.97 -27.91 31.39
CA ASP C 439 -2.99 -26.61 30.78
C ASP C 439 -1.65 -25.93 31.00
N THR C 440 -0.98 -26.35 32.07
CA THR C 440 0.20 -25.68 32.59
C THR C 440 1.10 -26.71 33.22
N VAL C 441 2.39 -26.61 32.96
CA VAL C 441 3.33 -27.27 33.85
C VAL C 441 4.32 -26.24 34.33
N SER C 442 4.75 -26.35 35.57
CA SER C 442 5.80 -25.51 36.08
C SER C 442 6.96 -26.37 36.47
N VAL C 443 8.15 -25.93 36.11
CA VAL C 443 9.37 -26.55 36.55
C VAL C 443 10.10 -25.46 37.32
N GLY C 444 10.30 -25.71 38.61
CA GLY C 444 10.85 -24.72 39.50
C GLY C 444 10.08 -23.44 39.29
N ASN C 445 10.78 -22.40 38.88
CA ASN C 445 10.15 -21.11 38.72
C ASN C 445 9.71 -20.77 37.32
N THR C 446 10.13 -21.59 36.38
CA THR C 446 9.77 -21.43 34.98
C THR C 446 8.41 -22.05 34.79
N LEU C 447 7.54 -21.36 34.09
CA LEU C 447 6.22 -21.86 33.81
C LEU C 447 6.04 -22.16 32.33
N TYR C 448 5.58 -23.36 32.00
CA TYR C 448 5.33 -23.72 30.60
C TYR C 448 3.83 -23.84 30.35
N TYR C 449 3.37 -23.39 29.18
CA TYR C 449 1.95 -23.43 28.87
C TYR C 449 1.60 -24.48 27.82
N VAL C 450 0.89 -25.53 28.23
CA VAL C 450 0.61 -26.64 27.32
C VAL C 450 -0.45 -26.29 26.28
N ASN C 451 -1.32 -25.35 26.62
CA ASN C 451 -2.30 -24.83 25.68
C ASN C 451 -2.16 -23.34 25.46
N LYS C 452 -2.74 -22.82 24.39
CA LYS C 452 -2.60 -21.41 24.16
C LYS C 452 -3.61 -20.75 25.03
N GLN C 453 -3.25 -19.63 25.64
CA GLN C 453 -4.19 -18.94 26.52
C GLN C 453 -5.04 -17.97 25.75
N GLU C 454 -6.34 -18.26 25.72
CA GLU C 454 -7.35 -17.39 25.12
C GLU C 454 -7.52 -16.16 25.98
N GLY C 455 -7.83 -15.05 25.34
CA GLY C 455 -8.09 -13.84 26.08
C GLY C 455 -8.73 -12.81 25.22
N LYS C 456 -9.62 -12.05 25.85
CA LYS C 456 -10.09 -10.75 25.37
C LYS C 456 -10.15 -10.59 23.85
N SER C 457 -11.36 -10.67 23.31
CA SER C 457 -11.58 -10.26 21.93
C SER C 457 -11.56 -8.76 21.89
N LEU C 458 -11.01 -8.23 20.82
CA LEU C 458 -11.04 -6.82 20.62
C LEU C 458 -11.90 -6.60 19.42
N TYR C 459 -12.66 -5.52 19.47
CA TYR C 459 -13.63 -5.28 18.43
C TYR C 459 -13.54 -3.84 17.91
N VAL C 460 -13.57 -3.66 16.60
CA VAL C 460 -13.51 -2.32 16.08
C VAL C 460 -14.61 -2.03 15.08
N LYS C 461 -15.54 -1.20 15.55
CA LYS C 461 -16.79 -0.90 14.86
C LYS C 461 -16.55 0.13 13.73
N GLY C 462 -17.37 0.05 12.69
CA GLY C 462 -17.46 1.07 11.65
C GLY C 462 -18.92 1.46 11.49
N GLU C 463 -19.17 2.73 11.18
CA GLU C 463 -20.52 3.19 10.77
C GLU C 463 -20.64 3.04 9.21
N PRO C 464 -21.77 3.45 8.59
CA PRO C 464 -21.72 3.52 7.12
C PRO C 464 -21.67 4.96 6.56
N ILE C 465 -21.26 5.07 5.31
CA ILE C 465 -20.76 6.34 4.78
C ILE C 465 -21.63 6.90 3.63
N ILE C 466 -21.79 8.23 3.67
CA ILE C 466 -22.91 8.95 3.03
C ILE C 466 -22.69 9.65 1.66
N ASN C 467 -23.30 9.12 0.60
CA ASN C 467 -23.28 9.78 -0.74
C ASN C 467 -24.41 10.81 -0.94
N PHE C 468 -24.04 12.05 -0.68
CA PHE C 468 -24.81 13.10 -0.01
C PHE C 468 -25.26 14.24 -0.93
N TYR C 469 -25.68 13.93 -2.16
CA TYR C 469 -25.76 14.96 -3.23
C TYR C 469 -27.14 15.66 -3.46
N ASP C 470 -27.06 16.96 -3.74
CA ASP C 470 -28.27 17.77 -3.83
C ASP C 470 -28.42 18.65 -5.08
N PRO C 471 -29.31 18.27 -6.00
CA PRO C 471 -29.30 18.87 -7.31
C PRO C 471 -29.77 20.28 -7.24
N LEU C 472 -29.32 21.09 -8.20
CA LEU C 472 -29.81 22.44 -8.39
C LEU C 472 -30.96 22.40 -9.38
N VAL C 473 -32.05 23.09 -9.07
CA VAL C 473 -33.14 23.09 -10.03
C VAL C 473 -33.85 24.43 -10.27
N PHE C 474 -34.21 24.66 -11.53
CA PHE C 474 -34.68 25.97 -11.91
C PHE C 474 -36.19 26.08 -12.12
N PRO C 475 -36.81 27.17 -11.58
CA PRO C 475 -38.24 27.49 -11.71
C PRO C 475 -38.77 27.62 -13.14
N SER C 476 -38.16 26.93 -14.08
CA SER C 476 -38.42 27.08 -15.52
C SER C 476 -39.83 27.41 -15.87
N ASP C 477 -40.76 26.58 -15.42
CA ASP C 477 -42.13 26.81 -15.79
C ASP C 477 -42.66 28.19 -15.37
N GLU C 478 -42.51 28.51 -14.09
CA GLU C 478 -42.98 29.76 -13.54
C GLU C 478 -42.38 30.98 -14.26
N PHE C 479 -41.13 30.85 -14.67
CA PHE C 479 -40.46 31.89 -15.43
C PHE C 479 -41.08 32.03 -16.82
N ASP C 480 -41.11 30.94 -17.59
CA ASP C 480 -41.71 30.94 -18.93
C ASP C 480 -43.12 31.51 -18.96
N ALA C 481 -43.78 31.43 -17.81
CA ALA C 481 -45.12 31.95 -17.58
C ALA C 481 -45.10 33.47 -17.65
N SER C 482 -44.21 34.06 -16.84
CA SER C 482 -43.99 35.50 -16.84
C SER C 482 -43.75 36.04 -18.23
N ILE C 483 -42.90 35.34 -18.98
CA ILE C 483 -42.53 35.82 -20.29
C ILE C 483 -43.62 35.64 -21.33
N SER C 484 -44.16 34.43 -21.46
CA SER C 484 -45.31 34.23 -22.34
C SER C 484 -46.35 35.30 -22.00
N GLN C 485 -46.15 35.96 -20.86
CA GLN C 485 -47.05 36.98 -20.34
C GLN C 485 -46.56 38.41 -20.58
N VAL C 486 -45.25 38.60 -20.73
CA VAL C 486 -44.75 39.88 -21.19
C VAL C 486 -45.24 40.10 -22.62
N ASN C 487 -45.32 39.02 -23.37
CA ASN C 487 -45.82 39.11 -24.72
C ASN C 487 -47.31 39.43 -24.79
N GLU C 488 -48.06 39.03 -23.74
CA GLU C 488 -49.41 39.53 -23.53
C GLU C 488 -49.35 40.99 -23.82
N LYS C 489 -48.48 41.70 -23.10
CA LYS C 489 -48.44 43.15 -23.12
C LYS C 489 -48.01 43.75 -24.43
N ILE C 490 -46.97 43.22 -25.02
CA ILE C 490 -46.56 43.73 -26.32
C ILE C 490 -47.71 43.47 -27.30
N ASN C 491 -48.09 42.19 -27.46
CA ASN C 491 -49.22 41.80 -28.31
C ASN C 491 -50.39 42.78 -28.11
N GLN C 492 -50.60 43.18 -26.86
CA GLN C 492 -51.67 44.07 -26.45
C GLN C 492 -51.44 45.48 -26.96
N SER C 493 -50.17 45.90 -26.85
CA SER C 493 -49.72 47.26 -27.11
C SER C 493 -49.79 47.55 -28.59
N LEU C 494 -49.25 46.65 -29.39
CA LEU C 494 -49.33 46.76 -30.83
C LEU C 494 -50.74 46.95 -31.32
N ALA C 495 -51.66 46.15 -30.76
CA ALA C 495 -53.09 46.20 -31.07
C ALA C 495 -53.72 47.55 -30.73
N PHE C 496 -53.26 48.17 -29.65
CA PHE C 496 -53.69 49.51 -29.32
C PHE C 496 -53.26 50.53 -30.37
N ILE C 497 -52.04 50.41 -30.87
CA ILE C 497 -51.53 51.29 -31.92
C ILE C 497 -52.26 51.05 -33.24
N ARG C 498 -52.30 49.78 -33.66
CA ARG C 498 -53.15 49.36 -34.78
C ARG C 498 -54.46 50.18 -34.86
N LYS C 499 -55.18 50.22 -33.74
CA LYS C 499 -56.45 50.93 -33.59
C LYS C 499 -56.28 52.44 -33.72
N SER C 500 -55.20 52.95 -33.15
CA SER C 500 -54.88 54.37 -33.26
C SER C 500 -54.65 54.78 -34.70
N ASP C 501 -53.84 54.01 -35.41
CA ASP C 501 -53.53 54.30 -36.80
C ASP C 501 -54.75 54.32 -37.70
N GLU C 502 -55.59 53.30 -37.59
CA GLU C 502 -56.84 53.27 -38.37
C GLU C 502 -57.55 54.61 -38.27
N LEU C 503 -57.71 55.09 -37.05
CA LEU C 503 -58.40 56.33 -36.83
C LEU C 503 -57.75 57.48 -37.59
N LEU C 504 -56.46 57.37 -37.86
CA LEU C 504 -55.74 58.48 -38.48
C LEU C 504 -55.71 58.44 -39.98
N HIS C 505 -55.69 57.23 -40.54
CA HIS C 505 -55.88 57.07 -41.98
C HIS C 505 -57.36 57.30 -42.36
N ASN C 506 -58.10 57.83 -41.40
CA ASN C 506 -59.46 58.30 -41.63
C ASN C 506 -59.53 59.82 -41.46
N VAL C 507 -58.35 60.47 -41.52
CA VAL C 507 -58.22 61.93 -41.31
C VAL C 507 -57.47 62.60 -42.48
N ASN C 508 -58.08 63.61 -43.09
CA ASN C 508 -57.60 64.17 -44.36
C ASN C 508 -58.33 65.45 -44.78
#